data_6ZH0
#
_entry.id   6ZH0
#
_cell.length_a   73.529
_cell.length_b   115.004
_cell.length_c   120.849
_cell.angle_alpha   90.000
_cell.angle_beta   100.650
_cell.angle_gamma   90.000
#
_symmetry.space_group_name_H-M   'P 1 21 1'
#
loop_
_entity.id
_entity.type
_entity.pdbx_description
1 polymer Galactokinase
2 non-polymer beta-D-galactopyranose
3 non-polymer "2-(1,3-benzoxazol-2-ylamino)spiro[1,6,7,8-tetrahydroquinazoline-4,1'-cyclohexane]-5-one"
4 non-polymer N-(3-chlorophenyl)-2,2,2-trifluoroacetamide
5 water water
#
_entity_poly.entity_id   1
_entity_poly.type   'polypeptide(L)'
_entity_poly.pdbx_seq_one_letter_code
;MAHHHHHHAALRQPQVAELLAEARRAFREEFGAEPELAVSAPGRVNLIGEHTDYNQGLVLPMALELMTVLVGSPRKDGLV
SLLTTSEGADEPQRLQFPLPTAQRSLEPGTPRWANYVKGVIQYYPAAPLPGFSAVVVSSVPLGGGLSSSASLEVATYTFL
QQLCPDSGTIAARAQVCQQAEHSFAGMPCGIMDQFISLMGQKGHALLIDCRSLETSLVPLSDPKLAVLITNSNVRHSLAS
SEYPVRRRQCEEVARALGAASLREVQLEELEAARDLVSKEGFRRARHVVGEIRRTAQAAAALRRGDYRAFGRLMVESHRS
LRDDYEVSCPELDQLVEAALAVPGVYGSRMTGGGFGGCTVTLLEASAAPHAMRHIQEHYGGTATFYLSQAADGAKVLCL
;
_entity_poly.pdbx_strand_id   A,B,E,D
#
loop_
_chem_comp.id
_chem_comp.type
_chem_comp.name
_chem_comp.formula
GAL D-saccharide, beta linking beta-D-galactopyranose 'C6 H12 O6'
HFK non-polymer 2-(1,3-benzoxazol-2-ylamino)spiro[1,6,7,8-tetrahydroquinazoline-4,1'-cyclohexane]-5-one 'C20 H22 N4 O2'
WNP non-polymer N-(3-chlorophenyl)-2,2,2-trifluoroacetamide 'C8 H5 Cl F3 N O'
#
# COMPACT_ATOMS: atom_id res chain seq x y z
N ALA A 9 -31.97 -34.71 14.70
CA ALA A 9 -32.78 -35.16 15.89
C ALA A 9 -31.91 -35.28 17.14
N ALA A 10 -30.58 -35.20 17.00
CA ALA A 10 -29.60 -35.09 18.12
C ALA A 10 -29.21 -33.62 18.32
N LEU A 11 -29.72 -32.73 17.47
CA LEU A 11 -29.37 -31.28 17.47
C LEU A 11 -30.24 -30.56 18.50
N ARG A 12 -29.64 -30.07 19.60
CA ARG A 12 -30.32 -29.17 20.57
C ARG A 12 -30.36 -27.76 19.97
N GLN A 13 -31.47 -27.46 19.29
CA GLN A 13 -31.91 -26.07 18.99
C GLN A 13 -31.80 -25.24 20.27
N PRO A 14 -31.12 -24.07 20.24
CA PRO A 14 -31.17 -23.16 21.39
C PRO A 14 -32.61 -22.63 21.48
N GLN A 15 -33.10 -22.34 22.68
CA GLN A 15 -34.44 -21.71 22.85
C GLN A 15 -34.30 -20.61 23.90
N VAL A 16 -33.89 -19.41 23.51
CA VAL A 16 -33.40 -18.38 24.48
C VAL A 16 -34.59 -17.60 25.05
N ALA A 17 -35.67 -17.44 24.28
CA ALA A 17 -36.94 -16.83 24.75
C ALA A 17 -37.60 -17.76 25.79
N GLU A 18 -37.51 -19.06 25.55
CA GLU A 18 -38.00 -20.14 26.44
C GLU A 18 -37.12 -20.17 27.70
N LEU A 19 -35.79 -20.04 27.56
CA LEU A 19 -34.84 -20.00 28.70
C LEU A 19 -35.24 -18.87 29.67
N LEU A 20 -35.50 -17.67 29.16
CA LEU A 20 -35.90 -16.49 29.98
C LEU A 20 -37.31 -16.71 30.56
N ALA A 21 -38.20 -17.31 29.80
CA ALA A 21 -39.59 -17.59 30.21
C ALA A 21 -39.51 -18.53 31.43
N GLU A 22 -39.04 -19.77 31.24
CA GLU A 22 -38.69 -20.72 32.32
C GLU A 22 -38.19 -19.95 33.54
N ALA A 23 -37.20 -19.09 33.35
CA ALA A 23 -36.53 -18.36 34.46
C ALA A 23 -37.56 -17.50 35.19
N ARG A 24 -38.36 -16.71 34.46
CA ARG A 24 -39.37 -15.77 35.04
C ARG A 24 -40.42 -16.57 35.81
N ARG A 25 -41.00 -17.61 35.20
CA ARG A 25 -41.94 -18.58 35.81
C ARG A 25 -41.37 -19.00 37.18
N ALA A 26 -40.38 -19.89 37.20
CA ALA A 26 -39.72 -20.41 38.41
C ALA A 26 -39.54 -19.30 39.46
N PHE A 27 -39.27 -18.05 39.07
CA PHE A 27 -38.98 -16.95 40.03
C PHE A 27 -40.26 -16.55 40.79
N ARG A 28 -41.30 -16.16 40.06
CA ARG A 28 -42.61 -15.70 40.60
C ARG A 28 -43.22 -16.80 41.47
N GLU A 29 -43.09 -18.07 41.06
CA GLU A 29 -43.49 -19.26 41.83
C GLU A 29 -42.63 -19.38 43.10
N GLU A 30 -41.30 -19.20 43.03
CA GLU A 30 -40.37 -19.39 44.18
C GLU A 30 -40.54 -18.28 45.24
N PHE A 31 -40.62 -17.03 44.83
CA PHE A 31 -40.38 -15.85 45.70
C PHE A 31 -41.65 -14.98 45.92
N GLY A 32 -42.63 -15.14 44.97
CA GLY A 32 -43.99 -14.61 45.11
C GLY A 32 -44.21 -13.28 44.40
N ALA A 33 -43.23 -12.82 43.64
CA ALA A 33 -43.27 -11.53 42.92
C ALA A 33 -42.62 -11.71 41.53
N GLU A 34 -42.99 -10.86 40.57
CA GLU A 34 -42.27 -10.75 39.27
C GLU A 34 -40.86 -10.23 39.52
N PRO A 35 -39.82 -10.86 38.91
CA PRO A 35 -38.45 -10.39 39.02
C PRO A 35 -38.31 -9.03 38.33
N GLU A 36 -37.37 -8.21 38.81
CA GLU A 36 -37.16 -6.82 38.30
C GLU A 36 -36.22 -6.82 37.09
N LEU A 37 -35.40 -7.88 36.95
CA LEU A 37 -34.11 -7.87 36.23
C LEU A 37 -33.89 -9.21 35.51
N ALA A 38 -33.39 -9.15 34.25
CA ALA A 38 -32.81 -10.32 33.55
C ALA A 38 -31.40 -9.96 33.06
N VAL A 39 -30.42 -10.84 33.29
CA VAL A 39 -29.08 -10.80 32.61
C VAL A 39 -28.80 -12.14 31.91
N SER A 40 -27.98 -12.10 30.84
CA SER A 40 -27.37 -13.31 30.23
C SER A 40 -25.87 -13.12 30.04
N ALA A 41 -25.16 -14.21 30.23
CA ALA A 41 -23.77 -14.41 29.77
C ALA A 41 -23.74 -15.73 29.03
N PRO A 42 -23.09 -15.78 27.84
CA PRO A 42 -23.06 -16.97 26.98
C PRO A 42 -21.94 -17.97 27.51
N GLY A 43 -22.16 -19.25 26.98
CA GLY A 43 -21.06 -20.25 26.82
C GLY A 43 -20.14 -19.83 25.68
N ARG A 44 -19.03 -20.54 25.49
CA ARG A 44 -18.10 -20.23 24.38
C ARG A 44 -17.62 -21.52 23.70
N VAL A 45 -17.18 -21.36 22.44
CA VAL A 45 -16.39 -22.36 21.68
C VAL A 45 -15.08 -21.65 21.35
N ASN A 46 -13.91 -22.27 21.52
CA ASN A 46 -12.64 -21.59 21.11
C ASN A 46 -12.19 -22.16 19.76
N LEU A 47 -12.30 -21.35 18.71
CA LEU A 47 -12.13 -21.77 17.29
C LEU A 47 -10.65 -22.22 17.01
N ILE A 48 -9.71 -21.51 17.68
CA ILE A 48 -8.27 -21.86 17.72
C ILE A 48 -7.49 -20.83 18.65
N GLY A 49 -6.39 -21.52 19.28
CA GLY A 49 -5.60 -20.97 20.40
C GLY A 49 -5.92 -21.70 21.71
N GLU A 50 -5.61 -23.00 21.77
CA GLU A 50 -5.90 -23.84 22.96
C GLU A 50 -4.67 -23.90 23.86
N HIS A 51 -4.89 -23.82 25.16
CA HIS A 51 -3.82 -23.82 26.19
C HIS A 51 -2.76 -22.78 25.81
N THR A 52 -3.19 -21.60 25.36
CA THR A 52 -2.30 -20.43 25.10
C THR A 52 -2.53 -19.31 26.16
N ASP A 53 -3.79 -19.27 26.75
CA ASP A 53 -4.24 -18.02 27.43
C ASP A 53 -3.32 -17.69 28.63
N TYR A 54 -3.04 -18.78 29.44
CA TYR A 54 -2.19 -18.62 30.67
C TYR A 54 -0.69 -18.52 30.33
N ASN A 55 -0.28 -18.78 29.07
CA ASN A 55 1.09 -18.54 28.54
C ASN A 55 1.14 -17.16 27.86
N GLN A 56 0.32 -16.22 28.33
CA GLN A 56 0.12 -14.86 27.73
C GLN A 56 0.08 -14.93 26.21
N GLY A 57 -0.60 -15.92 25.63
CA GLY A 57 -0.72 -16.08 24.17
C GLY A 57 -2.04 -15.50 23.62
N LEU A 58 -2.28 -15.88 22.33
CA LEU A 58 -3.45 -15.45 21.52
C LEU A 58 -4.54 -16.55 21.58
N VAL A 59 -5.81 -16.11 21.56
CA VAL A 59 -7.00 -17.02 21.56
C VAL A 59 -8.09 -16.33 20.67
N LEU A 60 -8.81 -17.30 19.92
CA LEU A 60 -9.87 -16.89 18.95
C LEU A 60 -11.17 -17.60 19.33
N PRO A 61 -11.74 -17.32 20.52
CA PRO A 61 -13.09 -17.77 20.85
C PRO A 61 -14.18 -16.91 20.15
N MET A 62 -15.37 -17.55 19.98
CA MET A 62 -16.63 -16.79 19.81
C MET A 62 -17.69 -17.25 20.84
N ALA A 63 -18.58 -16.35 21.26
CA ALA A 63 -19.71 -16.60 22.19
C ALA A 63 -20.78 -17.45 21.51
N LEU A 64 -21.37 -18.40 22.23
CA LEU A 64 -22.48 -19.27 21.76
C LEU A 64 -23.84 -18.72 22.17
N GLU A 65 -24.90 -19.17 21.49
CA GLU A 65 -26.31 -18.84 21.83
C GLU A 65 -26.75 -19.64 23.06
N LEU A 66 -26.02 -20.70 23.39
CA LEU A 66 -26.12 -21.38 24.70
C LEU A 66 -25.68 -20.38 25.78
N MET A 67 -26.49 -20.20 26.83
CA MET A 67 -26.20 -19.19 27.88
C MET A 67 -26.74 -19.58 29.26
N THR A 68 -26.46 -18.67 30.20
CA THR A 68 -26.83 -18.71 31.61
C THR A 68 -27.48 -17.36 31.93
N VAL A 69 -28.77 -17.42 32.26
CA VAL A 69 -29.64 -16.27 32.62
C VAL A 69 -29.81 -16.22 34.16
N LEU A 70 -29.50 -15.06 34.76
CA LEU A 70 -30.13 -14.66 36.03
C LEU A 70 -31.28 -13.73 35.74
N VAL A 71 -32.27 -13.91 36.61
CA VAL A 71 -33.57 -13.22 36.73
C VAL A 71 -33.74 -13.10 38.26
N GLY A 72 -34.12 -11.93 38.75
CA GLY A 72 -33.95 -11.60 40.17
C GLY A 72 -34.10 -10.09 40.40
N SER A 73 -34.17 -9.83 41.78
CA SER A 73 -34.55 -8.49 42.30
C SER A 73 -33.71 -8.23 43.53
N PRO A 74 -33.42 -6.93 43.84
CA PRO A 74 -32.70 -6.58 45.06
C PRO A 74 -33.53 -6.89 46.31
N ARG A 75 -32.85 -7.16 47.45
CA ARG A 75 -33.46 -7.40 48.80
C ARG A 75 -32.97 -6.35 49.82
N LYS A 76 -33.83 -6.06 50.82
CA LYS A 76 -33.56 -5.03 51.86
C LYS A 76 -32.80 -5.67 53.07
N ASP A 77 -32.74 -7.05 53.09
CA ASP A 77 -32.32 -7.84 54.30
C ASP A 77 -30.88 -8.32 54.15
N GLY A 78 -30.17 -7.85 53.13
CA GLY A 78 -28.70 -7.99 53.07
C GLY A 78 -28.18 -9.46 52.73
N LEU A 79 -29.32 -10.37 52.52
CA LEU A 79 -29.01 -11.80 52.29
C LEU A 79 -29.27 -12.17 50.82
N VAL A 80 -28.62 -13.26 50.38
CA VAL A 80 -28.77 -13.82 49.01
C VAL A 80 -29.53 -15.15 49.13
N SER A 81 -30.55 -15.25 48.14
CA SER A 81 -31.47 -16.41 47.89
C SER A 81 -31.43 -16.81 46.37
N LEU A 82 -30.83 -18.02 46.18
CA LEU A 82 -30.57 -18.61 44.85
C LEU A 82 -31.45 -19.84 44.71
N LEU A 83 -32.16 -19.93 43.59
CA LEU A 83 -32.78 -21.19 43.11
C LEU A 83 -32.22 -21.45 41.72
N THR A 84 -31.67 -22.64 41.47
CA THR A 84 -31.26 -23.09 40.12
C THR A 84 -32.29 -24.11 39.65
N THR A 85 -32.56 -24.13 38.34
CA THR A 85 -33.36 -25.19 37.67
C THR A 85 -32.50 -25.96 36.67
N SER A 86 -31.21 -25.65 36.56
CA SER A 86 -30.27 -26.35 35.62
C SER A 86 -30.38 -27.85 35.86
N GLU A 87 -30.55 -28.65 34.80
CA GLU A 87 -30.85 -30.11 34.87
C GLU A 87 -29.83 -30.81 35.79
N GLY A 88 -28.54 -30.61 35.54
CA GLY A 88 -27.44 -31.44 36.10
C GLY A 88 -26.75 -30.85 37.34
N ALA A 89 -27.25 -29.71 37.83
CA ALA A 89 -26.84 -29.08 39.11
C ALA A 89 -26.89 -30.12 40.25
N ASP A 90 -25.93 -30.08 41.19
CA ASP A 90 -25.88 -31.00 42.35
C ASP A 90 -26.71 -30.42 43.50
N GLU A 91 -27.41 -31.29 44.22
CA GLU A 91 -28.38 -30.95 45.30
C GLU A 91 -27.64 -30.17 46.37
N PRO A 92 -28.29 -29.21 47.08
CA PRO A 92 -29.64 -28.75 46.75
C PRO A 92 -29.69 -27.68 45.63
N GLN A 93 -30.79 -27.69 44.86
CA GLN A 93 -31.20 -26.64 43.91
C GLN A 93 -31.31 -25.26 44.58
N ARG A 94 -31.45 -25.17 45.91
CA ARG A 94 -31.56 -23.86 46.63
C ARG A 94 -30.58 -23.79 47.91
N LEU A 95 -29.83 -22.56 47.76
CA LEU A 95 -28.94 -22.06 48.84
C LEU A 95 -29.25 -20.58 49.11
N GLN A 96 -29.33 -20.21 50.40
CA GLN A 96 -29.28 -18.79 50.84
C GLN A 96 -28.03 -18.66 51.73
N PHE A 97 -27.58 -17.22 51.74
CA PHE A 97 -26.38 -16.93 52.56
C PHE A 97 -26.29 -15.40 52.65
N PRO A 98 -25.87 -14.91 53.89
CA PRO A 98 -25.62 -13.47 54.10
C PRO A 98 -24.49 -13.04 53.14
N LEU A 99 -24.58 -11.79 52.67
CA LEU A 99 -23.46 -11.11 51.99
C LEU A 99 -22.27 -11.20 52.93
N PRO A 100 -21.04 -11.24 52.37
CA PRO A 100 -19.84 -11.14 53.18
C PRO A 100 -19.73 -9.71 53.82
N THR A 101 -18.74 -9.69 54.76
CA THR A 101 -18.39 -8.51 55.58
C THR A 101 -16.86 -8.49 55.75
N ALA A 102 -16.36 -7.52 56.51
CA ALA A 102 -14.99 -7.53 57.06
C ALA A 102 -14.87 -8.78 57.94
N GLN A 103 -15.77 -8.87 58.93
CA GLN A 103 -16.00 -10.04 59.82
C GLN A 103 -16.01 -11.33 58.97
N ARG A 104 -17.17 -11.76 58.48
CA ARG A 104 -17.32 -13.07 57.78
C ARG A 104 -17.20 -12.85 56.27
N SER A 105 -16.47 -13.76 55.59
CA SER A 105 -16.41 -13.89 54.11
C SER A 105 -17.07 -15.21 53.70
N LEU A 106 -17.62 -15.27 52.48
CA LEU A 106 -18.18 -16.52 51.90
C LEU A 106 -17.07 -17.57 51.81
N GLU A 107 -17.46 -18.85 51.90
CA GLU A 107 -16.59 -20.05 51.85
C GLU A 107 -17.13 -20.89 50.70
N PRO A 108 -16.29 -21.51 49.84
CA PRO A 108 -16.80 -22.47 48.87
C PRO A 108 -17.35 -23.67 49.65
N GLY A 109 -18.26 -24.45 49.05
CA GLY A 109 -18.60 -25.81 49.50
C GLY A 109 -19.73 -26.43 48.70
N THR A 110 -20.85 -26.72 49.35
CA THR A 110 -21.99 -27.53 48.84
C THR A 110 -23.20 -26.59 48.77
N PRO A 111 -24.00 -26.61 47.68
CA PRO A 111 -23.61 -27.24 46.41
C PRO A 111 -22.54 -26.40 45.69
N ARG A 112 -21.81 -27.01 44.72
CA ARG A 112 -20.68 -26.43 43.93
C ARG A 112 -21.16 -25.35 42.94
N TRP A 113 -22.32 -25.59 42.29
CA TRP A 113 -22.88 -24.61 41.32
C TRP A 113 -22.94 -23.23 41.99
N ALA A 114 -23.22 -23.19 43.30
CA ALA A 114 -23.44 -21.97 44.12
C ALA A 114 -22.08 -21.23 44.45
N ASN A 115 -20.97 -21.98 44.26
CA ASN A 115 -19.57 -21.50 44.56
C ASN A 115 -19.15 -20.42 43.55
N TYR A 116 -19.61 -20.52 42.31
CA TYR A 116 -19.24 -19.55 41.25
C TYR A 116 -19.88 -18.20 41.58
N VAL A 117 -21.13 -18.23 42.04
CA VAL A 117 -21.93 -17.01 42.36
C VAL A 117 -21.30 -16.37 43.60
N LYS A 118 -21.18 -17.22 44.65
CA LYS A 118 -20.43 -16.88 45.89
C LYS A 118 -19.09 -16.20 45.53
N GLY A 119 -18.27 -16.90 44.73
CA GLY A 119 -16.96 -16.39 44.27
C GLY A 119 -17.09 -14.94 43.84
N VAL A 120 -17.88 -14.74 42.76
CA VAL A 120 -18.05 -13.38 42.16
C VAL A 120 -18.49 -12.38 43.24
N ILE A 121 -19.44 -12.71 44.12
CA ILE A 121 -19.95 -11.77 45.17
C ILE A 121 -18.76 -11.35 46.10
N GLN A 122 -17.98 -12.38 46.51
CA GLN A 122 -16.82 -12.28 47.44
C GLN A 122 -15.74 -11.34 46.89
N TYR A 123 -15.53 -11.32 45.57
CA TYR A 123 -14.48 -10.48 44.91
C TYR A 123 -15.10 -9.29 44.18
N TYR A 124 -16.43 -9.08 44.25
CA TYR A 124 -17.09 -7.95 43.54
C TYR A 124 -16.47 -6.65 44.02
N PRO A 125 -15.88 -5.82 43.13
CA PRO A 125 -15.07 -4.70 43.57
C PRO A 125 -15.82 -3.44 44.04
N ALA A 126 -17.15 -3.39 43.98
CA ALA A 126 -17.97 -2.20 44.32
C ALA A 126 -18.88 -2.43 45.55
N ALA A 127 -19.38 -1.32 46.09
CA ALA A 127 -20.15 -1.22 47.35
C ALA A 127 -21.04 0.02 47.26
N PRO A 128 -22.20 0.05 47.95
CA PRO A 128 -22.64 -1.04 48.82
C PRO A 128 -23.44 -2.00 47.81
N LEU A 129 -23.06 -3.33 48.05
CA LEU A 129 -23.73 -4.50 47.40
C LEU A 129 -24.93 -4.94 48.23
N PRO A 130 -26.19 -4.72 47.76
CA PRO A 130 -27.37 -5.12 48.49
C PRO A 130 -27.63 -6.62 48.22
N GLY A 131 -28.32 -7.30 49.14
CA GLY A 131 -28.86 -8.66 48.93
C GLY A 131 -29.98 -8.73 47.84
N PHE A 132 -30.10 -9.95 47.28
CA PHE A 132 -30.86 -10.26 46.03
C PHE A 132 -31.62 -11.63 46.37
N SER A 133 -32.56 -11.85 45.39
CA SER A 133 -33.20 -13.16 45.03
C SER A 133 -32.96 -13.35 43.51
N ALA A 134 -32.60 -14.57 43.12
CA ALA A 134 -32.34 -14.96 41.71
C ALA A 134 -32.67 -16.44 41.47
N VAL A 135 -33.40 -16.67 40.33
CA VAL A 135 -33.38 -17.98 39.62
C VAL A 135 -32.17 -18.00 38.65
N VAL A 136 -31.38 -19.05 38.72
CA VAL A 136 -30.25 -19.32 37.79
C VAL A 136 -30.70 -20.41 36.81
N VAL A 137 -30.51 -20.20 35.50
CA VAL A 137 -30.75 -21.22 34.44
C VAL A 137 -29.60 -21.21 33.40
N SER A 138 -29.49 -22.29 32.62
CA SER A 138 -28.37 -22.51 31.69
C SER A 138 -28.74 -23.53 30.61
N SER A 139 -28.49 -23.19 29.34
CA SER A 139 -28.54 -24.09 28.15
C SER A 139 -27.12 -24.52 27.76
N VAL A 140 -26.11 -23.99 28.47
CA VAL A 140 -24.69 -24.44 28.41
C VAL A 140 -24.60 -25.80 29.11
N PRO A 141 -24.24 -26.88 28.37
CA PRO A 141 -24.19 -28.23 28.96
C PRO A 141 -23.08 -28.27 30.01
N LEU A 142 -23.40 -28.75 31.22
CA LEU A 142 -22.52 -28.61 32.42
C LEU A 142 -21.36 -29.61 32.31
N GLY A 143 -20.14 -29.10 32.50
CA GLY A 143 -18.86 -29.79 32.26
C GLY A 143 -18.72 -30.32 30.84
N GLY A 144 -19.31 -29.65 29.84
CA GLY A 144 -19.32 -30.09 28.44
C GLY A 144 -18.30 -29.37 27.55
N GLY A 145 -17.44 -28.52 28.14
CA GLY A 145 -16.28 -27.90 27.47
C GLY A 145 -16.58 -26.53 26.86
N LEU A 146 -17.81 -26.04 26.99
CA LEU A 146 -18.31 -24.77 26.40
C LEU A 146 -18.43 -23.66 27.47
N SER A 147 -17.64 -23.79 28.57
CA SER A 147 -17.47 -22.75 29.62
C SER A 147 -18.78 -22.45 30.42
N SER A 148 -19.55 -23.45 30.84
CA SER A 148 -20.74 -23.18 31.71
C SER A 148 -20.34 -22.26 32.88
N SER A 149 -19.18 -22.51 33.50
CA SER A 149 -18.68 -21.82 34.72
C SER A 149 -18.44 -20.33 34.44
N ALA A 150 -17.95 -19.97 33.27
CA ALA A 150 -17.61 -18.57 32.91
C ALA A 150 -18.94 -17.77 32.60
N SER A 151 -19.91 -18.52 31.96
CA SER A 151 -21.27 -17.96 31.67
C SER A 151 -21.95 -17.63 33.01
N LEU A 152 -21.84 -18.51 34.01
CA LEU A 152 -22.51 -18.30 35.33
C LEU A 152 -21.76 -17.19 36.07
N GLU A 153 -20.42 -17.20 36.05
CA GLU A 153 -19.62 -16.16 36.75
C GLU A 153 -19.97 -14.77 36.21
N VAL A 154 -19.98 -14.65 34.87
CA VAL A 154 -20.11 -13.35 34.14
C VAL A 154 -21.59 -12.94 34.13
N ALA A 155 -22.50 -13.92 34.10
CA ALA A 155 -23.95 -13.71 34.41
C ALA A 155 -24.10 -13.14 35.85
N THR A 156 -23.42 -13.76 36.85
CA THR A 156 -23.49 -13.22 38.24
C THR A 156 -23.00 -11.78 38.19
N TYR A 157 -21.80 -11.57 37.64
CA TYR A 157 -21.09 -10.25 37.66
C TYR A 157 -22.08 -9.13 37.18
N THR A 158 -22.68 -9.48 35.97
CA THR A 158 -23.58 -8.58 35.19
C THR A 158 -24.78 -8.23 36.10
N PHE A 159 -25.45 -9.24 36.69
CA PHE A 159 -26.57 -9.03 37.67
C PHE A 159 -26.11 -8.12 38.87
N LEU A 160 -24.93 -8.40 39.45
CA LEU A 160 -24.34 -7.54 40.53
C LEU A 160 -24.17 -6.07 40.04
N GLN A 161 -23.77 -5.81 38.78
CA GLN A 161 -23.48 -4.41 38.32
C GLN A 161 -24.78 -3.57 38.32
N GLN A 162 -25.94 -4.24 38.14
CA GLN A 162 -27.26 -3.55 38.14
C GLN A 162 -27.61 -3.17 39.59
N LEU A 163 -27.20 -4.04 40.53
CA LEU A 163 -27.44 -3.83 41.99
C LEU A 163 -26.50 -2.72 42.48
N CYS A 164 -25.26 -2.73 41.97
CA CYS A 164 -24.18 -1.82 42.45
C CYS A 164 -23.14 -1.62 41.35
N PRO A 165 -23.39 -0.65 40.43
CA PRO A 165 -22.49 -0.38 39.31
C PRO A 165 -21.02 -0.27 39.74
N ASP A 166 -20.14 -0.94 38.99
CA ASP A 166 -18.66 -0.84 39.18
C ASP A 166 -18.16 0.33 38.31
N SER A 167 -17.12 1.04 38.75
CA SER A 167 -16.47 2.10 37.93
C SER A 167 -15.22 1.51 37.31
N GLY A 168 -15.32 0.35 36.66
CA GLY A 168 -14.11 -0.39 36.23
C GLY A 168 -14.11 -0.81 34.77
N THR A 169 -13.12 -1.68 34.47
CA THR A 169 -12.74 -2.13 33.12
C THR A 169 -13.17 -3.58 32.94
N ILE A 170 -13.29 -4.01 31.69
CA ILE A 170 -13.73 -5.37 31.27
C ILE A 170 -12.77 -6.40 31.88
N ALA A 171 -11.46 -6.17 31.69
CA ALA A 171 -10.34 -6.98 32.21
C ALA A 171 -10.54 -7.20 33.72
N ALA A 172 -10.80 -6.12 34.45
CA ALA A 172 -11.04 -6.13 35.90
C ALA A 172 -12.20 -7.10 36.25
N ARG A 173 -13.31 -7.07 35.51
CA ARG A 173 -14.49 -7.95 35.81
C ARG A 173 -14.15 -9.37 35.36
N ALA A 174 -13.34 -9.52 34.31
CA ALA A 174 -12.84 -10.84 33.85
C ALA A 174 -11.99 -11.45 34.97
N GLN A 175 -10.98 -10.66 35.41
CA GLN A 175 -10.09 -11.04 36.53
C GLN A 175 -10.97 -11.47 37.72
N VAL A 176 -11.96 -10.64 38.12
CA VAL A 176 -12.84 -10.95 39.30
C VAL A 176 -13.46 -12.34 39.09
N CYS A 177 -14.12 -12.56 37.97
CA CYS A 177 -14.71 -13.88 37.64
C CYS A 177 -13.62 -14.97 37.73
N GLN A 178 -12.45 -14.69 37.15
CA GLN A 178 -11.31 -15.66 37.10
C GLN A 178 -10.86 -15.98 38.53
N GLN A 179 -10.78 -14.98 39.41
CA GLN A 179 -10.46 -15.19 40.86
C GLN A 179 -11.49 -16.13 41.50
N ALA A 180 -12.77 -15.97 41.21
CA ALA A 180 -13.85 -16.81 41.79
C ALA A 180 -13.62 -18.26 41.36
N GLU A 181 -13.33 -18.47 40.09
CA GLU A 181 -13.00 -19.81 39.52
C GLU A 181 -11.84 -20.44 40.31
N HIS A 182 -10.75 -19.65 40.51
CA HIS A 182 -9.53 -20.10 41.24
C HIS A 182 -9.85 -20.42 42.71
N SER A 183 -10.31 -19.43 43.47
CA SER A 183 -10.53 -19.52 44.94
C SER A 183 -11.70 -20.45 45.23
N PHE A 184 -12.84 -20.26 44.57
CA PHE A 184 -14.13 -20.86 45.00
C PHE A 184 -14.44 -22.16 44.26
N ALA A 185 -13.87 -22.39 43.08
CA ALA A 185 -14.18 -23.61 42.30
C ALA A 185 -12.95 -24.55 42.19
N GLY A 186 -11.80 -24.05 42.78
CA GLY A 186 -10.46 -24.68 42.68
C GLY A 186 -9.98 -24.91 41.24
N MET A 187 -10.20 -23.99 40.32
CA MET A 187 -9.84 -24.19 38.88
C MET A 187 -8.96 -23.05 38.36
N PRO A 188 -7.63 -23.23 38.31
CA PRO A 188 -6.69 -22.15 38.01
C PRO A 188 -6.65 -21.84 36.51
N CYS A 189 -7.77 -21.35 35.97
CA CYS A 189 -8.00 -21.05 34.54
C CYS A 189 -7.31 -19.72 34.19
N GLY A 190 -7.21 -19.47 32.87
CA GLY A 190 -6.84 -18.16 32.31
C GLY A 190 -8.07 -17.32 32.06
N ILE A 191 -8.03 -16.36 31.13
CA ILE A 191 -9.10 -15.35 30.99
C ILE A 191 -9.88 -15.50 29.68
N MET A 192 -9.52 -16.45 28.81
CA MET A 192 -10.28 -16.60 27.53
C MET A 192 -11.78 -16.61 27.81
N ASP A 193 -12.23 -17.53 28.69
CA ASP A 193 -13.65 -17.93 28.85
C ASP A 193 -14.47 -16.70 29.37
N GLN A 194 -13.85 -16.09 30.44
CA GLN A 194 -14.48 -14.93 31.14
C GLN A 194 -14.54 -13.78 30.13
N PHE A 195 -13.39 -13.56 29.49
CA PHE A 195 -13.24 -12.41 28.56
C PHE A 195 -14.47 -12.51 27.54
N ILE A 196 -14.47 -13.81 26.93
CA ILE A 196 -15.42 -14.02 25.80
C ILE A 196 -16.88 -13.91 26.29
N SER A 197 -17.20 -14.39 27.51
CA SER A 197 -18.57 -14.29 28.10
C SER A 197 -18.96 -12.79 28.26
N LEU A 198 -17.92 -11.97 28.56
CA LEU A 198 -18.04 -10.49 28.74
C LEU A 198 -18.19 -9.75 27.39
N MET A 199 -17.36 -10.06 26.41
CA MET A 199 -17.01 -9.10 25.32
C MET A 199 -17.46 -9.58 23.93
N GLY A 200 -17.83 -10.86 23.81
CA GLY A 200 -18.40 -11.44 22.58
C GLY A 200 -19.44 -10.52 21.96
N GLN A 201 -19.50 -10.52 20.63
CA GLN A 201 -20.49 -9.77 19.82
C GLN A 201 -21.00 -10.70 18.70
N LYS A 202 -22.32 -10.73 18.51
CA LYS A 202 -22.99 -11.52 17.44
C LYS A 202 -22.21 -11.36 16.12
N GLY A 203 -22.01 -12.47 15.39
CA GLY A 203 -21.44 -12.48 14.03
C GLY A 203 -19.96 -12.09 14.02
N HIS A 204 -19.29 -12.20 15.16
CA HIS A 204 -17.86 -11.89 15.38
C HIS A 204 -17.22 -13.04 16.15
N ALA A 205 -15.95 -13.31 15.90
CA ALA A 205 -15.05 -13.94 16.88
C ALA A 205 -14.35 -12.75 17.60
N LEU A 206 -13.56 -13.20 18.70
CA LEU A 206 -12.93 -12.22 19.60
C LEU A 206 -11.49 -12.68 19.77
N LEU A 207 -10.59 -12.04 19.00
CA LEU A 207 -9.14 -12.36 19.02
C LEU A 207 -8.52 -11.63 20.27
N ILE A 208 -8.25 -12.42 21.33
CA ILE A 208 -7.79 -11.91 22.66
C ILE A 208 -6.28 -12.08 22.79
N ASP A 209 -5.57 -10.94 22.91
CA ASP A 209 -4.11 -10.92 23.24
C ASP A 209 -4.08 -10.91 24.81
N CYS A 210 -3.57 -12.06 25.35
CA CYS A 210 -3.55 -12.35 26.81
C CYS A 210 -2.26 -11.85 27.46
N ARG A 211 -1.41 -11.12 26.72
CA ARG A 211 -0.26 -10.38 27.30
C ARG A 211 -0.65 -8.92 27.52
N SER A 212 -1.15 -8.29 26.42
CA SER A 212 -1.48 -6.83 26.42
C SER A 212 -2.94 -6.63 26.87
N LEU A 213 -3.78 -7.67 26.70
CA LEU A 213 -5.26 -7.62 26.89
C LEU A 213 -5.89 -6.71 25.85
N GLU A 214 -5.13 -6.28 24.83
CA GLU A 214 -5.78 -5.74 23.60
C GLU A 214 -6.66 -6.99 23.10
N THR A 215 -7.83 -6.47 22.47
CA THR A 215 -8.94 -7.33 21.96
C THR A 215 -9.10 -6.82 20.38
N SER A 216 -9.59 -7.83 19.64
CA SER A 216 -10.05 -7.58 18.24
C SER A 216 -11.34 -8.36 17.98
N LEU A 217 -12.33 -7.57 17.35
CA LEU A 217 -13.68 -8.10 17.02
C LEU A 217 -13.72 -8.41 15.53
N VAL A 218 -13.65 -9.69 15.17
CA VAL A 218 -13.38 -10.16 13.78
C VAL A 218 -14.68 -10.65 13.15
N PRO A 219 -15.20 -9.95 12.12
CA PRO A 219 -16.45 -10.35 11.47
C PRO A 219 -16.43 -11.79 10.93
N LEU A 220 -17.48 -12.54 11.31
CA LEU A 220 -17.85 -13.86 10.74
C LEU A 220 -19.08 -13.67 9.84
N SER A 221 -19.07 -12.63 8.99
CA SER A 221 -20.19 -12.24 8.10
C SER A 221 -20.68 -13.48 7.33
N ASP A 222 -19.82 -14.03 6.46
CA ASP A 222 -20.17 -15.06 5.43
C ASP A 222 -21.14 -16.09 6.00
N PRO A 223 -22.39 -16.16 5.48
CA PRO A 223 -23.42 -17.06 6.00
C PRO A 223 -23.32 -18.47 5.41
N LYS A 224 -22.43 -18.67 4.43
CA LYS A 224 -22.09 -20.01 3.85
C LYS A 224 -21.45 -20.85 4.96
N LEU A 225 -20.19 -20.55 5.30
CA LEU A 225 -19.43 -21.17 6.41
C LEU A 225 -20.31 -21.17 7.67
N ALA A 226 -20.34 -22.28 8.42
CA ALA A 226 -20.98 -22.41 9.77
C ALA A 226 -20.09 -23.25 10.69
N VAL A 227 -20.50 -23.44 11.95
CA VAL A 227 -19.68 -24.23 12.92
C VAL A 227 -20.58 -25.20 13.70
N LEU A 228 -20.24 -26.50 13.58
CA LEU A 228 -20.86 -27.65 14.29
C LEU A 228 -20.03 -27.96 15.53
N ILE A 229 -20.56 -27.57 16.68
CA ILE A 229 -20.06 -28.01 18.02
C ILE A 229 -20.69 -29.37 18.30
N THR A 230 -19.82 -30.38 18.46
CA THR A 230 -20.20 -31.79 18.68
C THR A 230 -19.76 -32.15 20.11
N ASN A 231 -20.72 -32.40 21.01
CA ASN A 231 -20.46 -32.82 22.40
C ASN A 231 -20.10 -34.29 22.40
N SER A 232 -18.90 -34.65 22.88
CA SER A 232 -18.41 -36.04 23.04
C SER A 232 -19.23 -36.76 24.13
N ASN A 233 -19.77 -36.00 25.09
CA ASN A 233 -20.58 -36.54 26.20
C ASN A 233 -19.69 -37.45 27.06
N VAL A 234 -18.45 -37.02 27.30
CA VAL A 234 -17.52 -37.60 28.30
C VAL A 234 -16.72 -36.44 28.89
N ARG A 235 -16.46 -36.48 30.20
CA ARG A 235 -15.46 -35.63 30.90
C ARG A 235 -14.56 -36.53 31.76
N HIS A 236 -13.57 -37.19 31.14
CA HIS A 236 -12.56 -38.12 31.75
C HIS A 236 -12.04 -37.56 33.09
N SER A 237 -11.65 -38.48 33.99
CA SER A 237 -11.06 -38.23 35.34
C SER A 237 -9.89 -37.24 35.26
N LEU A 238 -9.01 -37.38 34.27
CA LEU A 238 -7.69 -36.70 34.18
C LEU A 238 -7.84 -35.21 33.81
N ALA A 239 -9.06 -34.75 33.46
CA ALA A 239 -9.37 -33.35 33.10
C ALA A 239 -9.10 -32.44 34.31
N SER A 240 -9.90 -32.58 35.37
CA SER A 240 -9.74 -31.88 36.67
C SER A 240 -8.24 -31.77 37.00
N SER A 241 -7.48 -32.87 36.82
CA SER A 241 -6.15 -33.13 37.43
C SER A 241 -4.98 -32.68 36.54
N GLU A 242 -5.09 -32.78 35.21
CA GLU A 242 -3.92 -32.58 34.30
C GLU A 242 -3.85 -31.12 33.81
N TYR A 243 -4.90 -30.32 33.99
CA TYR A 243 -4.89 -28.87 33.65
C TYR A 243 -3.79 -28.20 34.47
N PRO A 244 -3.85 -28.16 35.82
CA PRO A 244 -2.79 -27.50 36.58
C PRO A 244 -1.37 -28.03 36.29
N VAL A 245 -1.24 -29.31 35.91
CA VAL A 245 0.09 -29.95 35.65
C VAL A 245 0.70 -29.24 34.45
N ARG A 246 -0.09 -29.12 33.38
CA ARG A 246 0.29 -28.41 32.14
C ARG A 246 0.81 -27.03 32.51
N ARG A 247 0.06 -26.28 33.32
CA ARG A 247 0.42 -24.91 33.73
C ARG A 247 1.77 -24.93 34.45
N ARG A 248 1.86 -25.63 35.59
CA ARG A 248 3.14 -25.80 36.35
C ARG A 248 4.31 -25.99 35.37
N GLN A 249 4.08 -26.82 34.33
CA GLN A 249 5.08 -27.30 33.34
C GLN A 249 5.55 -26.10 32.51
N CYS A 250 4.62 -25.45 31.82
CA CYS A 250 4.82 -24.22 31.04
C CYS A 250 5.60 -23.21 31.89
N GLU A 251 5.28 -23.13 33.17
CA GLU A 251 5.90 -22.16 34.12
C GLU A 251 7.41 -22.46 34.19
N GLU A 252 7.80 -23.73 34.38
CA GLU A 252 9.21 -24.20 34.62
C GLU A 252 10.11 -23.90 33.41
N VAL A 253 9.59 -24.10 32.19
CA VAL A 253 10.28 -23.84 30.89
C VAL A 253 10.71 -22.37 30.85
N ALA A 254 9.72 -21.46 30.86
CA ALA A 254 9.89 -19.99 31.06
C ALA A 254 10.92 -19.72 32.17
N ARG A 255 10.71 -20.27 33.37
CA ARG A 255 11.69 -20.24 34.49
C ARG A 255 13.10 -20.53 33.95
N ALA A 256 13.31 -21.74 33.40
CA ALA A 256 14.63 -22.26 32.95
C ALA A 256 15.17 -21.49 31.74
N LEU A 257 14.29 -20.91 30.91
CA LEU A 257 14.67 -20.27 29.62
C LEU A 257 14.90 -18.76 29.81
N GLY A 258 14.75 -18.24 31.03
CA GLY A 258 14.79 -16.80 31.30
C GLY A 258 13.86 -16.07 30.33
N ALA A 259 12.59 -16.48 30.36
CA ALA A 259 11.47 -15.98 29.52
C ALA A 259 10.29 -15.65 30.43
N ALA A 260 9.82 -14.41 30.41
CA ALA A 260 8.75 -13.90 31.30
C ALA A 260 7.45 -14.68 31.04
N SER A 261 7.34 -15.25 29.83
CA SER A 261 6.29 -16.25 29.47
C SER A 261 6.76 -16.98 28.21
N LEU A 262 5.95 -17.93 27.74
CA LEU A 262 6.19 -18.67 26.46
C LEU A 262 5.82 -17.80 25.26
N ARG A 263 5.01 -16.75 25.45
CA ARG A 263 4.62 -15.81 24.38
C ARG A 263 5.92 -15.28 23.74
N GLU A 264 6.81 -14.70 24.56
CA GLU A 264 8.08 -14.04 24.16
C GLU A 264 9.01 -15.07 23.48
N VAL A 265 9.14 -16.26 24.07
CA VAL A 265 9.80 -17.44 23.45
C VAL A 265 9.16 -17.74 22.08
N GLN A 266 10.00 -17.91 21.04
CA GLN A 266 9.59 -18.32 19.67
C GLN A 266 10.35 -19.63 19.27
N LEU A 267 9.65 -20.43 18.44
CA LEU A 267 9.95 -21.86 18.15
C LEU A 267 11.43 -22.04 17.77
N GLU A 268 12.02 -21.14 16.96
CA GLU A 268 13.48 -21.16 16.62
C GLU A 268 14.28 -21.13 17.93
N GLU A 269 13.82 -20.40 18.95
CA GLU A 269 14.47 -20.29 20.28
C GLU A 269 14.33 -21.58 21.09
N LEU A 270 13.21 -22.32 20.94
CA LEU A 270 12.98 -23.56 21.75
C LEU A 270 13.78 -24.72 21.11
N GLU A 271 13.72 -24.88 19.78
CA GLU A 271 14.45 -25.93 19.01
C GLU A 271 15.91 -26.01 19.48
N ALA A 272 16.58 -24.86 19.55
CA ALA A 272 17.98 -24.67 20.03
C ALA A 272 18.12 -25.22 21.47
N ALA A 273 17.11 -24.96 22.31
CA ALA A 273 17.14 -25.14 23.79
C ALA A 273 16.55 -26.50 24.22
N ARG A 274 16.37 -27.45 23.28
CA ARG A 274 16.07 -28.87 23.58
C ARG A 274 17.22 -29.42 24.41
N ASP A 275 17.09 -29.45 25.75
CA ASP A 275 18.12 -29.98 26.69
C ASP A 275 18.38 -28.97 27.83
N LEU A 276 18.03 -27.68 27.60
CA LEU A 276 17.96 -26.66 28.69
C LEU A 276 16.84 -27.09 29.64
N VAL A 277 15.70 -27.45 29.04
CA VAL A 277 14.43 -27.87 29.71
C VAL A 277 14.33 -29.41 29.63
N SER A 278 13.26 -29.96 30.22
CA SER A 278 12.88 -31.39 30.22
C SER A 278 12.51 -31.84 28.79
N LYS A 279 12.38 -33.16 28.59
CA LYS A 279 11.85 -33.77 27.34
C LYS A 279 10.32 -33.61 27.34
N GLU A 280 9.67 -33.99 28.44
CA GLU A 280 8.21 -33.77 28.65
C GLU A 280 7.93 -32.29 28.26
N GLY A 281 8.65 -31.40 28.99
CA GLY A 281 8.44 -29.93 28.89
C GLY A 281 8.57 -29.41 27.47
N PHE A 282 9.56 -29.92 26.72
CA PHE A 282 9.93 -29.45 25.36
C PHE A 282 8.80 -29.77 24.36
N ARG A 283 8.18 -30.97 24.52
CA ARG A 283 7.11 -31.44 23.58
C ARG A 283 5.82 -30.62 23.81
N ARG A 284 5.73 -29.89 24.96
CA ARG A 284 4.51 -29.13 25.37
C ARG A 284 4.61 -27.65 24.96
N ALA A 285 5.79 -27.04 25.16
CA ALA A 285 6.08 -25.64 24.75
C ALA A 285 5.98 -25.52 23.23
N ARG A 286 6.30 -26.61 22.51
CA ARG A 286 6.20 -26.77 21.02
C ARG A 286 4.77 -26.43 20.57
N HIS A 287 3.81 -26.93 21.33
CA HIS A 287 2.36 -26.65 21.17
C HIS A 287 2.09 -25.15 21.44
N VAL A 288 2.52 -24.67 22.63
CA VAL A 288 2.13 -23.30 23.11
C VAL A 288 2.61 -22.30 22.06
N VAL A 289 3.94 -22.28 21.91
CA VAL A 289 4.73 -21.36 21.05
C VAL A 289 4.23 -21.49 19.60
N GLY A 290 4.10 -22.76 19.14
CA GLY A 290 3.50 -23.05 17.80
C GLY A 290 2.07 -22.53 17.69
N GLU A 291 1.23 -22.92 18.68
CA GLU A 291 -0.25 -22.72 18.77
C GLU A 291 -0.47 -21.18 18.48
N ILE A 292 0.22 -20.42 19.43
CA ILE A 292 0.27 -18.92 19.39
C ILE A 292 0.43 -18.46 17.93
N ARG A 293 1.36 -19.03 17.15
CA ARG A 293 1.61 -18.62 15.73
C ARG A 293 0.32 -18.91 14.90
N ARG A 294 -0.18 -20.21 15.06
CA ARG A 294 -1.33 -20.62 14.20
C ARG A 294 -2.62 -19.83 14.57
N THR A 295 -2.65 -19.13 15.74
CA THR A 295 -3.89 -18.38 16.13
C THR A 295 -3.85 -17.02 15.40
N ALA A 296 -2.64 -16.40 15.44
CA ALA A 296 -2.25 -15.26 14.57
C ALA A 296 -2.66 -15.52 13.10
N GLN A 297 -2.32 -16.68 12.54
CA GLN A 297 -2.47 -16.99 11.09
C GLN A 297 -3.95 -17.14 10.76
N ALA A 298 -4.62 -18.04 11.49
CA ALA A 298 -6.10 -18.20 11.55
C ALA A 298 -6.81 -16.83 11.64
N ALA A 299 -6.20 -15.91 12.46
CA ALA A 299 -6.74 -14.53 12.60
C ALA A 299 -6.64 -13.87 11.23
N ALA A 300 -5.39 -13.76 10.73
CA ALA A 300 -5.04 -13.07 9.47
C ALA A 300 -5.74 -13.77 8.29
N ALA A 301 -6.05 -15.07 8.46
CA ALA A 301 -6.67 -15.94 7.43
C ALA A 301 -8.17 -15.65 7.36
N LEU A 302 -8.76 -15.33 8.52
CA LEU A 302 -10.22 -15.08 8.66
C LEU A 302 -10.57 -13.74 8.01
N ARG A 303 -9.69 -12.73 8.18
CA ARG A 303 -9.79 -11.38 7.55
C ARG A 303 -9.76 -11.53 6.02
N ARG A 304 -8.75 -12.27 5.53
CA ARG A 304 -8.64 -12.70 4.12
C ARG A 304 -9.82 -13.60 3.74
N GLY A 305 -10.42 -14.27 4.72
CA GLY A 305 -11.59 -15.17 4.51
C GLY A 305 -11.25 -16.40 3.61
N ASP A 306 -10.00 -16.95 3.83
CA ASP A 306 -9.54 -18.34 3.40
C ASP A 306 -10.06 -19.34 4.51
N TYR A 307 -11.31 -19.81 4.24
CA TYR A 307 -12.03 -20.92 4.94
C TYR A 307 -11.21 -22.21 4.91
N ARG A 308 -10.29 -22.31 3.94
CA ARG A 308 -9.46 -23.51 3.66
C ARG A 308 -8.31 -23.60 4.69
N ALA A 309 -7.45 -22.53 4.72
CA ALA A 309 -6.30 -22.43 5.66
C ALA A 309 -6.80 -22.44 7.14
N PHE A 310 -8.10 -22.16 7.37
CA PHE A 310 -8.79 -22.46 8.65
C PHE A 310 -8.37 -23.86 9.11
N GLY A 311 -8.81 -24.87 8.35
CA GLY A 311 -8.33 -26.26 8.35
C GLY A 311 -6.86 -26.36 8.69
N ARG A 312 -5.96 -26.24 7.70
CA ARG A 312 -4.52 -26.53 7.92
C ARG A 312 -4.22 -26.18 9.40
N LEU A 313 -4.57 -24.95 9.81
CA LEU A 313 -4.16 -24.37 11.11
C LEU A 313 -4.96 -25.03 12.25
N MET A 314 -6.26 -25.31 12.04
CA MET A 314 -7.27 -25.87 12.99
C MET A 314 -7.05 -27.37 13.18
N VAL A 315 -6.74 -28.09 12.07
CA VAL A 315 -6.49 -29.56 12.09
C VAL A 315 -5.10 -29.76 12.73
N GLU A 316 -4.14 -28.92 12.34
CA GLU A 316 -2.77 -28.91 12.94
C GLU A 316 -2.87 -28.66 14.45
N SER A 317 -3.83 -27.85 14.91
CA SER A 317 -4.00 -27.44 16.33
C SER A 317 -4.33 -28.67 17.23
N HIS A 318 -5.32 -29.48 16.74
CA HIS A 318 -5.70 -30.81 17.28
C HIS A 318 -4.46 -31.71 17.40
N ARG A 319 -3.77 -31.95 16.27
CA ARG A 319 -2.57 -32.84 16.19
C ARG A 319 -1.61 -32.45 17.32
N SER A 320 -1.28 -31.13 17.34
CA SER A 320 -0.42 -30.53 18.40
C SER A 320 -1.02 -30.79 19.80
N LEU A 321 -2.33 -30.55 20.01
CA LEU A 321 -2.95 -30.71 21.37
C LEU A 321 -2.98 -32.22 21.73
N ARG A 322 -3.07 -33.11 20.73
CA ARG A 322 -3.21 -34.59 20.91
C ARG A 322 -1.84 -35.26 21.12
N ASP A 323 -0.84 -34.90 20.30
CA ASP A 323 0.47 -35.60 20.23
C ASP A 323 1.52 -34.90 21.16
N ASP A 324 1.36 -33.52 21.26
CA ASP A 324 2.42 -32.67 21.85
C ASP A 324 2.02 -32.26 23.27
N TYR A 325 0.80 -31.74 23.46
CA TYR A 325 0.30 -31.21 24.76
C TYR A 325 -0.44 -32.31 25.54
N GLU A 326 -1.00 -33.30 24.82
CA GLU A 326 -1.62 -34.54 25.36
C GLU A 326 -2.81 -34.18 26.24
N VAL A 327 -3.87 -33.65 25.63
CA VAL A 327 -5.09 -33.18 26.34
C VAL A 327 -6.30 -33.48 25.46
N SER A 328 -6.15 -34.47 24.57
CA SER A 328 -7.23 -35.09 23.79
C SER A 328 -7.63 -36.37 24.51
N CYS A 329 -8.56 -37.12 23.92
CA CYS A 329 -9.05 -38.43 24.40
C CYS A 329 -9.61 -39.16 23.19
N PRO A 330 -9.51 -40.52 23.12
CA PRO A 330 -9.98 -41.24 21.94
C PRO A 330 -11.28 -40.63 21.38
N GLU A 331 -12.28 -40.37 22.23
CA GLU A 331 -13.61 -39.83 21.81
C GLU A 331 -13.44 -38.57 20.94
N LEU A 332 -12.59 -37.64 21.37
CA LEU A 332 -12.27 -36.41 20.59
C LEU A 332 -11.57 -36.81 19.29
N ASP A 333 -10.46 -37.54 19.37
CA ASP A 333 -9.70 -38.01 18.18
C ASP A 333 -10.67 -38.58 17.15
N GLN A 334 -11.67 -39.37 17.57
CA GLN A 334 -12.59 -40.06 16.63
C GLN A 334 -13.64 -39.08 16.12
N LEU A 335 -14.04 -38.05 16.87
CA LEU A 335 -14.95 -37.00 16.33
C LEU A 335 -14.15 -36.11 15.35
N VAL A 336 -12.94 -35.70 15.72
CA VAL A 336 -12.03 -34.90 14.86
C VAL A 336 -11.71 -35.73 13.61
N GLU A 337 -11.01 -36.85 13.77
CA GLU A 337 -10.59 -37.75 12.66
C GLU A 337 -11.82 -38.14 11.80
N ALA A 338 -13.04 -38.18 12.40
CA ALA A 338 -14.30 -38.48 11.68
C ALA A 338 -14.70 -37.28 10.82
N ALA A 339 -14.60 -36.07 11.37
CA ALA A 339 -14.99 -34.83 10.66
C ALA A 339 -14.00 -34.54 9.53
N LEU A 340 -12.69 -34.55 9.81
CA LEU A 340 -11.59 -34.09 8.91
C LEU A 340 -11.42 -35.04 7.71
N ALA A 341 -12.31 -36.03 7.55
CA ALA A 341 -12.31 -36.95 6.40
C ALA A 341 -13.59 -36.75 5.57
N VAL A 342 -14.40 -35.74 5.90
CA VAL A 342 -15.71 -35.44 5.25
C VAL A 342 -15.55 -34.26 4.28
N PRO A 343 -15.82 -34.43 2.97
CA PRO A 343 -15.89 -33.30 2.04
C PRO A 343 -16.98 -32.31 2.49
N GLY A 344 -16.70 -31.01 2.38
CA GLY A 344 -17.59 -29.94 2.86
C GLY A 344 -17.24 -29.51 4.29
N VAL A 345 -16.08 -29.94 4.79
CA VAL A 345 -15.51 -29.57 6.13
C VAL A 345 -14.11 -28.99 5.96
N TYR A 346 -13.95 -27.70 6.25
CA TYR A 346 -12.64 -26.98 6.28
C TYR A 346 -11.74 -27.62 7.35
N GLY A 347 -12.29 -27.99 8.51
CA GLY A 347 -11.51 -28.65 9.57
C GLY A 347 -12.25 -28.82 10.88
N SER A 348 -11.63 -29.53 11.82
CA SER A 348 -12.20 -29.92 13.13
C SER A 348 -11.06 -30.12 14.15
N ARG A 349 -11.39 -29.97 15.43
CA ARG A 349 -10.42 -30.05 16.54
C ARG A 349 -11.17 -30.07 17.88
N MET A 350 -10.58 -30.68 18.90
CA MET A 350 -11.03 -30.49 20.30
C MET A 350 -11.04 -28.98 20.55
N THR A 351 -12.01 -28.50 21.35
CA THR A 351 -12.08 -27.09 21.83
C THR A 351 -11.99 -27.11 23.35
N GLY A 352 -11.75 -25.96 23.98
CA GLY A 352 -11.42 -25.78 25.39
C GLY A 352 -10.37 -26.75 25.92
N GLY A 353 -10.52 -27.15 27.20
CA GLY A 353 -9.42 -27.65 28.08
C GLY A 353 -9.10 -29.13 27.82
N GLY A 354 -10.01 -29.83 27.14
CA GLY A 354 -9.85 -31.22 26.63
C GLY A 354 -10.23 -32.32 27.64
N PHE A 355 -9.66 -33.52 27.43
CA PHE A 355 -9.97 -34.77 28.16
C PHE A 355 -11.48 -35.02 28.15
N GLY A 356 -12.12 -34.62 27.04
CA GLY A 356 -13.59 -34.64 26.90
C GLY A 356 -14.12 -33.27 26.50
N GLY A 357 -15.44 -33.12 26.53
CA GLY A 357 -16.14 -31.94 25.99
C GLY A 357 -16.39 -32.10 24.51
N CYS A 358 -16.25 -30.99 23.78
CA CYS A 358 -16.75 -30.84 22.39
C CYS A 358 -15.59 -30.74 21.39
N THR A 359 -15.85 -31.17 20.16
CA THR A 359 -15.07 -30.75 18.96
C THR A 359 -15.80 -29.58 18.30
N VAL A 360 -15.09 -28.87 17.43
CA VAL A 360 -15.61 -27.72 16.65
C VAL A 360 -15.19 -27.94 15.19
N THR A 361 -16.18 -27.93 14.29
CA THR A 361 -16.03 -28.25 12.85
C THR A 361 -16.42 -27.02 12.03
N LEU A 362 -15.48 -26.44 11.31
CA LEU A 362 -15.75 -25.37 10.30
C LEU A 362 -16.19 -26.05 9.00
N LEU A 363 -17.49 -25.98 8.65
CA LEU A 363 -18.11 -26.72 7.52
C LEU A 363 -19.07 -25.80 6.73
N GLU A 364 -19.47 -26.25 5.53
CA GLU A 364 -20.48 -25.55 4.68
C GLU A 364 -21.87 -25.91 5.18
N ALA A 365 -22.64 -24.92 5.66
CA ALA A 365 -23.99 -25.08 6.26
C ALA A 365 -24.88 -26.00 5.42
N SER A 366 -24.63 -26.11 4.10
CA SER A 366 -25.30 -27.04 3.15
C SER A 366 -25.18 -28.50 3.62
N ALA A 367 -24.01 -28.89 4.15
CA ALA A 367 -23.68 -30.28 4.57
C ALA A 367 -23.95 -30.48 6.08
N ALA A 368 -24.66 -29.57 6.73
CA ALA A 368 -25.02 -29.69 8.16
C ALA A 368 -25.86 -30.94 8.38
N PRO A 369 -26.96 -31.17 7.61
CA PRO A 369 -27.79 -32.36 7.82
C PRO A 369 -27.08 -33.70 7.51
N HIS A 370 -25.93 -33.65 6.82
CA HIS A 370 -25.14 -34.84 6.40
C HIS A 370 -24.14 -35.20 7.50
N ALA A 371 -23.40 -34.21 8.01
CA ALA A 371 -22.40 -34.35 9.10
C ALA A 371 -23.05 -34.92 10.38
N MET A 372 -24.22 -34.38 10.77
CA MET A 372 -25.02 -34.80 11.97
C MET A 372 -25.67 -36.18 11.75
N ARG A 373 -25.84 -36.61 10.49
CA ARG A 373 -26.27 -37.99 10.13
C ARG A 373 -25.07 -38.94 10.25
N HIS A 374 -23.88 -38.45 9.90
CA HIS A 374 -22.63 -39.24 9.71
C HIS A 374 -21.97 -39.51 11.06
N ILE A 375 -21.67 -38.43 11.80
CA ILE A 375 -21.02 -38.48 13.14
C ILE A 375 -21.81 -39.47 14.01
N GLN A 376 -23.04 -39.10 14.39
CA GLN A 376 -23.91 -39.90 15.31
C GLN A 376 -24.29 -41.22 14.65
N HIS A 378 -21.39 -42.72 13.09
CA HIS A 378 -20.04 -43.35 12.97
C HIS A 378 -19.18 -42.98 14.19
N TYR A 379 -19.78 -42.58 15.33
CA TYR A 379 -19.10 -42.26 16.62
C TYR A 379 -19.43 -43.32 17.67
N GLY A 380 -18.41 -43.80 18.40
CA GLY A 380 -18.54 -44.83 19.44
C GLY A 380 -18.96 -44.26 20.78
N GLY A 381 -20.05 -43.50 20.81
CA GLY A 381 -20.51 -42.71 21.96
C GLY A 381 -21.73 -41.89 21.59
N THR A 382 -22.32 -41.17 22.56
CA THR A 382 -23.51 -40.30 22.34
C THR A 382 -22.99 -38.93 21.88
N ALA A 383 -23.51 -38.44 20.75
CA ALA A 383 -23.21 -37.11 20.18
C ALA A 383 -24.42 -36.19 20.35
N THR A 384 -24.21 -35.01 20.94
CA THR A 384 -25.18 -33.88 20.97
C THR A 384 -24.63 -32.75 20.08
N PHE A 385 -25.50 -32.12 19.28
CA PHE A 385 -25.10 -31.15 18.23
C PHE A 385 -25.67 -29.76 18.50
N TYR A 386 -24.81 -28.76 18.35
CA TYR A 386 -25.20 -27.33 18.32
C TYR A 386 -24.70 -26.74 16.99
N LEU A 387 -25.57 -26.07 16.21
CA LEU A 387 -25.18 -25.25 15.04
C LEU A 387 -25.09 -23.78 15.48
N SER A 388 -23.86 -23.31 15.69
CA SER A 388 -23.54 -22.12 16.51
C SER A 388 -23.43 -20.88 15.63
N GLN A 389 -24.44 -19.99 15.65
CA GLN A 389 -24.26 -18.56 15.33
C GLN A 389 -23.22 -18.04 16.33
N ALA A 390 -22.27 -17.23 15.86
CA ALA A 390 -21.38 -16.41 16.72
C ALA A 390 -22.27 -15.33 17.32
N ALA A 391 -22.24 -15.18 18.66
CA ALA A 391 -23.36 -14.55 19.41
C ALA A 391 -22.84 -13.39 20.30
N ASP A 392 -23.86 -12.72 20.91
CA ASP A 392 -23.66 -11.58 21.83
C ASP A 392 -23.04 -12.07 23.16
N GLY A 393 -22.28 -11.13 23.81
CA GLY A 393 -21.81 -11.32 25.19
C GLY A 393 -22.88 -10.91 26.21
N ALA A 394 -22.41 -10.47 27.38
CA ALA A 394 -23.20 -10.14 28.58
C ALA A 394 -24.31 -9.14 28.24
N LYS A 395 -25.57 -9.50 28.54
CA LYS A 395 -26.74 -8.68 28.18
C LYS A 395 -27.65 -8.47 29.41
N VAL A 396 -28.12 -7.25 29.59
CA VAL A 396 -29.16 -6.86 30.59
C VAL A 396 -30.47 -6.67 29.82
N LEU A 397 -31.58 -7.17 30.36
CA LEU A 397 -32.95 -6.83 29.89
C LEU A 397 -33.80 -6.49 31.11
N CYS A 398 -34.56 -5.41 31.05
CA CYS A 398 -35.26 -4.93 32.27
C CYS A 398 -36.76 -5.13 32.15
N LEU A 399 -37.31 -5.60 33.26
CA LEU A 399 -38.60 -6.30 33.35
C LEU A 399 -39.58 -5.43 34.16
N ALA B 10 -13.26 27.26 34.71
CA ALA B 10 -12.42 27.13 33.46
C ALA B 10 -12.54 25.70 32.90
N LEU B 11 -12.32 24.68 33.75
CA LEU B 11 -12.46 23.24 33.39
C LEU B 11 -13.89 22.78 33.75
N ARG B 12 -14.57 22.10 32.82
CA ARG B 12 -15.93 21.54 33.01
C ARG B 12 -15.82 20.10 33.55
N GLN B 13 -16.22 19.90 34.82
CA GLN B 13 -15.99 18.68 35.65
C GLN B 13 -16.96 17.58 35.21
N PRO B 14 -18.29 17.84 35.31
CA PRO B 14 -19.32 17.05 34.64
C PRO B 14 -19.78 15.72 35.26
N GLN B 15 -19.68 15.54 36.59
CA GLN B 15 -20.05 14.26 37.28
C GLN B 15 -21.23 13.57 36.56
N VAL B 16 -21.15 12.24 36.37
CA VAL B 16 -22.26 11.40 35.81
C VAL B 16 -23.39 11.28 36.83
N ALA B 17 -23.08 11.00 38.10
CA ALA B 17 -24.09 10.81 39.19
C ALA B 17 -25.14 11.93 39.13
N GLU B 18 -24.66 13.18 39.23
CA GLU B 18 -25.45 14.42 39.04
C GLU B 18 -26.39 14.29 37.82
N LEU B 19 -25.83 13.90 36.65
CA LEU B 19 -26.55 13.86 35.35
C LEU B 19 -27.78 12.92 35.44
N LEU B 20 -27.64 11.71 36.02
CA LEU B 20 -28.73 10.72 36.14
C LEU B 20 -29.81 11.31 37.06
N ALA B 21 -29.36 11.97 38.13
CA ALA B 21 -30.23 12.67 39.11
C ALA B 21 -31.11 13.70 38.37
N GLU B 22 -30.51 14.68 37.67
CA GLU B 22 -31.29 15.77 37.02
C GLU B 22 -32.40 15.13 36.16
N ALA B 23 -32.03 14.14 35.35
CA ALA B 23 -32.96 13.34 34.51
C ALA B 23 -34.05 12.67 35.37
N ARG B 24 -33.71 12.16 36.56
CA ARG B 24 -34.67 11.46 37.44
C ARG B 24 -35.66 12.47 38.07
N ARG B 25 -35.17 13.60 38.60
CA ARG B 25 -35.99 14.66 39.28
C ARG B 25 -36.96 15.30 38.28
N ALA B 26 -36.62 15.30 36.99
CA ALA B 26 -37.41 15.91 35.90
C ALA B 26 -38.52 14.95 35.44
N PHE B 27 -38.17 13.75 34.94
CA PHE B 27 -39.14 12.71 34.49
C PHE B 27 -40.25 12.56 35.54
N ARG B 28 -39.91 12.56 36.83
CA ARG B 28 -40.85 12.36 37.96
C ARG B 28 -41.82 13.55 37.96
N GLU B 29 -41.27 14.78 37.95
CA GLU B 29 -42.07 16.03 37.89
C GLU B 29 -43.00 15.92 36.68
N GLU B 30 -42.45 15.76 35.49
CA GLU B 30 -43.22 15.72 34.21
C GLU B 30 -44.31 14.65 34.25
N PHE B 31 -43.91 13.38 34.34
CA PHE B 31 -44.73 12.20 33.96
C PHE B 31 -45.45 11.62 35.19
N GLY B 32 -45.18 12.18 36.39
CA GLY B 32 -45.91 11.93 37.64
C GLY B 32 -45.80 10.49 38.12
N ALA B 33 -44.57 9.97 38.16
CA ALA B 33 -44.21 8.54 38.25
C ALA B 33 -42.69 8.38 38.11
N GLU B 34 -42.16 7.22 38.50
CA GLU B 34 -40.72 6.93 38.50
C GLU B 34 -40.37 6.23 37.20
N PRO B 35 -39.21 6.59 36.60
CA PRO B 35 -38.66 5.90 35.44
C PRO B 35 -38.26 4.42 35.88
N GLU B 36 -38.69 3.50 34.95
CA GLU B 36 -38.27 2.08 34.89
C GLU B 36 -36.79 1.97 34.50
N LEU B 37 -36.33 2.73 33.48
CA LEU B 37 -35.02 2.50 32.80
C LEU B 37 -34.13 3.75 32.72
N ALA B 38 -32.84 3.53 32.86
CA ALA B 38 -31.79 4.49 32.51
C ALA B 38 -30.90 3.85 31.43
N VAL B 39 -30.57 4.62 30.39
CA VAL B 39 -29.45 4.31 29.46
C VAL B 39 -28.60 5.56 29.31
N SER B 40 -27.34 5.36 28.92
CA SER B 40 -26.42 6.44 28.49
C SER B 40 -25.51 5.97 27.32
N ALA B 41 -25.28 6.88 26.37
CA ALA B 41 -24.27 6.79 25.30
C ALA B 41 -23.38 8.03 25.32
N PRO B 42 -22.04 7.85 25.34
CA PRO B 42 -21.11 8.98 25.42
C PRO B 42 -20.89 9.70 24.07
N GLY B 43 -20.34 10.93 24.21
CA GLY B 43 -19.65 11.68 23.15
C GLY B 43 -18.25 11.12 22.96
N ARG B 44 -17.54 11.61 21.95
CA ARG B 44 -16.21 11.04 21.59
C ARG B 44 -15.26 12.15 21.19
N VAL B 45 -13.98 11.81 21.19
CA VAL B 45 -12.85 12.61 20.65
C VAL B 45 -12.09 11.66 19.74
N ASN B 46 -11.75 12.10 18.53
CA ASN B 46 -10.95 11.26 17.57
C ASN B 46 -9.48 11.50 17.89
N LEU B 47 -8.76 10.48 18.35
CA LEU B 47 -7.37 10.75 18.73
C LEU B 47 -6.57 11.04 17.45
N ILE B 48 -6.83 10.27 16.38
CA ILE B 48 -6.25 10.51 15.03
C ILE B 48 -7.04 9.70 14.01
N GLY B 49 -7.09 10.16 12.75
CA GLY B 49 -7.80 9.50 11.64
C GLY B 49 -8.97 10.35 11.15
N GLU B 50 -8.73 11.67 11.04
CA GLU B 50 -9.77 12.64 10.55
C GLU B 50 -9.97 12.49 9.03
N HIS B 51 -11.25 12.41 8.64
CA HIS B 51 -11.82 12.28 7.28
C HIS B 51 -11.20 11.09 6.55
N THR B 52 -11.00 9.98 7.27
CA THR B 52 -10.57 8.68 6.70
C THR B 52 -11.74 7.70 6.63
N ASP B 53 -12.81 7.98 7.38
CA ASP B 53 -13.83 6.95 7.73
C ASP B 53 -14.75 6.75 6.52
N TYR B 54 -15.14 7.84 5.85
CA TYR B 54 -15.90 7.75 4.57
C TYR B 54 -14.93 7.42 3.42
N ASN B 55 -13.66 7.16 3.70
CA ASN B 55 -12.66 6.71 2.70
C ASN B 55 -12.19 5.27 3.01
N GLN B 56 -13.00 4.54 3.78
CA GLN B 56 -12.77 3.13 4.23
C GLN B 56 -11.42 3.03 4.97
N GLY B 57 -11.08 4.13 5.67
CA GLY B 57 -9.78 4.29 6.33
C GLY B 57 -9.77 3.64 7.70
N LEU B 58 -8.93 4.15 8.59
CA LEU B 58 -8.80 3.72 10.00
C LEU B 58 -8.99 4.96 10.83
N VAL B 59 -9.72 4.85 11.93
CA VAL B 59 -9.96 5.95 12.90
C VAL B 59 -9.56 5.42 14.28
N LEU B 60 -9.19 6.32 15.18
CA LEU B 60 -8.78 5.98 16.56
C LEU B 60 -9.54 6.89 17.54
N PRO B 61 -10.88 6.73 17.59
CA PRO B 61 -11.70 7.48 18.54
C PRO B 61 -11.67 6.88 19.95
N MET B 62 -11.85 7.71 20.96
CA MET B 62 -12.17 7.17 22.31
C MET B 62 -13.43 7.87 22.83
N ALA B 63 -14.18 7.17 23.68
CA ALA B 63 -15.38 7.73 24.34
C ALA B 63 -14.93 8.69 25.44
N LEU B 64 -15.72 9.75 25.65
CA LEU B 64 -15.50 10.74 26.73
C LEU B 64 -16.42 10.48 27.94
N GLU B 65 -16.01 11.01 29.09
CA GLU B 65 -16.77 11.05 30.37
C GLU B 65 -18.09 11.83 30.17
N LEU B 66 -18.11 12.78 29.23
CA LEU B 66 -19.32 13.53 28.77
C LEU B 66 -20.28 12.57 28.09
N MET B 67 -21.60 12.73 28.30
CA MET B 67 -22.60 11.69 27.89
C MET B 67 -24.04 12.23 27.86
N THR B 68 -24.88 11.51 27.11
CA THR B 68 -26.34 11.70 27.00
C THR B 68 -27.04 10.52 27.70
N VAL B 69 -27.95 10.85 28.63
CA VAL B 69 -28.68 9.91 29.53
C VAL B 69 -30.16 9.99 29.14
N LEU B 70 -30.83 8.84 29.06
CA LEU B 70 -32.29 8.76 28.89
C LEU B 70 -32.86 7.97 30.07
N VAL B 71 -33.84 8.54 30.75
CA VAL B 71 -34.64 7.80 31.78
C VAL B 71 -36.07 7.75 31.26
N GLY B 72 -36.58 6.55 30.94
CA GLY B 72 -37.93 6.37 30.38
C GLY B 72 -38.70 5.22 31.02
N SER B 73 -39.77 4.80 30.31
CA SER B 73 -40.69 3.66 30.62
C SER B 73 -41.54 3.35 29.37
N PRO B 74 -41.89 2.07 29.10
CA PRO B 74 -42.73 1.74 27.93
C PRO B 74 -44.21 2.18 28.08
N ARG B 75 -44.96 2.12 26.96
CA ARG B 75 -46.41 2.43 26.86
C ARG B 75 -47.08 1.48 25.87
N LYS B 76 -48.37 1.15 26.09
CA LYS B 76 -49.18 0.22 25.24
C LYS B 76 -50.01 1.00 24.17
N ASP B 77 -49.89 2.38 24.20
CA ASP B 77 -50.77 3.31 23.43
C ASP B 77 -50.14 3.71 22.08
N GLY B 78 -48.83 3.50 21.92
CA GLY B 78 -48.08 3.89 20.71
C GLY B 78 -47.85 5.39 20.61
N LEU B 79 -48.12 6.17 21.66
CA LEU B 79 -47.65 7.59 21.81
C LEU B 79 -46.24 7.56 22.41
N VAL B 80 -45.27 8.20 21.72
CA VAL B 80 -43.89 8.53 22.16
C VAL B 80 -43.89 9.96 22.73
N SER B 81 -43.43 10.14 23.98
CA SER B 81 -43.48 11.44 24.70
C SER B 81 -42.12 11.74 25.33
N LEU B 82 -41.50 12.86 24.93
CA LEU B 82 -40.12 13.25 25.33
C LEU B 82 -40.12 14.67 25.95
N LEU B 83 -39.23 14.85 26.95
CA LEU B 83 -38.79 16.16 27.50
C LEU B 83 -37.27 16.15 27.60
N THR B 84 -36.62 17.28 27.31
CA THR B 84 -35.16 17.48 27.50
C THR B 84 -34.90 18.75 28.33
N THR B 85 -33.96 18.65 29.29
CA THR B 85 -33.52 19.76 30.20
C THR B 85 -32.26 20.46 29.66
N SER B 86 -31.55 19.87 28.71
CA SER B 86 -30.25 20.38 28.17
C SER B 86 -30.44 21.81 27.64
N GLU B 87 -29.74 22.80 28.25
CA GLU B 87 -30.02 24.26 28.10
C GLU B 87 -29.82 24.70 26.65
N GLY B 88 -28.72 24.27 26.00
CA GLY B 88 -28.48 24.46 24.55
C GLY B 88 -29.74 24.19 23.73
N ALA B 89 -30.36 23.02 23.94
CA ALA B 89 -31.50 22.42 23.20
C ALA B 89 -32.50 23.46 22.66
N ASP B 90 -33.13 23.08 21.54
CA ASP B 90 -34.08 23.88 20.72
C ASP B 90 -35.47 23.85 21.37
N GLU B 91 -36.37 24.76 20.99
CA GLU B 91 -37.77 24.78 21.54
C GLU B 91 -38.74 24.18 20.52
N PRO B 92 -39.86 23.57 20.95
CA PRO B 92 -40.12 23.29 22.36
C PRO B 92 -39.24 22.16 22.92
N GLN B 93 -39.08 22.12 24.24
CA GLN B 93 -38.23 21.12 24.94
C GLN B 93 -39.09 19.91 25.35
N ARG B 94 -40.34 19.82 24.88
CA ARG B 94 -41.37 18.80 25.26
C ARG B 94 -42.27 18.51 24.05
N LEU B 95 -42.34 17.24 23.61
CA LEU B 95 -42.87 16.84 22.28
C LEU B 95 -43.57 15.47 22.35
N GLN B 96 -44.91 15.46 22.45
CA GLN B 96 -45.75 14.23 22.37
C GLN B 96 -46.03 13.92 20.88
N PHE B 97 -45.66 12.72 20.41
CA PHE B 97 -45.66 12.29 18.98
C PHE B 97 -46.15 10.85 18.86
N PRO B 98 -46.86 10.45 17.78
CA PRO B 98 -47.32 9.06 17.63
C PRO B 98 -46.23 8.14 17.06
N LEU B 99 -46.29 6.85 17.37
CA LEU B 99 -45.40 5.82 16.78
C LEU B 99 -45.63 5.81 15.26
N PRO B 100 -44.60 5.53 14.42
CA PRO B 100 -44.79 5.44 12.98
C PRO B 100 -45.56 4.17 12.59
N THR B 101 -46.53 4.31 11.67
CA THR B 101 -47.32 3.19 11.10
C THR B 101 -46.57 2.62 9.88
N ALA B 102 -47.16 1.59 9.26
CA ALA B 102 -46.71 0.91 8.02
C ALA B 102 -46.92 1.84 6.82
N GLN B 103 -48.01 2.63 6.84
CA GLN B 103 -48.49 3.52 5.75
C GLN B 103 -47.94 4.93 5.94
N ARG B 104 -48.02 5.48 7.16
CA ARG B 104 -47.53 6.85 7.53
C ARG B 104 -46.16 6.72 8.21
N SER B 105 -45.11 7.26 7.56
CA SER B 105 -43.72 7.33 8.06
C SER B 105 -43.56 8.55 8.98
N LEU B 106 -42.38 8.73 9.58
CA LEU B 106 -42.03 9.94 10.38
C LEU B 106 -41.09 10.82 9.54
N GLU B 107 -41.38 12.12 9.46
CA GLU B 107 -40.60 13.13 8.68
C GLU B 107 -39.96 14.11 9.66
N PRO B 108 -38.72 14.58 9.39
CA PRO B 108 -38.03 15.51 10.28
C PRO B 108 -38.78 16.85 10.40
N GLY B 109 -38.79 17.46 11.59
CA GLY B 109 -39.62 18.63 11.91
C GLY B 109 -38.98 19.52 12.97
N THR B 110 -39.78 20.34 13.65
CA THR B 110 -39.39 21.18 14.81
C THR B 110 -39.83 20.46 16.08
N PRO B 111 -38.96 20.26 17.10
CA PRO B 111 -37.61 20.81 17.17
C PRO B 111 -36.54 19.98 16.47
N ARG B 112 -35.38 20.59 16.22
CA ARG B 112 -34.26 20.00 15.43
C ARG B 112 -33.65 18.83 16.24
N TRP B 113 -33.77 18.83 17.58
CA TRP B 113 -33.18 17.80 18.48
C TRP B 113 -34.02 16.51 18.48
N ALA B 114 -35.35 16.60 18.43
CA ALA B 114 -36.25 15.44 18.38
C ALA B 114 -36.07 14.65 17.07
N ASN B 115 -35.43 15.24 16.05
CA ASN B 115 -35.18 14.58 14.75
C ASN B 115 -34.29 13.35 14.96
N TYR B 116 -33.33 13.47 15.87
CA TYR B 116 -32.32 12.43 16.22
C TYR B 116 -33.04 11.20 16.80
N VAL B 117 -34.03 11.45 17.67
CA VAL B 117 -34.90 10.43 18.30
C VAL B 117 -35.79 9.80 17.23
N LYS B 118 -36.70 10.60 16.65
CA LYS B 118 -37.67 10.17 15.59
C LYS B 118 -36.92 9.45 14.44
N GLY B 119 -35.72 9.93 14.11
CA GLY B 119 -34.82 9.28 13.12
C GLY B 119 -34.51 7.83 13.47
N VAL B 120 -33.91 7.60 14.64
CA VAL B 120 -33.55 6.27 15.20
C VAL B 120 -34.81 5.39 15.38
N ILE B 121 -35.95 5.95 15.82
CA ILE B 121 -37.25 5.24 15.95
C ILE B 121 -37.67 4.67 14.57
N GLN B 122 -37.57 5.51 13.53
CA GLN B 122 -38.10 5.26 12.17
C GLN B 122 -37.38 4.06 11.52
N TYR B 123 -36.06 3.94 11.69
CA TYR B 123 -35.22 2.87 11.09
C TYR B 123 -34.83 1.83 12.14
N TYR B 124 -35.56 1.75 13.25
CA TYR B 124 -35.35 0.67 14.24
C TYR B 124 -35.74 -0.63 13.53
N PRO B 125 -34.84 -1.64 13.47
CA PRO B 125 -35.04 -2.81 12.62
C PRO B 125 -35.75 -4.01 13.24
N ALA B 126 -36.43 -3.84 14.38
CA ALA B 126 -37.14 -4.92 15.10
C ALA B 126 -38.52 -4.45 15.57
N ALA B 127 -39.37 -5.40 15.90
CA ALA B 127 -40.81 -5.20 16.21
C ALA B 127 -41.28 -6.32 17.13
N PRO B 128 -42.34 -6.17 17.95
CA PRO B 128 -43.18 -4.97 17.96
C PRO B 128 -42.58 -3.90 18.89
N LEU B 129 -42.26 -2.73 18.33
CA LEU B 129 -41.67 -1.58 19.06
C LEU B 129 -42.79 -0.79 19.72
N PRO B 130 -42.92 -0.80 21.07
CA PRO B 130 -44.01 -0.11 21.75
C PRO B 130 -43.77 1.41 21.78
N GLY B 131 -44.65 2.13 22.49
CA GLY B 131 -44.48 3.54 22.87
C GLY B 131 -43.55 3.62 24.07
N PHE B 132 -43.46 4.83 24.70
CA PHE B 132 -42.62 5.11 25.89
C PHE B 132 -42.55 6.60 26.23
N SER B 133 -42.59 6.91 27.53
CA SER B 133 -42.22 8.22 28.13
C SER B 133 -40.71 8.22 28.38
N ALA B 134 -40.05 9.39 28.35
CA ALA B 134 -38.56 9.51 28.38
C ALA B 134 -38.11 10.97 28.60
N VAL B 135 -37.18 11.18 29.56
CA VAL B 135 -36.45 12.49 29.72
C VAL B 135 -35.02 12.35 29.15
N VAL B 136 -34.64 13.28 28.27
CA VAL B 136 -33.27 13.39 27.66
C VAL B 136 -32.48 14.51 28.37
N VAL B 137 -31.31 14.14 28.91
CA VAL B 137 -30.25 15.07 29.41
C VAL B 137 -28.92 14.75 28.71
N SER B 138 -27.99 15.73 28.70
CA SER B 138 -26.66 15.60 28.06
C SER B 138 -25.67 16.56 28.72
N SER B 139 -24.46 16.10 29.00
CA SER B 139 -23.29 16.94 29.39
C SER B 139 -22.37 17.16 28.15
N VAL B 140 -22.83 16.72 26.95
CA VAL B 140 -22.07 16.85 25.66
C VAL B 140 -22.46 18.16 25.00
N PRO B 141 -21.53 19.12 24.83
CA PRO B 141 -21.87 20.47 24.35
C PRO B 141 -22.45 20.40 22.92
N LEU B 142 -23.71 20.82 22.74
CA LEU B 142 -24.41 20.75 21.43
C LEU B 142 -23.56 21.48 20.40
N GLY B 143 -23.23 20.82 19.30
CA GLY B 143 -22.50 21.36 18.13
C GLY B 143 -21.05 21.75 18.39
N GLY B 144 -20.36 21.16 19.38
CA GLY B 144 -18.94 21.46 19.70
C GLY B 144 -17.95 20.43 19.15
N GLY B 145 -18.43 19.50 18.33
CA GLY B 145 -17.59 18.48 17.66
C GLY B 145 -17.23 17.27 18.49
N LEU B 146 -18.01 16.93 19.54
CA LEU B 146 -17.77 15.71 20.35
C LEU B 146 -18.88 14.67 20.12
N SER B 147 -19.64 14.80 19.02
CA SER B 147 -20.72 13.88 18.56
C SER B 147 -21.84 13.77 19.62
N SER B 148 -22.38 14.92 20.03
CA SER B 148 -23.55 15.03 20.91
C SER B 148 -24.74 14.33 20.23
N SER B 149 -24.82 14.44 18.91
CA SER B 149 -25.92 13.92 18.05
C SER B 149 -25.86 12.39 18.02
N ALA B 150 -24.67 11.82 17.87
CA ALA B 150 -24.48 10.35 17.89
C ALA B 150 -24.85 9.84 19.29
N SER B 151 -24.47 10.57 20.34
CA SER B 151 -24.70 10.13 21.73
C SER B 151 -26.21 10.05 21.95
N LEU B 152 -26.96 11.06 21.50
CA LEU B 152 -28.45 11.03 21.53
C LEU B 152 -28.97 9.92 20.63
N GLU B 153 -28.41 9.70 19.44
CA GLU B 153 -28.89 8.61 18.54
C GLU B 153 -28.71 7.26 19.23
N VAL B 154 -27.54 7.05 19.87
CA VAL B 154 -27.15 5.70 20.35
C VAL B 154 -27.88 5.43 21.67
N ALA B 155 -27.90 6.38 22.59
CA ALA B 155 -28.73 6.35 23.80
C ALA B 155 -30.15 5.94 23.42
N THR B 156 -30.76 6.62 22.46
CA THR B 156 -32.15 6.35 21.99
C THR B 156 -32.26 4.86 21.64
N TYR B 157 -31.34 4.42 20.79
CA TYR B 157 -31.25 3.06 20.20
C TYR B 157 -31.15 2.03 21.33
N THR B 158 -30.27 2.22 22.32
CA THR B 158 -30.05 1.22 23.40
C THR B 158 -31.32 1.18 24.26
N PHE B 159 -32.08 2.28 24.31
CA PHE B 159 -33.40 2.36 24.98
C PHE B 159 -34.41 1.49 24.21
N LEU B 160 -34.56 1.68 22.88
CA LEU B 160 -35.51 0.86 22.06
C LEU B 160 -35.13 -0.62 22.13
N GLN B 161 -33.83 -0.93 22.30
CA GLN B 161 -33.32 -2.29 22.62
C GLN B 161 -33.98 -2.83 23.91
N GLN B 162 -34.17 -2.00 24.95
CA GLN B 162 -34.76 -2.46 26.24
C GLN B 162 -36.27 -2.68 26.05
N LEU B 163 -36.92 -1.86 25.23
CA LEU B 163 -38.36 -1.95 24.85
C LEU B 163 -38.60 -3.18 23.95
N CYS B 164 -37.74 -3.39 22.95
CA CYS B 164 -37.95 -4.38 21.87
C CYS B 164 -36.60 -4.88 21.36
N PRO B 165 -36.03 -5.92 22.02
CA PRO B 165 -34.67 -6.35 21.72
C PRO B 165 -34.49 -6.70 20.24
N ASP B 166 -33.45 -6.13 19.62
CA ASP B 166 -33.00 -6.54 18.25
C ASP B 166 -32.06 -7.73 18.41
N SER B 167 -32.03 -8.63 17.44
CA SER B 167 -31.03 -9.73 17.34
C SER B 167 -30.07 -9.38 16.21
N GLY B 168 -29.57 -8.15 16.21
CA GLY B 168 -28.69 -7.60 15.18
C GLY B 168 -27.28 -7.43 15.69
N THR B 169 -26.40 -6.92 14.81
CA THR B 169 -24.94 -6.77 15.02
C THR B 169 -24.61 -5.34 15.47
N ILE B 170 -23.40 -5.20 16.06
CA ILE B 170 -22.89 -3.90 16.59
C ILE B 170 -22.80 -2.87 15.44
N ALA B 171 -22.57 -3.30 14.18
CA ALA B 171 -22.41 -2.40 13.00
C ALA B 171 -23.76 -2.05 12.39
N ALA B 172 -24.73 -2.97 12.45
CA ALA B 172 -26.17 -2.76 12.08
C ALA B 172 -26.77 -1.55 12.83
N ARG B 173 -26.48 -1.44 14.14
CA ARG B 173 -27.05 -0.37 15.02
C ARG B 173 -26.38 0.96 14.70
N ALA B 174 -25.08 0.93 14.42
CA ALA B 174 -24.27 2.10 14.02
C ALA B 174 -24.82 2.66 12.69
N GLN B 175 -25.13 1.79 11.72
CA GLN B 175 -25.63 2.13 10.36
C GLN B 175 -27.11 2.52 10.38
N VAL B 176 -27.83 2.32 11.50
CA VAL B 176 -29.24 2.80 11.72
C VAL B 176 -29.17 4.27 12.16
N CYS B 177 -28.27 4.54 13.12
CA CYS B 177 -28.06 5.89 13.73
C CYS B 177 -27.48 6.79 12.66
N GLN B 178 -26.54 6.23 11.86
CA GLN B 178 -25.88 6.87 10.69
C GLN B 178 -26.94 7.18 9.63
N GLN B 179 -27.80 6.20 9.32
CA GLN B 179 -28.96 6.37 8.40
C GLN B 179 -29.83 7.52 8.92
N ALA B 180 -30.13 7.54 10.23
CA ALA B 180 -30.99 8.56 10.88
C ALA B 180 -30.38 9.95 10.73
N GLU B 181 -29.07 10.08 10.98
CA GLU B 181 -28.31 11.35 10.90
C GLU B 181 -28.34 11.90 9.45
N HIS B 182 -28.17 11.04 8.45
CA HIS B 182 -28.23 11.42 7.02
C HIS B 182 -29.64 11.96 6.68
N SER B 183 -30.70 11.32 7.16
CA SER B 183 -32.09 11.51 6.64
C SER B 183 -33.00 12.28 7.60
N PHE B 184 -32.55 12.70 8.78
CA PHE B 184 -33.40 13.44 9.74
C PHE B 184 -32.73 14.73 10.24
N ALA B 185 -31.38 14.78 10.25
CA ALA B 185 -30.55 15.97 10.56
C ALA B 185 -29.72 16.42 9.34
N GLY B 186 -29.97 15.83 8.17
CA GLY B 186 -29.34 16.17 6.86
C GLY B 186 -27.81 16.23 6.86
N MET B 187 -27.11 15.38 7.63
CA MET B 187 -25.62 15.37 7.80
C MET B 187 -25.04 14.04 7.34
N PRO B 188 -24.32 14.00 6.19
CA PRO B 188 -23.87 12.74 5.60
C PRO B 188 -22.58 12.19 6.22
N CYS B 189 -22.60 11.91 7.53
CA CYS B 189 -21.44 11.47 8.36
C CYS B 189 -20.93 10.10 7.89
N GLY B 190 -19.71 9.76 8.33
CA GLY B 190 -19.15 8.40 8.29
C GLY B 190 -19.63 7.61 9.50
N ILE B 191 -18.98 6.49 9.79
CA ILE B 191 -19.48 5.49 10.77
C ILE B 191 -18.79 5.71 12.13
N MET B 192 -17.64 6.40 12.19
CA MET B 192 -16.86 6.64 13.45
C MET B 192 -17.82 6.90 14.64
N ASP B 193 -18.46 8.07 14.69
CA ASP B 193 -19.06 8.68 15.91
C ASP B 193 -20.08 7.70 16.50
N GLN B 194 -20.90 7.08 15.67
CA GLN B 194 -21.92 6.11 16.12
C GLN B 194 -21.18 4.89 16.70
N PHE B 195 -20.14 4.42 16.03
CA PHE B 195 -19.40 3.17 16.40
C PHE B 195 -18.77 3.32 17.78
N ILE B 196 -18.08 4.44 18.04
CA ILE B 196 -17.39 4.69 19.34
C ILE B 196 -18.45 4.86 20.45
N SER B 197 -19.62 5.43 20.15
CA SER B 197 -20.67 5.70 21.16
C SER B 197 -21.23 4.36 21.67
N LEU B 198 -21.30 3.34 20.80
CA LEU B 198 -21.71 1.95 21.14
C LEU B 198 -20.57 1.15 21.79
N MET B 199 -19.34 1.15 21.24
CA MET B 199 -18.29 0.13 21.58
C MET B 199 -17.20 0.73 22.48
N GLY B 200 -17.28 2.00 22.89
CA GLY B 200 -16.32 2.53 23.87
C GLY B 200 -16.17 1.56 25.05
N GLN B 201 -14.97 1.44 25.59
CA GLN B 201 -14.71 0.81 26.91
C GLN B 201 -13.77 1.72 27.70
N LYS B 202 -14.07 1.95 28.97
CA LYS B 202 -13.22 2.71 29.93
C LYS B 202 -11.77 2.26 29.74
N GLY B 203 -10.84 3.23 29.70
CA GLY B 203 -9.39 3.02 29.52
C GLY B 203 -9.01 2.27 28.25
N HIS B 204 -9.82 2.35 27.18
CA HIS B 204 -9.45 1.86 25.82
C HIS B 204 -9.71 2.94 24.77
N ALA B 205 -8.78 3.16 23.85
CA ALA B 205 -9.07 3.80 22.55
C ALA B 205 -9.57 2.67 21.62
N LEU B 206 -10.48 3.07 20.68
CA LEU B 206 -11.11 2.14 19.70
C LEU B 206 -10.47 2.35 18.31
N LEU B 207 -9.82 1.31 17.77
CA LEU B 207 -9.31 1.32 16.39
C LEU B 207 -10.34 0.63 15.49
N ILE B 208 -10.99 1.37 14.61
CA ILE B 208 -12.01 0.86 13.65
C ILE B 208 -11.38 0.86 12.27
N ASP B 209 -11.24 -0.31 11.69
CA ASP B 209 -10.96 -0.51 10.27
C ASP B 209 -12.31 -0.28 9.59
N CYS B 210 -12.48 0.88 8.94
CA CYS B 210 -13.74 1.29 8.25
C CYS B 210 -13.90 0.55 6.91
N ARG B 211 -12.96 -0.28 6.49
CA ARG B 211 -13.16 -1.17 5.31
C ARG B 211 -13.70 -2.54 5.77
N SER B 212 -12.93 -3.29 6.57
CA SER B 212 -13.29 -4.65 7.05
C SER B 212 -14.42 -4.57 8.11
N LEU B 213 -14.52 -3.45 8.83
CA LEU B 213 -15.50 -3.28 9.93
C LEU B 213 -15.01 -4.04 11.18
N GLU B 214 -13.81 -4.64 11.14
CA GLU B 214 -13.12 -5.18 12.34
C GLU B 214 -12.89 -4.02 13.30
N THR B 215 -12.93 -4.25 14.62
CA THR B 215 -12.70 -3.18 15.61
C THR B 215 -11.68 -3.73 16.63
N SER B 216 -10.95 -2.83 17.32
CA SER B 216 -9.96 -3.25 18.34
C SER B 216 -10.06 -2.34 19.56
N LEU B 217 -10.06 -2.94 20.75
CA LEU B 217 -9.98 -2.14 21.99
C LEU B 217 -8.50 -2.15 22.40
N VAL B 218 -7.91 -0.96 22.43
CA VAL B 218 -6.46 -0.82 22.67
C VAL B 218 -6.28 -0.16 24.02
N PRO B 219 -5.66 -0.88 24.99
CA PRO B 219 -5.44 -0.33 26.33
C PRO B 219 -4.68 1.00 26.37
N LEU B 220 -5.31 2.05 26.92
CA LEU B 220 -4.61 3.28 27.39
C LEU B 220 -4.35 3.11 28.89
N SER B 221 -3.29 2.37 29.25
CA SER B 221 -3.04 1.85 30.62
C SER B 221 -2.14 2.79 31.44
N ASP B 222 -1.51 3.82 30.83
CA ASP B 222 -0.68 4.77 31.62
C ASP B 222 -1.60 5.82 32.25
N PRO B 223 -1.72 5.90 33.60
CA PRO B 223 -2.55 6.91 34.24
C PRO B 223 -1.85 8.27 34.34
N LYS B 224 -0.52 8.28 34.14
CA LYS B 224 0.33 9.50 34.28
C LYS B 224 0.06 10.45 33.10
N LEU B 225 -0.76 10.05 32.12
CA LEU B 225 -1.10 10.93 30.97
C LEU B 225 -2.60 10.86 30.64
N ALA B 226 -3.09 11.89 29.97
CA ALA B 226 -4.53 12.14 29.72
C ALA B 226 -4.71 12.91 28.42
N VAL B 227 -5.95 13.28 28.10
CA VAL B 227 -6.36 14.02 26.88
C VAL B 227 -7.08 15.31 27.30
N LEU B 228 -6.48 16.46 26.98
CA LEU B 228 -7.08 17.80 27.16
C LEU B 228 -7.86 18.14 25.90
N ILE B 229 -9.17 18.19 26.01
CA ILE B 229 -10.11 18.61 24.94
C ILE B 229 -10.29 20.11 25.12
N THR B 230 -9.92 20.92 24.13
CA THR B 230 -10.13 22.39 24.18
C THR B 230 -11.18 22.73 23.13
N ASN B 231 -12.24 23.42 23.54
CA ASN B 231 -13.36 23.82 22.66
C ASN B 231 -13.08 25.27 22.28
N SER B 232 -13.11 25.55 20.97
CA SER B 232 -12.98 26.91 20.39
C SER B 232 -14.12 27.79 20.86
N ASN B 233 -15.30 27.19 21.07
CA ASN B 233 -16.62 27.88 21.26
C ASN B 233 -16.92 28.70 20.00
N VAL B 234 -16.46 28.17 18.86
CA VAL B 234 -16.63 28.76 17.51
C VAL B 234 -17.32 27.70 16.63
N ARG B 235 -18.35 28.10 15.88
CA ARG B 235 -18.94 27.34 14.73
C ARG B 235 -19.03 28.29 13.52
N HIS B 236 -18.22 28.03 12.48
CA HIS B 236 -18.25 28.78 11.19
C HIS B 236 -19.25 28.14 10.23
N SER B 237 -19.68 28.92 9.22
CA SER B 237 -20.63 28.49 8.15
C SER B 237 -20.00 27.33 7.36
N LEU B 238 -18.71 27.45 7.04
CA LEU B 238 -17.89 26.44 6.30
C LEU B 238 -18.05 25.02 6.89
N ALA B 239 -18.63 24.88 8.09
CA ALA B 239 -18.93 23.57 8.72
C ALA B 239 -19.77 22.70 7.74
N SER B 240 -20.99 23.15 7.41
CA SER B 240 -22.02 22.38 6.64
C SER B 240 -21.59 22.25 5.17
N SER B 241 -21.55 23.37 4.44
CA SER B 241 -21.16 23.47 3.01
C SER B 241 -20.05 22.44 2.67
N GLU B 242 -18.94 22.44 3.43
CA GLU B 242 -17.63 21.81 3.01
C GLU B 242 -17.58 20.31 3.29
N TYR B 243 -18.29 19.80 4.31
CA TYR B 243 -18.26 18.37 4.72
C TYR B 243 -18.60 17.55 3.47
N PRO B 244 -19.81 17.69 2.86
CA PRO B 244 -20.16 16.95 1.64
C PRO B 244 -19.30 17.29 0.41
N VAL B 245 -18.74 18.50 0.32
CA VAL B 245 -17.88 18.91 -0.83
C VAL B 245 -16.63 18.03 -0.80
N ARG B 246 -15.96 17.94 0.38
CA ARG B 246 -14.76 17.09 0.65
C ARG B 246 -15.04 15.63 0.29
N ARG B 247 -16.18 15.09 0.75
CA ARG B 247 -16.59 13.70 0.45
C ARG B 247 -16.76 13.57 -1.09
N ARG B 248 -17.31 14.60 -1.73
CA ARG B 248 -17.44 14.68 -3.21
C ARG B 248 -16.04 14.59 -3.84
N GLN B 249 -15.04 15.31 -3.30
CA GLN B 249 -13.65 15.37 -3.87
C GLN B 249 -12.99 13.99 -3.83
N CYS B 250 -12.95 13.36 -2.65
CA CYS B 250 -12.21 12.08 -2.38
C CYS B 250 -12.67 10.99 -3.33
N GLU B 251 -13.99 10.86 -3.51
CA GLU B 251 -14.63 9.98 -4.51
C GLU B 251 -14.08 10.36 -5.91
N GLU B 252 -14.09 11.66 -6.28
CA GLU B 252 -13.59 12.17 -7.59
C GLU B 252 -12.14 11.70 -7.86
N VAL B 253 -11.23 11.82 -6.88
CA VAL B 253 -9.79 11.45 -7.02
C VAL B 253 -9.65 9.94 -7.12
N ALA B 254 -10.16 9.21 -6.12
CA ALA B 254 -10.18 7.73 -6.08
C ALA B 254 -10.66 7.17 -7.41
N ARG B 255 -11.75 7.76 -7.93
CA ARG B 255 -12.33 7.51 -9.28
C ARG B 255 -11.28 7.81 -10.35
N ALA B 256 -10.61 8.98 -10.29
CA ALA B 256 -9.57 9.42 -11.27
C ALA B 256 -8.32 8.53 -11.22
N LEU B 257 -7.95 7.98 -10.05
CA LEU B 257 -6.71 7.16 -9.87
C LEU B 257 -7.05 5.65 -10.05
N GLY B 258 -8.30 5.43 -10.59
CA GLY B 258 -8.94 4.10 -10.70
C GLY B 258 -8.63 3.24 -9.48
N ALA B 259 -9.24 3.58 -8.34
CA ALA B 259 -9.16 2.84 -7.06
C ALA B 259 -10.56 2.58 -6.47
N ALA B 260 -10.77 1.46 -5.78
CA ALA B 260 -12.00 1.18 -5.01
C ALA B 260 -12.27 2.37 -4.07
N SER B 261 -11.27 2.75 -3.27
CA SER B 261 -11.29 3.92 -2.35
C SER B 261 -9.84 4.38 -2.05
N LEU B 262 -9.67 5.52 -1.39
CA LEU B 262 -8.30 6.02 -1.12
C LEU B 262 -7.57 5.05 -0.20
N ARG B 263 -8.30 4.09 0.37
CA ARG B 263 -7.75 3.02 1.24
C ARG B 263 -6.86 2.11 0.38
N GLU B 264 -7.26 1.90 -0.87
CA GLU B 264 -6.50 1.10 -1.88
C GLU B 264 -5.26 1.88 -2.35
N VAL B 265 -5.23 3.22 -2.25
CA VAL B 265 -4.16 4.11 -2.81
C VAL B 265 -2.93 4.15 -1.89
N GLN B 266 -1.76 3.74 -2.42
CA GLN B 266 -0.44 3.84 -1.73
C GLN B 266 0.12 5.26 -1.96
N LEU B 267 0.83 5.79 -0.95
CA LEU B 267 1.19 7.23 -0.81
C LEU B 267 2.22 7.58 -1.90
N GLU B 268 3.21 6.71 -2.09
CA GLU B 268 4.35 6.94 -3.00
C GLU B 268 3.78 6.94 -4.43
N GLU B 269 2.89 5.96 -4.71
CA GLU B 269 2.18 5.89 -6.01
C GLU B 269 1.44 7.22 -6.23
N LEU B 270 0.73 7.72 -5.22
CA LEU B 270 -0.04 8.99 -5.34
C LEU B 270 0.88 10.20 -5.68
N GLU B 271 2.06 10.33 -5.06
CA GLU B 271 2.92 11.55 -5.24
C GLU B 271 3.38 11.61 -6.70
N ALA B 272 3.30 10.48 -7.42
CA ALA B 272 3.71 10.29 -8.82
C ALA B 272 2.52 10.34 -9.80
N ALA B 273 1.29 10.56 -9.30
CA ALA B 273 0.03 10.56 -10.12
C ALA B 273 -0.67 11.99 -10.12
N ARG B 274 0.27 13.01 -9.94
CA ARG B 274 -0.06 14.46 -10.02
C ARG B 274 -0.58 14.87 -11.42
N ASP B 275 -0.38 14.11 -12.50
CA ASP B 275 -0.94 14.57 -13.82
C ASP B 275 -2.28 13.88 -14.05
N LEU B 276 -2.63 12.86 -13.25
CA LEU B 276 -3.93 12.15 -13.32
C LEU B 276 -5.09 13.00 -12.72
N VAL B 277 -4.80 13.97 -11.84
CA VAL B 277 -5.79 14.64 -10.95
C VAL B 277 -5.50 16.14 -10.77
N SER B 278 -6.58 16.87 -10.35
CA SER B 278 -6.62 18.28 -9.89
C SER B 278 -5.61 18.49 -8.77
N LYS B 279 -5.09 19.71 -8.66
CA LYS B 279 -4.11 20.11 -7.61
C LYS B 279 -4.80 20.01 -6.26
N GLU B 280 -6.11 20.29 -6.25
CA GLU B 280 -7.00 20.31 -5.06
C GLU B 280 -7.29 18.87 -4.65
N GLY B 281 -7.86 18.08 -5.56
CA GLY B 281 -8.07 16.62 -5.38
C GLY B 281 -6.82 15.95 -4.80
N PHE B 282 -5.66 16.20 -5.40
CA PHE B 282 -4.32 15.64 -5.07
C PHE B 282 -4.06 15.84 -3.55
N ARG B 283 -4.13 17.15 -3.15
CA ARG B 283 -3.87 17.57 -1.74
C ARG B 283 -4.86 16.86 -0.79
N ARG B 284 -6.14 16.73 -1.15
CA ARG B 284 -7.13 16.07 -0.26
C ARG B 284 -6.73 14.61 -0.09
N ALA B 285 -6.30 13.96 -1.19
CA ALA B 285 -5.98 12.53 -1.21
C ALA B 285 -4.65 12.33 -0.48
N ARG B 286 -3.76 13.32 -0.50
CA ARG B 286 -2.49 13.23 0.31
C ARG B 286 -2.85 13.25 1.82
N HIS B 287 -3.77 14.14 2.23
CA HIS B 287 -4.32 14.10 3.63
C HIS B 287 -4.79 12.66 3.92
N VAL B 288 -5.72 12.17 3.09
CA VAL B 288 -6.48 10.93 3.44
C VAL B 288 -5.50 9.74 3.55
N VAL B 289 -4.63 9.57 2.56
CA VAL B 289 -3.73 8.38 2.44
C VAL B 289 -2.71 8.42 3.59
N GLY B 290 -2.08 9.66 3.70
CA GLY B 290 -1.19 10.00 4.82
C GLY B 290 -1.84 9.72 6.16
N GLU B 291 -3.03 10.28 6.40
CA GLU B 291 -3.80 10.07 7.66
C GLU B 291 -3.95 8.56 7.90
N ILE B 292 -4.40 7.78 6.87
CA ILE B 292 -4.58 6.31 7.05
C ILE B 292 -3.26 5.68 7.55
N ARG B 293 -2.13 6.03 6.95
CA ARG B 293 -0.79 5.50 7.33
C ARG B 293 -0.48 5.97 8.76
N ARG B 294 -0.56 7.30 8.97
CA ARG B 294 -0.30 7.90 10.30
C ARG B 294 -1.15 7.22 11.41
N THR B 295 -2.38 6.75 11.13
CA THR B 295 -3.30 6.15 12.13
C THR B 295 -2.81 4.73 12.52
N ALA B 296 -2.45 3.88 11.55
CA ALA B 296 -1.83 2.55 11.79
C ALA B 296 -0.60 2.70 12.69
N GLN B 297 0.20 3.74 12.44
CA GLN B 297 1.49 4.04 13.12
C GLN B 297 1.19 4.55 14.55
N ALA B 298 0.08 5.28 14.69
CA ALA B 298 -0.47 5.79 15.97
C ALA B 298 -0.88 4.62 16.92
N ALA B 299 -1.67 3.68 16.38
CA ALA B 299 -2.04 2.43 17.08
C ALA B 299 -0.77 1.74 17.57
N ALA B 300 0.24 1.70 16.69
CA ALA B 300 1.46 0.89 16.89
C ALA B 300 2.18 1.45 18.17
N ALA B 301 2.35 2.83 18.10
CA ALA B 301 2.90 3.63 19.20
C ALA B 301 2.08 3.43 20.49
N LEU B 302 0.76 3.24 20.39
CA LEU B 302 -0.12 2.94 21.57
C LEU B 302 0.43 1.68 22.26
N ARG B 303 0.57 0.59 21.49
CA ARG B 303 0.96 -0.76 21.98
C ARG B 303 2.39 -0.77 22.53
N ARG B 304 3.20 0.25 22.24
CA ARG B 304 4.60 0.38 22.72
C ARG B 304 4.68 1.37 23.88
N GLY B 305 3.58 2.09 24.18
CA GLY B 305 3.59 3.23 25.13
C GLY B 305 4.52 4.33 24.64
N ASP B 306 4.47 4.66 23.34
CA ASP B 306 5.32 5.72 22.74
C ASP B 306 4.47 7.00 22.65
N TYR B 307 4.38 7.72 23.77
CA TYR B 307 3.57 8.96 23.90
C TYR B 307 4.15 10.03 22.96
N ARG B 308 5.46 10.26 23.01
CA ARG B 308 6.12 11.29 22.15
C ARG B 308 5.76 11.00 20.69
N ALA B 309 5.91 9.75 20.26
CA ALA B 309 5.67 9.30 18.86
C ALA B 309 4.22 9.61 18.51
N PHE B 310 3.28 9.04 19.27
CA PHE B 310 1.82 9.29 19.14
C PHE B 310 1.59 10.80 18.92
N GLY B 311 2.27 11.58 19.78
CA GLY B 311 2.07 13.03 19.85
C GLY B 311 2.59 13.75 18.62
N ARG B 312 3.73 13.29 18.06
CA ARG B 312 4.30 13.83 16.81
C ARG B 312 3.36 13.42 15.66
N LEU B 313 2.75 12.24 15.73
CA LEU B 313 1.80 11.80 14.67
C LEU B 313 0.56 12.69 14.69
N MET B 314 0.09 13.11 15.89
CA MET B 314 -1.11 13.98 16.04
C MET B 314 -0.80 15.34 15.40
N VAL B 315 0.35 15.93 15.72
CA VAL B 315 0.80 17.23 15.14
C VAL B 315 0.89 17.09 13.62
N GLU B 316 1.37 15.96 13.09
CA GLU B 316 1.43 15.71 11.62
C GLU B 316 0.00 15.73 11.06
N SER B 317 -0.92 15.00 11.71
CA SER B 317 -2.37 14.97 11.35
C SER B 317 -2.85 16.40 11.07
N HIS B 318 -2.58 17.27 12.07
CA HIS B 318 -3.10 18.66 12.12
C HIS B 318 -2.55 19.48 10.92
N ARG B 319 -1.22 19.43 10.73
CA ARG B 319 -0.51 20.09 9.61
C ARG B 319 -1.28 19.67 8.33
N SER B 320 -1.54 18.28 8.24
CA SER B 320 -2.20 17.72 7.03
C SER B 320 -3.62 18.27 6.89
N LEU B 321 -4.34 18.40 8.02
CA LEU B 321 -5.77 18.81 8.00
C LEU B 321 -5.84 20.31 7.67
N ARG B 322 -4.82 21.06 8.06
CA ARG B 322 -4.82 22.54 7.90
C ARG B 322 -4.41 22.90 6.46
N ASP B 323 -3.33 22.30 5.95
CA ASP B 323 -2.75 22.62 4.60
C ASP B 323 -3.43 21.77 3.48
N ASP B 324 -3.36 20.43 3.64
CA ASP B 324 -3.75 19.52 2.54
C ASP B 324 -5.26 19.44 2.44
N TYR B 325 -5.99 19.24 3.55
CA TYR B 325 -7.46 19.03 3.53
C TYR B 325 -8.19 20.40 3.63
N GLU B 326 -7.56 21.38 4.31
CA GLU B 326 -8.18 22.70 4.61
C GLU B 326 -9.51 22.52 5.34
N VAL B 327 -9.56 21.87 6.52
CA VAL B 327 -10.80 21.78 7.33
C VAL B 327 -10.53 22.36 8.72
N SER B 328 -9.38 23.00 8.94
CA SER B 328 -9.09 23.70 10.22
C SER B 328 -9.63 25.13 10.10
N CYS B 329 -9.21 26.01 11.04
CA CYS B 329 -9.65 27.43 11.09
C CYS B 329 -8.73 28.20 12.06
N PRO B 330 -8.60 29.54 11.87
CA PRO B 330 -7.57 30.28 12.60
C PRO B 330 -7.59 29.92 14.11
N GLU B 331 -8.79 29.75 14.69
CA GLU B 331 -8.99 29.57 16.17
C GLU B 331 -8.34 28.23 16.69
N LEU B 332 -8.61 27.16 15.89
CA LEU B 332 -8.05 25.81 16.13
C LEU B 332 -6.52 25.84 16.09
N ASP B 333 -5.89 26.51 15.10
CA ASP B 333 -4.42 26.46 14.87
C ASP B 333 -3.73 27.25 15.99
N GLN B 334 -4.44 28.28 16.48
CA GLN B 334 -3.96 29.12 17.61
C GLN B 334 -3.95 28.22 18.85
N LEU B 335 -5.00 27.42 19.02
CA LEU B 335 -5.14 26.51 20.18
C LEU B 335 -4.05 25.42 20.13
N VAL B 336 -3.90 24.76 18.97
CA VAL B 336 -2.83 23.75 18.73
C VAL B 336 -1.45 24.37 19.02
N GLU B 337 -1.17 25.57 18.46
CA GLU B 337 0.12 26.28 18.60
C GLU B 337 0.43 26.55 20.09
N ALA B 338 -0.57 27.00 20.85
CA ALA B 338 -0.42 27.30 22.29
C ALA B 338 -0.17 26.02 23.06
N ALA B 339 -0.95 24.98 22.76
CA ALA B 339 -0.83 23.66 23.41
C ALA B 339 0.61 23.13 23.25
N LEU B 340 1.14 23.17 22.01
CA LEU B 340 2.49 22.61 21.69
C LEU B 340 3.57 23.39 22.44
N ALA B 341 3.32 24.66 22.74
CA ALA B 341 4.24 25.56 23.49
C ALA B 341 4.25 25.28 24.99
N VAL B 342 3.82 24.09 25.45
CA VAL B 342 3.64 23.85 26.91
C VAL B 342 4.39 22.59 27.35
N PRO B 343 5.33 22.68 28.31
CA PRO B 343 6.05 21.51 28.76
C PRO B 343 5.03 20.53 29.38
N GLY B 344 5.14 19.24 29.02
CA GLY B 344 4.17 18.19 29.33
C GLY B 344 3.32 17.81 28.13
N VAL B 345 3.06 18.74 27.20
CA VAL B 345 2.28 18.42 25.97
C VAL B 345 3.15 17.61 25.01
N TYR B 346 2.56 16.66 24.29
CA TYR B 346 3.26 15.73 23.39
C TYR B 346 2.69 15.84 21.98
N GLY B 347 1.43 16.26 21.89
CA GLY B 347 0.81 16.61 20.60
C GLY B 347 -0.54 17.26 20.82
N SER B 348 -1.09 17.87 19.77
CA SER B 348 -2.39 18.56 19.76
C SER B 348 -2.83 18.70 18.31
N ARG B 349 -4.13 18.75 18.06
CA ARG B 349 -4.74 18.75 16.71
C ARG B 349 -6.25 18.94 16.86
N MET B 350 -6.90 19.55 15.88
CA MET B 350 -8.38 19.56 15.81
C MET B 350 -8.88 18.12 15.84
N THR B 351 -10.02 17.85 16.52
CA THR B 351 -10.78 16.58 16.42
C THR B 351 -12.07 16.87 15.67
N GLY B 352 -12.70 15.81 15.19
CA GLY B 352 -13.96 15.87 14.41
C GLY B 352 -13.79 16.63 13.10
N GLY B 353 -14.90 17.13 12.57
CA GLY B 353 -15.07 17.61 11.17
C GLY B 353 -14.36 18.93 10.91
N GLY B 354 -14.06 19.69 11.96
CA GLY B 354 -13.33 20.97 11.85
C GLY B 354 -14.27 22.11 11.47
N PHE B 355 -13.67 23.25 11.06
CA PHE B 355 -14.32 24.57 10.89
C PHE B 355 -14.68 25.14 12.26
N GLY B 356 -14.03 24.60 13.29
CA GLY B 356 -14.23 24.97 14.69
C GLY B 356 -14.20 23.73 15.55
N GLY B 357 -14.96 23.76 16.64
CA GLY B 357 -15.02 22.66 17.61
C GLY B 357 -13.75 22.66 18.47
N CYS B 358 -13.25 21.41 18.70
CA CYS B 358 -12.24 21.12 19.75
C CYS B 358 -10.91 20.70 19.14
N THR B 359 -9.84 20.96 19.90
CA THR B 359 -8.51 20.35 19.76
C THR B 359 -8.36 19.22 20.80
N VAL B 360 -7.92 18.03 20.39
CA VAL B 360 -7.48 16.97 21.34
C VAL B 360 -5.99 17.16 21.61
N THR B 361 -5.54 17.00 22.86
CA THR B 361 -4.14 17.22 23.29
C THR B 361 -3.70 16.13 24.30
N LEU B 362 -2.70 15.33 23.91
CA LEU B 362 -2.06 14.29 24.75
C LEU B 362 -0.91 14.93 25.56
N LEU B 363 -0.92 14.81 26.90
CA LEU B 363 0.07 15.47 27.80
C LEU B 363 0.30 14.68 29.08
N GLU B 364 1.32 15.05 29.87
CA GLU B 364 1.42 14.64 31.31
C GLU B 364 0.17 15.18 32.03
N ALA B 365 -0.55 14.32 32.73
CA ALA B 365 -1.71 14.73 33.57
C ALA B 365 -1.37 15.99 34.39
N SER B 366 -0.22 15.98 35.08
CA SER B 366 0.19 17.07 36.01
C SER B 366 0.44 18.38 35.25
N ALA B 367 0.60 18.35 33.93
CA ALA B 367 0.87 19.56 33.12
C ALA B 367 -0.46 20.24 32.77
N ALA B 368 -1.58 19.51 32.91
CA ALA B 368 -2.92 19.95 32.46
C ALA B 368 -3.21 21.35 32.99
N PRO B 369 -2.93 21.63 34.29
CA PRO B 369 -3.16 22.96 34.86
C PRO B 369 -2.34 24.05 34.17
N HIS B 370 -1.01 23.91 34.10
CA HIS B 370 -0.17 24.89 33.37
C HIS B 370 -0.75 25.06 31.95
N ALA B 371 -0.98 23.93 31.28
CA ALA B 371 -1.51 23.87 29.90
C ALA B 371 -2.74 24.77 29.82
N MET B 372 -3.81 24.42 30.55
CA MET B 372 -5.10 25.16 30.56
C MET B 372 -4.85 26.67 30.74
N ARG B 373 -4.00 27.08 31.68
CA ARG B 373 -3.79 28.54 31.93
C ARG B 373 -3.27 29.14 30.62
N HIS B 374 -2.13 28.61 30.14
CA HIS B 374 -1.41 29.08 28.93
C HIS B 374 -2.37 29.18 27.74
N ILE B 375 -3.04 28.08 27.40
CA ILE B 375 -3.89 28.00 26.16
C ILE B 375 -4.91 29.15 26.16
N GLN B 376 -5.44 29.52 27.33
CA GLN B 376 -6.59 30.46 27.43
C GLN B 376 -6.09 31.92 27.31
N GLU B 377 -4.88 32.15 27.88
CA GLU B 377 -4.24 33.50 27.96
C GLU B 377 -3.53 33.82 26.65
N HIS B 378 -3.46 32.83 25.74
CA HIS B 378 -2.93 32.93 24.35
C HIS B 378 -4.02 32.61 23.31
N TYR B 379 -5.28 32.43 23.73
CA TYR B 379 -6.44 32.28 22.81
C TYR B 379 -7.29 33.56 22.89
N GLY B 380 -7.57 34.18 21.74
CA GLY B 380 -8.23 35.51 21.69
C GLY B 380 -9.69 35.42 22.10
N GLY B 381 -10.33 34.31 21.76
CA GLY B 381 -11.70 33.97 22.19
C GLY B 381 -11.68 33.31 23.55
N THR B 382 -12.76 32.57 23.84
CA THR B 382 -13.04 31.96 25.17
C THR B 382 -12.99 30.42 25.02
N ALA B 383 -11.89 29.83 25.56
CA ALA B 383 -11.64 28.38 25.55
C ALA B 383 -12.29 27.71 26.76
N THR B 384 -12.99 26.61 26.51
CA THR B 384 -13.57 25.66 27.49
C THR B 384 -12.70 24.39 27.51
N PHE B 385 -12.24 23.95 28.68
CA PHE B 385 -11.43 22.70 28.83
C PHE B 385 -12.29 21.54 29.36
N TYR B 386 -12.11 20.36 28.75
CA TYR B 386 -12.52 19.03 29.28
C TYR B 386 -11.28 18.15 29.40
N LEU B 387 -11.03 17.57 30.58
CA LEU B 387 -10.05 16.49 30.82
C LEU B 387 -10.80 15.16 30.79
N SER B 388 -10.42 14.24 29.91
CA SER B 388 -10.94 12.85 29.95
C SER B 388 -9.79 11.85 29.86
N GLN B 389 -10.00 10.69 30.46
CA GLN B 389 -9.39 9.41 30.03
C GLN B 389 -10.54 8.67 29.30
N ALA B 390 -10.23 7.44 28.85
CA ALA B 390 -11.14 6.72 27.93
C ALA B 390 -12.38 6.29 28.73
N ALA B 391 -13.57 6.66 28.27
CA ALA B 391 -14.82 6.37 29.01
C ALA B 391 -15.51 5.17 28.37
N ASP B 392 -16.61 4.72 29.01
CA ASP B 392 -17.46 3.59 28.54
C ASP B 392 -18.38 4.09 27.41
N GLY B 393 -18.81 3.12 26.58
CA GLY B 393 -19.90 3.35 25.61
C GLY B 393 -21.28 3.12 26.22
N ALA B 394 -22.23 2.80 25.34
CA ALA B 394 -23.67 2.60 25.60
C ALA B 394 -23.88 1.65 26.79
N LYS B 395 -24.63 2.09 27.80
CA LYS B 395 -25.01 1.15 28.88
C LYS B 395 -26.41 1.41 29.42
N VAL B 396 -26.85 0.48 30.26
CA VAL B 396 -28.22 0.35 30.81
C VAL B 396 -28.11 0.20 32.33
N LEU B 397 -28.80 1.08 33.07
CA LEU B 397 -29.00 0.96 34.54
C LEU B 397 -30.50 0.79 34.80
N CYS B 398 -30.88 -0.30 35.45
CA CYS B 398 -32.31 -0.58 35.73
C CYS B 398 -32.72 -0.11 37.14
N LEU B 399 -33.67 0.83 37.03
CA LEU B 399 -34.25 1.64 38.14
C LEU B 399 -35.45 0.88 38.71
N ALA C 9 -1.54 -5.39 -48.51
CA ALA C 9 -2.06 -3.99 -48.44
C ALA C 9 -1.10 -3.13 -47.62
N ALA C 10 -0.47 -3.68 -46.57
CA ALA C 10 0.62 -3.02 -45.82
C ALA C 10 1.85 -2.87 -46.74
N LEU C 11 2.21 -1.63 -47.09
CA LEU C 11 3.43 -1.27 -47.86
C LEU C 11 4.65 -1.84 -47.13
N ARG C 12 5.24 -2.93 -47.66
CA ARG C 12 6.39 -3.67 -47.06
C ARG C 12 7.43 -2.68 -46.51
N GLN C 13 7.95 -2.96 -45.31
CA GLN C 13 8.96 -2.14 -44.60
C GLN C 13 10.28 -2.88 -44.73
N PRO C 14 11.28 -2.32 -45.45
CA PRO C 14 12.58 -2.96 -45.53
C PRO C 14 13.21 -3.02 -44.13
N GLN C 15 13.85 -4.17 -43.85
CA GLN C 15 14.78 -4.36 -42.69
C GLN C 15 16.08 -3.58 -42.95
N VAL C 16 16.72 -3.11 -41.87
CA VAL C 16 18.05 -2.43 -41.85
C VAL C 16 18.99 -3.15 -42.84
N ALA C 17 19.23 -4.46 -42.67
CA ALA C 17 20.21 -5.23 -43.45
C ALA C 17 20.09 -4.90 -44.95
N GLU C 18 18.85 -4.70 -45.43
CA GLU C 18 18.57 -4.44 -46.87
C GLU C 18 18.83 -2.97 -47.17
N LEU C 19 18.43 -2.05 -46.29
CA LEU C 19 18.77 -0.62 -46.46
C LEU C 19 20.28 -0.44 -46.32
N LEU C 20 20.96 -1.32 -45.59
CA LEU C 20 22.44 -1.25 -45.45
C LEU C 20 23.07 -1.60 -46.81
N ALA C 21 22.77 -2.79 -47.33
CA ALA C 21 23.20 -3.34 -48.64
C ALA C 21 23.05 -2.27 -49.74
N GLU C 22 21.88 -1.62 -49.79
CA GLU C 22 21.55 -0.56 -50.77
C GLU C 22 22.50 0.62 -50.51
N ALA C 23 22.46 1.23 -49.33
CA ALA C 23 23.34 2.35 -48.97
C ALA C 23 24.79 1.96 -49.32
N ARG C 24 25.16 0.70 -49.09
CA ARG C 24 26.52 0.18 -49.33
C ARG C 24 26.83 0.22 -50.83
N ARG C 25 26.04 -0.49 -51.67
CA ARG C 25 26.28 -0.64 -53.13
C ARG C 25 26.37 0.77 -53.74
N ALA C 26 25.44 1.66 -53.38
CA ALA C 26 25.38 3.05 -53.91
C ALA C 26 26.69 3.76 -53.54
N PHE C 27 27.12 3.65 -52.29
CA PHE C 27 28.35 4.32 -51.77
C PHE C 27 29.59 3.88 -52.57
N ARG C 28 29.69 2.59 -52.87
CA ARG C 28 30.83 1.97 -53.59
C ARG C 28 30.88 2.55 -55.01
N GLU C 29 29.74 2.49 -55.72
CA GLU C 29 29.55 3.09 -57.07
C GLU C 29 30.00 4.56 -57.04
N GLU C 30 29.63 5.32 -56.02
CA GLU C 30 29.84 6.80 -55.97
C GLU C 30 31.30 7.18 -55.66
N PHE C 31 31.93 6.47 -54.69
CA PHE C 31 33.17 6.96 -54.02
C PHE C 31 34.39 6.04 -54.30
N GLY C 32 34.20 4.89 -54.94
CA GLY C 32 35.31 4.00 -55.40
C GLY C 32 35.88 3.14 -54.29
N ALA C 33 35.30 3.23 -53.09
CA ALA C 33 35.72 2.48 -51.88
C ALA C 33 34.47 1.97 -51.14
N GLU C 34 34.57 0.79 -50.49
CA GLU C 34 33.57 0.33 -49.49
C GLU C 34 33.46 1.41 -48.41
N PRO C 35 32.25 1.68 -47.86
CA PRO C 35 32.09 2.57 -46.71
C PRO C 35 32.57 1.88 -45.40
N GLU C 36 32.89 2.75 -44.42
CA GLU C 36 33.57 2.35 -43.15
C GLU C 36 32.56 2.23 -42.00
N LEU C 37 31.66 3.22 -41.87
CA LEU C 37 30.65 3.38 -40.79
C LEU C 37 29.25 3.20 -41.35
N ALA C 38 28.32 2.66 -40.55
CA ALA C 38 26.87 2.64 -40.84
C ALA C 38 26.05 2.96 -39.57
N VAL C 39 25.05 3.81 -39.72
CA VAL C 39 24.12 4.18 -38.63
C VAL C 39 22.69 4.09 -39.15
N SER C 40 21.73 3.85 -38.23
CA SER C 40 20.28 3.90 -38.49
C SER C 40 19.65 4.81 -37.46
N ALA C 41 18.64 5.58 -37.86
CA ALA C 41 17.75 6.35 -36.98
C ALA C 41 16.35 6.23 -37.54
N PRO C 42 15.34 5.88 -36.70
CA PRO C 42 14.00 5.57 -37.19
C PRO C 42 13.09 6.85 -37.07
N GLY C 43 12.06 6.80 -37.97
CA GLY C 43 10.89 7.66 -37.78
C GLY C 43 10.08 7.23 -36.56
N ARG C 44 8.95 7.88 -36.36
CA ARG C 44 8.14 7.74 -35.15
C ARG C 44 6.66 7.88 -35.51
N VAL C 45 5.82 7.17 -34.75
CA VAL C 45 4.38 7.50 -34.60
C VAL C 45 4.12 7.85 -33.13
N ASN C 46 3.43 8.95 -32.88
CA ASN C 46 2.92 9.33 -31.53
C ASN C 46 1.60 8.57 -31.19
N LEU C 47 1.60 7.58 -30.30
CA LEU C 47 0.36 6.89 -29.83
C LEU C 47 -0.63 7.93 -29.22
N ILE C 48 -0.13 8.94 -28.48
CA ILE C 48 -0.96 10.02 -27.87
C ILE C 48 -0.04 11.05 -27.20
N GLY C 49 -0.56 12.26 -27.01
CA GLY C 49 0.17 13.41 -26.42
C GLY C 49 0.63 14.36 -27.52
N GLU C 50 -0.31 14.80 -28.35
CA GLU C 50 -0.07 15.70 -29.49
C GLU C 50 -0.19 17.16 -29.05
N HIS C 51 0.78 18.00 -29.46
CA HIS C 51 0.82 19.48 -29.29
C HIS C 51 1.03 19.80 -27.81
N THR C 52 1.71 18.87 -27.13
CA THR C 52 2.13 18.98 -25.71
C THR C 52 3.65 19.16 -25.55
N ASP C 53 4.49 18.69 -26.49
CA ASP C 53 5.96 18.66 -26.21
C ASP C 53 6.53 20.08 -26.08
N TYR C 54 6.08 21.07 -26.88
CA TYR C 54 6.53 22.49 -26.73
C TYR C 54 5.75 23.14 -25.57
N ASN C 55 4.89 22.38 -24.90
CA ASN C 55 4.09 22.83 -23.73
C ASN C 55 4.60 22.15 -22.46
N GLN C 56 5.83 21.62 -22.52
CA GLN C 56 6.50 20.90 -21.40
C GLN C 56 5.52 19.86 -20.84
N GLY C 57 4.78 19.20 -21.73
CA GLY C 57 3.75 18.21 -21.38
C GLY C 57 4.30 16.80 -21.46
N LEU C 58 3.43 15.81 -21.68
CA LEU C 58 3.81 14.37 -21.75
C LEU C 58 3.52 13.89 -23.17
N VAL C 59 4.32 12.96 -23.68
CA VAL C 59 4.07 12.35 -25.02
C VAL C 59 4.40 10.85 -24.90
N LEU C 60 3.79 10.06 -25.82
CA LEU C 60 3.99 8.60 -25.78
C LEU C 60 4.25 8.10 -27.20
N PRO C 61 5.40 8.43 -27.80
CA PRO C 61 5.74 7.91 -29.12
C PRO C 61 6.33 6.51 -29.07
N MET C 62 6.39 5.86 -30.23
CA MET C 62 7.28 4.70 -30.43
C MET C 62 8.02 4.86 -31.77
N ALA C 63 9.22 4.30 -31.88
CA ALA C 63 10.02 4.26 -33.12
C ALA C 63 9.42 3.22 -34.06
N LEU C 64 9.36 3.56 -35.35
CA LEU C 64 8.88 2.65 -36.42
C LEU C 64 10.06 1.85 -36.97
N GLU C 65 9.76 0.77 -37.69
CA GLU C 65 10.69 -0.01 -38.54
C GLU C 65 11.25 0.94 -39.59
N LEU C 66 10.37 1.71 -40.26
CA LEU C 66 10.73 2.80 -41.18
C LEU C 66 11.94 3.55 -40.60
N MET C 67 13.01 3.72 -41.40
CA MET C 67 14.23 4.41 -40.89
C MET C 67 15.07 5.02 -42.01
N THR C 68 15.98 5.89 -41.57
CA THR C 68 16.99 6.54 -42.40
C THR C 68 18.32 5.86 -42.05
N VAL C 69 18.98 5.26 -43.06
CA VAL C 69 20.32 4.62 -42.93
C VAL C 69 21.35 5.54 -43.59
N LEU C 70 22.52 5.60 -42.99
CA LEU C 70 23.62 6.47 -43.47
C LEU C 70 24.90 5.66 -43.39
N VAL C 71 25.50 5.31 -44.54
CA VAL C 71 26.85 4.69 -44.59
C VAL C 71 27.81 5.79 -45.06
N GLY C 72 29.04 5.83 -44.52
CA GLY C 72 29.98 6.93 -44.77
C GLY C 72 31.43 6.57 -44.42
N SER C 73 32.32 7.57 -44.63
CA SER C 73 33.75 7.50 -44.22
C SER C 73 34.29 8.88 -43.90
N PRO C 74 35.24 8.95 -42.93
CA PRO C 74 35.95 10.19 -42.67
C PRO C 74 36.73 10.56 -43.93
N ARG C 75 37.05 11.86 -44.09
CA ARG C 75 37.88 12.46 -45.18
C ARG C 75 38.92 13.42 -44.57
N LYS C 76 40.12 13.50 -45.18
CA LYS C 76 41.24 14.33 -44.64
C LYS C 76 41.19 15.81 -45.12
N ASP C 77 40.29 16.13 -46.11
CA ASP C 77 40.29 17.44 -46.84
C ASP C 77 39.18 18.38 -46.35
N GLY C 78 38.41 17.99 -45.32
CA GLY C 78 37.47 18.90 -44.65
C GLY C 78 36.27 19.24 -45.52
N LEU C 79 36.01 18.44 -46.55
CA LEU C 79 34.78 18.57 -47.39
C LEU C 79 33.70 17.63 -46.86
N VAL C 80 32.45 17.96 -47.12
CA VAL C 80 31.33 17.02 -46.90
C VAL C 80 30.75 16.69 -48.27
N SER C 81 30.74 15.39 -48.60
CA SER C 81 30.11 14.94 -49.91
C SER C 81 29.02 13.87 -49.58
N LEU C 82 27.80 14.23 -50.09
CA LEU C 82 26.53 13.52 -49.83
C LEU C 82 25.92 13.12 -51.16
N LEU C 83 25.40 11.88 -51.16
CA LEU C 83 24.45 11.31 -52.15
C LEU C 83 23.22 10.74 -51.38
N THR C 84 22.02 11.03 -51.87
CA THR C 84 20.78 10.35 -51.43
C THR C 84 20.14 9.62 -52.60
N THR C 85 19.60 8.42 -52.34
CA THR C 85 18.72 7.63 -53.25
C THR C 85 17.24 7.87 -52.90
N SER C 86 16.93 8.67 -51.89
CA SER C 86 15.53 8.91 -51.43
C SER C 86 14.79 9.75 -52.46
N GLU C 87 14.29 9.16 -53.55
CA GLU C 87 13.41 9.89 -54.50
C GLU C 87 12.19 10.41 -53.71
N GLY C 88 11.67 11.57 -54.13
CA GLY C 88 10.94 12.50 -53.27
C GLY C 88 11.85 13.63 -52.80
N ALA C 89 13.18 13.38 -52.72
CA ALA C 89 14.20 14.40 -52.39
C ALA C 89 14.28 15.44 -53.51
N ASP C 90 14.68 16.66 -53.18
CA ASP C 90 15.05 17.72 -54.16
C ASP C 90 16.23 17.31 -55.04
N GLU C 91 16.16 17.66 -56.33
CA GLU C 91 17.37 17.69 -57.21
C GLU C 91 18.20 18.89 -56.74
N PRO C 92 19.55 18.78 -56.63
CA PRO C 92 20.30 17.56 -56.91
C PRO C 92 20.43 16.56 -55.75
N GLN C 93 20.63 15.29 -56.11
CA GLN C 93 20.63 14.14 -55.17
C GLN C 93 22.02 14.07 -54.52
N ARG C 94 23.02 14.68 -55.15
CA ARG C 94 24.39 14.84 -54.60
C ARG C 94 24.58 16.32 -54.20
N LEU C 95 25.26 16.52 -53.04
CA LEU C 95 25.73 17.88 -52.63
C LEU C 95 27.13 17.75 -52.01
N GLN C 96 28.00 18.77 -52.31
CA GLN C 96 29.24 19.00 -51.51
C GLN C 96 29.28 20.46 -51.01
N PHE C 97 30.04 20.59 -49.88
CA PHE C 97 30.24 21.86 -49.16
C PHE C 97 31.38 21.59 -48.19
N PRO C 98 32.21 22.63 -47.89
CA PRO C 98 33.26 22.49 -46.91
C PRO C 98 32.67 22.63 -45.50
N LEU C 99 33.31 21.99 -44.53
CA LEU C 99 32.99 22.16 -43.10
C LEU C 99 32.90 23.65 -42.77
N PRO C 100 31.98 24.06 -41.88
CA PRO C 100 31.91 25.45 -41.42
C PRO C 100 33.26 25.80 -40.65
N THR C 101 33.32 27.09 -40.27
CA THR C 101 34.42 27.67 -39.44
C THR C 101 33.85 28.84 -38.62
N ALA C 102 34.59 29.31 -37.61
CA ALA C 102 34.42 30.66 -37.02
C ALA C 102 34.03 31.65 -38.14
N GLN C 103 34.88 31.75 -39.18
CA GLN C 103 34.85 32.79 -40.27
C GLN C 103 33.62 32.66 -41.20
N ARG C 104 33.07 31.44 -41.39
CA ARG C 104 31.99 31.13 -42.38
C ARG C 104 31.09 30.00 -41.82
N SER C 105 29.80 30.28 -41.68
CA SER C 105 28.80 29.29 -41.18
C SER C 105 28.20 28.53 -42.37
N LEU C 106 27.62 27.36 -42.11
CA LEU C 106 26.75 26.65 -43.08
C LEU C 106 25.48 27.48 -43.21
N GLU C 107 24.78 27.28 -44.31
CA GLU C 107 23.68 28.15 -44.80
C GLU C 107 22.65 27.21 -45.41
N PRO C 108 21.39 27.27 -44.95
CA PRO C 108 20.31 26.49 -45.54
C PRO C 108 20.04 26.92 -46.98
N GLY C 109 19.55 25.99 -47.80
CA GLY C 109 19.06 26.26 -49.16
C GLY C 109 18.69 25.01 -49.94
N THR C 110 18.93 25.05 -51.24
CA THR C 110 18.75 23.96 -52.23
C THR C 110 20.01 23.08 -52.24
N PRO C 111 19.85 21.74 -52.34
CA PRO C 111 18.54 21.11 -52.15
C PRO C 111 18.13 21.15 -50.67
N ARG C 112 16.82 21.12 -50.41
CA ARG C 112 16.25 21.23 -49.03
C ARG C 112 16.68 20.02 -48.19
N TRP C 113 16.62 18.80 -48.75
CA TRP C 113 16.86 17.57 -47.95
C TRP C 113 18.18 17.71 -47.19
N ALA C 114 19.18 18.41 -47.77
CA ALA C 114 20.55 18.52 -47.23
C ALA C 114 20.62 19.52 -46.07
N ASN C 115 19.63 20.43 -45.96
CA ASN C 115 19.55 21.43 -44.86
C ASN C 115 19.59 20.70 -43.51
N TYR C 116 19.02 19.50 -43.44
CA TYR C 116 19.01 18.63 -42.23
C TYR C 116 20.42 18.24 -41.82
N VAL C 117 21.20 17.72 -42.76
CA VAL C 117 22.60 17.28 -42.49
C VAL C 117 23.46 18.50 -42.15
N LYS C 118 23.34 19.59 -42.94
CA LYS C 118 24.04 20.87 -42.69
C LYS C 118 23.81 21.38 -41.25
N GLY C 119 22.53 21.37 -40.82
CA GLY C 119 22.09 21.90 -39.51
C GLY C 119 22.81 21.15 -38.35
N VAL C 120 22.72 19.81 -38.39
CA VAL C 120 23.34 18.92 -37.33
C VAL C 120 24.85 19.19 -37.26
N ILE C 121 25.48 19.36 -38.43
CA ILE C 121 26.96 19.59 -38.53
C ILE C 121 27.26 20.94 -37.82
N GLN C 122 26.41 21.95 -38.21
CA GLN C 122 26.59 23.34 -37.73
C GLN C 122 26.56 23.34 -36.21
N TYR C 123 25.60 22.62 -35.64
CA TYR C 123 25.39 22.67 -34.17
C TYR C 123 26.12 21.50 -33.51
N TYR C 124 26.84 20.62 -34.23
CA TYR C 124 27.57 19.51 -33.58
C TYR C 124 28.52 20.10 -32.53
N PRO C 125 28.39 19.74 -31.24
CA PRO C 125 29.11 20.44 -30.18
C PRO C 125 30.56 20.01 -29.87
N ALA C 126 31.11 18.98 -30.50
CA ALA C 126 32.48 18.48 -30.23
C ALA C 126 33.37 18.79 -31.44
N ALA C 127 34.65 19.07 -31.20
CA ALA C 127 35.73 19.31 -32.21
C ALA C 127 36.89 18.38 -31.87
N PRO C 128 37.76 18.01 -32.85
CA PRO C 128 37.62 18.42 -34.25
C PRO C 128 36.77 17.47 -35.10
N LEU C 129 35.72 18.03 -35.72
CA LEU C 129 34.87 17.29 -36.70
C LEU C 129 35.60 17.32 -38.03
N PRO C 130 36.01 16.15 -38.56
CA PRO C 130 36.61 16.09 -39.89
C PRO C 130 35.44 16.02 -40.88
N GLY C 131 35.75 16.26 -42.15
CA GLY C 131 34.87 15.98 -43.30
C GLY C 131 34.72 14.45 -43.49
N PHE C 132 33.80 14.14 -44.46
CA PHE C 132 33.33 12.76 -44.71
C PHE C 132 32.54 12.71 -46.05
N SER C 133 32.38 11.44 -46.49
CA SER C 133 31.53 11.06 -47.65
C SER C 133 30.40 10.18 -47.12
N ALA C 134 29.15 10.41 -47.51
CA ALA C 134 28.01 9.59 -47.05
C ALA C 134 26.94 9.44 -48.14
N VAL C 135 26.33 8.24 -48.16
CA VAL C 135 25.03 7.92 -48.82
C VAL C 135 23.91 7.85 -47.77
N VAL C 136 22.84 8.62 -48.01
CA VAL C 136 21.59 8.61 -47.21
C VAL C 136 20.55 7.77 -47.94
N VAL C 137 19.88 6.86 -47.20
CA VAL C 137 18.67 6.12 -47.65
C VAL C 137 17.65 6.13 -46.51
N SER C 138 16.38 5.98 -46.86
CA SER C 138 15.23 6.16 -45.96
C SER C 138 14.05 5.30 -46.43
N SER C 139 13.40 4.62 -45.49
CA SER C 139 12.08 3.96 -45.69
C SER C 139 10.99 4.93 -45.24
N VAL C 140 11.37 5.98 -44.50
CA VAL C 140 10.38 6.90 -43.88
C VAL C 140 9.82 7.77 -45.01
N PRO C 141 8.51 7.71 -45.32
CA PRO C 141 7.98 8.48 -46.43
C PRO C 141 8.22 9.98 -46.16
N LEU C 142 8.89 10.69 -47.06
CA LEU C 142 9.35 12.08 -46.78
C LEU C 142 8.12 12.98 -46.62
N GLY C 143 8.02 13.67 -45.49
CA GLY C 143 6.90 14.58 -45.19
C GLY C 143 5.54 13.91 -45.04
N GLY C 144 5.45 12.59 -44.86
CA GLY C 144 4.17 11.89 -44.63
C GLY C 144 3.65 12.01 -43.17
N GLY C 145 4.41 12.67 -42.30
CA GLY C 145 4.10 12.97 -40.90
C GLY C 145 4.78 12.04 -39.90
N LEU C 146 5.57 11.05 -40.35
CA LEU C 146 6.24 10.03 -39.49
C LEU C 146 7.69 10.44 -39.04
N SER C 147 7.98 11.78 -39.09
CA SER C 147 9.29 12.37 -38.70
CA SER C 147 9.28 12.37 -38.69
C SER C 147 10.46 11.83 -39.56
N SER C 148 10.38 11.92 -40.89
CA SER C 148 11.52 11.62 -41.80
C SER C 148 12.74 12.49 -41.38
N SER C 149 12.50 13.81 -41.29
CA SER C 149 13.57 14.79 -40.98
C SER C 149 14.35 14.28 -39.75
N ALA C 150 13.67 14.08 -38.62
CA ALA C 150 14.27 13.71 -37.30
C ALA C 150 15.08 12.37 -37.38
N SER C 151 14.56 11.42 -38.19
CA SER C 151 15.35 10.21 -38.64
C SER C 151 16.68 10.65 -39.28
N LEU C 152 16.67 11.64 -40.19
CA LEU C 152 17.88 12.08 -40.94
C LEU C 152 18.75 12.91 -39.99
N GLU C 153 18.13 13.67 -39.09
CA GLU C 153 18.94 14.54 -38.19
C GLU C 153 19.62 13.64 -37.18
N VAL C 154 18.89 12.66 -36.66
CA VAL C 154 19.42 11.79 -35.56
C VAL C 154 20.48 10.85 -36.14
N ALA C 155 20.22 10.28 -37.33
CA ALA C 155 21.22 9.47 -38.06
C ALA C 155 22.46 10.35 -38.35
N THR C 156 22.28 11.60 -38.78
CA THR C 156 23.46 12.47 -39.06
C THR C 156 24.22 12.57 -37.73
N TYR C 157 23.50 12.90 -36.66
CA TYR C 157 24.11 13.21 -35.34
C TYR C 157 25.00 12.00 -34.95
N THR C 158 24.45 10.79 -35.10
CA THR C 158 25.05 9.52 -34.58
C THR C 158 26.25 9.17 -35.47
N PHE C 159 26.20 9.58 -36.74
CA PHE C 159 27.35 9.56 -37.69
C PHE C 159 28.48 10.44 -37.10
N LEU C 160 28.17 11.72 -36.81
CA LEU C 160 29.23 12.66 -36.37
C LEU C 160 29.93 12.12 -35.10
N GLN C 161 29.19 11.40 -34.25
CA GLN C 161 29.69 10.83 -32.96
C GLN C 161 30.86 9.89 -33.22
N GLN C 162 30.80 9.05 -34.26
CA GLN C 162 31.92 8.16 -34.69
C GLN C 162 33.09 9.00 -35.27
N LEU C 163 32.81 10.07 -36.00
CA LEU C 163 33.87 11.03 -36.46
C LEU C 163 34.50 11.72 -35.25
N CYS C 164 33.70 12.09 -34.22
CA CYS C 164 34.13 13.02 -33.12
C CYS C 164 33.20 12.86 -31.91
N PRO C 165 33.49 11.87 -31.03
CA PRO C 165 32.64 11.55 -29.89
C PRO C 165 32.26 12.77 -29.06
N ASP C 166 30.95 12.92 -28.76
CA ASP C 166 30.44 13.99 -27.88
C ASP C 166 30.65 13.51 -26.44
N SER C 167 30.32 14.34 -25.45
CA SER C 167 30.38 14.01 -24.00
C SER C 167 29.07 14.37 -23.26
N GLY C 168 27.92 14.35 -23.93
CA GLY C 168 26.70 14.98 -23.39
C GLY C 168 25.58 14.00 -23.14
N THR C 169 24.40 14.51 -22.80
CA THR C 169 23.18 13.69 -22.55
C THR C 169 22.52 13.36 -23.89
N ILE C 170 21.67 12.34 -23.91
CA ILE C 170 20.79 12.02 -25.06
C ILE C 170 19.94 13.25 -25.37
N ALA C 171 19.57 14.03 -24.36
CA ALA C 171 18.70 15.22 -24.48
C ALA C 171 19.47 16.34 -25.20
N ALA C 172 20.72 16.56 -24.81
CA ALA C 172 21.66 17.51 -25.46
C ALA C 172 21.72 17.21 -26.99
N ARG C 173 21.73 15.94 -27.40
CA ARG C 173 21.81 15.51 -28.83
C ARG C 173 20.47 15.76 -29.53
N ALA C 174 19.37 15.52 -28.81
CA ALA C 174 18.01 15.79 -29.32
C ALA C 174 17.85 17.29 -29.58
N GLN C 175 18.35 18.13 -28.63
CA GLN C 175 18.27 19.60 -28.71
C GLN C 175 19.08 20.09 -29.94
N VAL C 176 20.25 19.50 -30.19
CA VAL C 176 21.13 19.83 -31.36
C VAL C 176 20.33 19.51 -32.62
N CYS C 177 19.79 18.27 -32.67
CA CYS C 177 18.98 17.87 -33.84
C CYS C 177 17.80 18.84 -33.96
N GLN C 178 17.24 19.22 -32.83
CA GLN C 178 16.11 20.17 -32.77
C GLN C 178 16.54 21.50 -33.39
N GLN C 179 17.69 22.04 -32.97
CA GLN C 179 18.23 23.35 -33.45
C GLN C 179 18.39 23.32 -34.97
N ALA C 180 18.87 22.20 -35.52
CA ALA C 180 19.02 22.01 -36.98
C ALA C 180 17.64 22.21 -37.62
N GLU C 181 16.62 21.49 -37.13
CA GLU C 181 15.20 21.59 -37.59
C GLU C 181 14.75 23.06 -37.60
N HIS C 182 14.97 23.77 -36.49
CA HIS C 182 14.54 25.19 -36.33
C HIS C 182 15.27 26.08 -37.35
N SER C 183 16.59 26.15 -37.24
CA SER C 183 17.48 27.16 -37.87
C SER C 183 17.62 26.88 -39.37
N PHE C 184 17.71 25.61 -39.78
CA PHE C 184 18.02 25.21 -41.18
C PHE C 184 16.82 24.63 -41.95
N ALA C 185 15.71 24.24 -41.32
CA ALA C 185 14.46 23.86 -42.03
C ALA C 185 13.30 24.80 -41.68
N GLY C 186 13.49 25.78 -40.81
CA GLY C 186 12.42 26.70 -40.37
C GLY C 186 11.17 25.99 -39.86
N MET C 187 11.28 24.82 -39.21
CA MET C 187 10.15 24.16 -38.50
C MET C 187 10.52 24.10 -37.02
N PRO C 188 9.92 24.98 -36.19
CA PRO C 188 10.28 25.15 -34.78
C PRO C 188 9.55 24.14 -33.89
N CYS C 189 9.98 22.89 -34.03
CA CYS C 189 9.41 21.66 -33.47
C CYS C 189 9.73 21.59 -31.98
N GLY C 190 9.12 20.65 -31.30
CA GLY C 190 9.55 20.33 -29.94
C GLY C 190 10.56 19.23 -30.01
N ILE C 191 10.87 18.66 -28.84
CA ILE C 191 11.96 17.68 -28.62
C ILE C 191 11.53 16.28 -29.04
N MET C 192 10.24 16.01 -29.31
CA MET C 192 9.70 14.62 -29.26
C MET C 192 10.33 13.75 -30.35
N ASP C 193 10.19 14.15 -31.61
CA ASP C 193 10.58 13.34 -32.79
C ASP C 193 12.02 12.76 -32.57
N GLN C 194 12.90 13.72 -32.19
CA GLN C 194 14.37 13.50 -32.12
C GLN C 194 14.71 12.58 -30.94
N PHE C 195 14.08 12.93 -29.83
CA PHE C 195 14.13 12.15 -28.57
C PHE C 195 13.91 10.65 -28.89
N ILE C 196 12.74 10.39 -29.58
CA ILE C 196 12.27 8.99 -29.78
C ILE C 196 13.16 8.27 -30.79
N SER C 197 13.55 8.96 -31.90
CA SER C 197 14.58 8.46 -32.86
C SER C 197 15.79 8.03 -32.02
N LEU C 198 16.31 9.03 -31.23
CA LEU C 198 17.42 8.69 -30.32
C LEU C 198 17.11 7.51 -29.41
N MET C 199 15.94 7.46 -28.75
CA MET C 199 15.79 6.63 -27.51
C MET C 199 14.87 5.41 -27.74
N GLY C 200 14.23 5.24 -28.90
CA GLY C 200 13.29 4.12 -29.07
C GLY C 200 13.91 2.81 -28.60
N GLN C 201 13.12 1.74 -28.43
CA GLN C 201 13.62 0.38 -28.07
C GLN C 201 12.61 -0.63 -28.61
N LYS C 202 13.06 -1.76 -29.18
CA LYS C 202 12.15 -2.83 -29.69
C LYS C 202 11.05 -3.07 -28.63
N GLY C 203 9.80 -3.20 -29.05
CA GLY C 203 8.69 -3.65 -28.19
C GLY C 203 8.41 -2.73 -27.02
N HIS C 204 8.75 -1.44 -27.10
CA HIS C 204 8.45 -0.43 -26.04
C HIS C 204 7.91 0.84 -26.68
N ALA C 205 6.97 1.51 -26.00
CA ALA C 205 6.65 2.93 -26.26
C ALA C 205 7.50 3.69 -25.26
N LEU C 206 7.66 5.00 -25.53
CA LEU C 206 8.56 5.87 -24.72
C LEU C 206 7.67 7.00 -24.24
N LEU C 207 7.50 7.05 -22.92
CA LEU C 207 6.81 8.18 -22.28
C LEU C 207 7.86 9.24 -21.98
N ILE C 208 7.63 10.47 -22.44
CA ILE C 208 8.61 11.57 -22.27
C ILE C 208 7.95 12.69 -21.48
N ASP C 209 8.54 12.99 -20.32
CA ASP C 209 8.20 14.21 -19.55
C ASP C 209 9.05 15.32 -20.20
N CYS C 210 8.40 16.19 -20.99
CA CYS C 210 9.08 17.31 -21.69
C CYS C 210 9.28 18.48 -20.75
N ARG C 211 8.97 18.33 -19.45
CA ARG C 211 9.40 19.39 -18.48
C ARG C 211 10.71 18.96 -17.84
N SER C 212 10.67 17.79 -17.18
CA SER C 212 11.82 17.19 -16.45
C SER C 212 12.84 16.61 -17.45
N LEU C 213 12.36 16.24 -18.63
CA LEU C 213 13.08 15.36 -19.59
C LEU C 213 13.27 13.95 -19.01
N GLU C 214 12.49 13.54 -17.98
CA GLU C 214 12.49 12.12 -17.53
C GLU C 214 11.70 11.27 -18.59
N THR C 215 12.30 10.11 -18.90
CA THR C 215 11.89 9.19 -20.00
C THR C 215 11.60 7.84 -19.36
N SER C 216 10.60 7.13 -19.85
CA SER C 216 10.20 5.83 -19.27
C SER C 216 9.75 4.90 -20.39
N LEU C 217 10.43 3.74 -20.44
CA LEU C 217 10.19 2.66 -21.45
C LEU C 217 9.06 1.79 -20.92
N VAL C 218 7.92 1.86 -21.62
CA VAL C 218 6.62 1.24 -21.22
C VAL C 218 6.36 0.05 -22.14
N PRO C 219 6.52 -1.21 -21.64
CA PRO C 219 6.31 -2.41 -22.45
C PRO C 219 5.05 -2.29 -23.30
N LEU C 220 5.17 -2.41 -24.62
CA LEU C 220 4.05 -2.22 -25.58
C LEU C 220 4.15 -3.32 -26.64
N SER C 221 4.41 -4.56 -26.19
CA SER C 221 4.45 -5.79 -27.05
C SER C 221 3.45 -6.82 -26.51
N ASP C 222 2.66 -7.39 -27.42
CA ASP C 222 1.55 -8.34 -27.17
C ASP C 222 0.93 -8.70 -28.54
N PRO C 223 1.19 -9.91 -29.08
CA PRO C 223 0.85 -10.22 -30.47
C PRO C 223 -0.64 -10.09 -30.83
N LYS C 224 -1.53 -9.93 -29.83
CA LYS C 224 -2.98 -9.66 -30.05
C LYS C 224 -3.16 -8.23 -30.61
N LEU C 225 -2.38 -7.25 -30.16
CA LEU C 225 -2.60 -5.81 -30.50
C LEU C 225 -1.66 -5.43 -31.65
N ALA C 226 -1.97 -4.35 -32.37
CA ALA C 226 -1.14 -3.83 -33.49
C ALA C 226 -1.35 -2.32 -33.61
N VAL C 227 -0.44 -1.68 -34.32
CA VAL C 227 -0.59 -0.25 -34.71
C VAL C 227 -0.65 -0.17 -36.23
N LEU C 228 -1.86 0.04 -36.75
CA LEU C 228 -2.10 0.38 -38.16
C LEU C 228 -1.87 1.89 -38.31
N ILE C 229 -0.75 2.23 -38.96
CA ILE C 229 -0.45 3.62 -39.41
C ILE C 229 -1.15 3.77 -40.76
N THR C 230 -1.87 4.86 -40.97
CA THR C 230 -2.50 5.22 -42.26
C THR C 230 -2.07 6.63 -42.65
N ASN C 231 -1.48 6.75 -43.84
CA ASN C 231 -1.03 8.04 -44.44
C ASN C 231 -2.15 8.52 -45.37
N SER C 232 -2.67 9.72 -45.06
CA SER C 232 -3.64 10.46 -45.91
C SER C 232 -3.03 10.76 -47.29
N ASN C 233 -1.69 10.75 -47.42
CA ASN C 233 -0.95 11.19 -48.63
C ASN C 233 -1.46 12.58 -49.03
N VAL C 234 -1.48 13.49 -48.06
CA VAL C 234 -2.07 14.86 -48.13
C VAL C 234 -1.32 15.70 -47.09
N ARG C 235 -1.13 16.97 -47.36
CA ARG C 235 -0.34 17.91 -46.52
C ARG C 235 -0.72 19.32 -46.94
N HIS C 236 -1.65 19.95 -46.22
CA HIS C 236 -2.02 21.37 -46.42
C HIS C 236 -0.85 22.25 -45.94
N SER C 237 -0.70 23.44 -46.52
CA SER C 237 0.42 24.39 -46.24
C SER C 237 0.43 24.71 -44.74
N LEU C 238 -0.77 24.86 -44.15
CA LEU C 238 -0.98 25.10 -42.70
C LEU C 238 -0.07 24.19 -41.86
N ALA C 239 0.08 22.91 -42.21
CA ALA C 239 0.99 22.00 -41.48
C ALA C 239 2.21 22.82 -41.09
N SER C 240 2.72 23.61 -42.05
CA SER C 240 3.95 24.43 -41.93
C SER C 240 3.65 25.78 -41.28
N SER C 241 2.69 26.54 -41.82
CA SER C 241 2.41 27.95 -41.41
C SER C 241 1.73 28.01 -40.03
N GLU C 242 0.76 27.15 -39.76
CA GLU C 242 -0.05 27.20 -38.51
C GLU C 242 0.74 26.61 -37.33
N TYR C 243 1.64 25.64 -37.55
CA TYR C 243 2.42 25.03 -36.43
C TYR C 243 2.99 26.14 -35.55
N PRO C 244 3.83 27.09 -36.03
CA PRO C 244 4.38 28.13 -35.16
C PRO C 244 3.32 29.05 -34.53
N VAL C 245 2.16 29.17 -35.16
CA VAL C 245 1.00 29.96 -34.64
C VAL C 245 0.47 29.33 -33.34
N ARG C 246 0.33 27.99 -33.29
CA ARG C 246 -0.13 27.23 -32.10
C ARG C 246 0.83 27.51 -30.92
N ARG C 247 2.14 27.52 -31.19
CA ARG C 247 3.18 27.78 -30.17
C ARG C 247 3.00 29.18 -29.62
N ARG C 248 2.66 30.15 -30.47
CA ARG C 248 2.51 31.56 -30.00
C ARG C 248 1.22 31.65 -29.13
N GLN C 249 0.15 30.99 -29.60
CA GLN C 249 -1.20 30.98 -28.97
C GLN C 249 -1.06 30.38 -27.57
N CYS C 250 -0.37 29.24 -27.46
CA CYS C 250 -0.03 28.55 -26.20
C CYS C 250 0.83 29.48 -25.32
N GLU C 251 1.82 30.14 -25.93
CA GLU C 251 2.82 31.03 -25.24
C GLU C 251 2.04 32.16 -24.54
N GLU C 252 1.04 32.73 -25.20
CA GLU C 252 0.34 33.95 -24.72
C GLU C 252 -0.60 33.55 -23.59
N VAL C 253 -1.29 32.41 -23.73
CA VAL C 253 -2.17 31.89 -22.64
C VAL C 253 -1.31 31.67 -21.39
N ALA C 254 -0.10 31.12 -21.55
CA ALA C 254 0.83 30.90 -20.41
C ALA C 254 1.23 32.25 -19.81
N ARG C 255 1.78 33.15 -20.64
CA ARG C 255 2.15 34.54 -20.24
C ARG C 255 1.00 35.18 -19.45
N ALA C 256 -0.25 35.04 -19.94
CA ALA C 256 -1.49 35.68 -19.42
C ALA C 256 -1.85 35.11 -18.04
N LEU C 257 -1.61 33.81 -17.79
CA LEU C 257 -1.98 33.15 -16.50
C LEU C 257 -0.81 33.19 -15.53
N GLY C 258 0.30 33.83 -15.89
CA GLY C 258 1.51 33.89 -15.04
C GLY C 258 2.17 32.52 -14.89
N ALA C 259 2.10 31.67 -15.91
CA ALA C 259 2.58 30.28 -15.86
C ALA C 259 3.78 30.12 -16.82
N ALA C 260 4.88 29.61 -16.30
CA ALA C 260 6.04 29.05 -17.03
C ALA C 260 5.57 28.35 -18.30
N SER C 261 4.57 27.48 -18.19
CA SER C 261 4.03 26.69 -19.32
C SER C 261 2.67 26.11 -18.97
N LEU C 262 1.92 25.68 -19.97
CA LEU C 262 0.60 25.05 -19.83
C LEU C 262 0.67 23.72 -19.06
N ARG C 263 1.86 23.18 -18.80
CA ARG C 263 2.02 22.01 -17.91
C ARG C 263 1.51 22.36 -16.50
N GLU C 264 1.75 23.60 -16.04
CA GLU C 264 1.53 24.10 -14.66
C GLU C 264 0.04 24.40 -14.40
N VAL C 265 -0.75 24.42 -15.47
CA VAL C 265 -2.15 24.92 -15.54
C VAL C 265 -3.04 23.71 -15.73
N GLN C 266 -4.07 23.55 -14.90
CA GLN C 266 -5.14 22.54 -15.08
C GLN C 266 -6.44 23.28 -15.46
N LEU C 267 -7.42 22.51 -15.94
CA LEU C 267 -8.64 23.04 -16.58
C LEU C 267 -9.36 24.02 -15.63
N GLU C 268 -9.33 23.73 -14.32
CA GLU C 268 -9.96 24.52 -13.21
C GLU C 268 -9.39 25.94 -13.24
N GLU C 269 -8.06 26.09 -13.25
CA GLU C 269 -7.35 27.40 -13.32
C GLU C 269 -7.71 28.09 -14.63
N LEU C 270 -7.68 27.32 -15.73
CA LEU C 270 -7.99 27.82 -17.09
C LEU C 270 -9.41 28.40 -17.07
N GLU C 271 -10.41 27.57 -16.74
CA GLU C 271 -11.85 27.97 -16.67
C GLU C 271 -11.99 29.29 -15.89
N ALA C 272 -11.17 29.49 -14.86
CA ALA C 272 -11.21 30.66 -13.93
C ALA C 272 -10.57 31.91 -14.56
N ALA C 273 -9.68 31.74 -15.54
CA ALA C 273 -8.97 32.86 -16.22
C ALA C 273 -9.52 33.05 -17.64
N ARG C 274 -10.78 32.65 -17.87
CA ARG C 274 -11.43 32.66 -19.22
C ARG C 274 -11.53 34.10 -19.74
N ASP C 275 -11.77 35.06 -18.83
CA ASP C 275 -11.88 36.52 -19.14
C ASP C 275 -10.46 37.11 -19.33
N LEU C 276 -9.40 36.35 -19.04
CA LEU C 276 -7.99 36.84 -19.13
C LEU C 276 -7.34 36.43 -20.46
N VAL C 277 -8.01 35.67 -21.33
CA VAL C 277 -7.47 35.17 -22.65
C VAL C 277 -8.60 35.04 -23.67
N SER C 278 -8.22 34.90 -24.95
CA SER C 278 -9.12 34.90 -26.15
C SER C 278 -9.91 33.61 -26.26
N LYS C 279 -10.99 33.64 -27.04
CA LYS C 279 -11.87 32.48 -27.35
C LYS C 279 -11.00 31.32 -27.83
N GLU C 280 -10.19 31.57 -28.86
CA GLU C 280 -9.22 30.62 -29.48
C GLU C 280 -8.21 30.16 -28.43
N GLY C 281 -7.54 31.11 -27.77
CA GLY C 281 -6.57 30.82 -26.69
C GLY C 281 -7.13 29.76 -25.75
N PHE C 282 -8.27 30.06 -25.12
CA PHE C 282 -8.99 29.14 -24.21
C PHE C 282 -9.16 27.76 -24.85
N ARG C 283 -9.45 27.71 -26.18
CA ARG C 283 -9.66 26.43 -26.90
C ARG C 283 -8.31 25.73 -27.09
N ARG C 284 -7.22 26.46 -27.36
CA ARG C 284 -5.89 25.80 -27.52
C ARG C 284 -5.51 25.23 -26.14
N ALA C 285 -5.67 26.04 -25.11
CA ALA C 285 -5.17 25.76 -23.75
C ALA C 285 -5.96 24.58 -23.16
N ARG C 286 -7.26 24.51 -23.46
CA ARG C 286 -8.12 23.35 -23.11
C ARG C 286 -7.55 22.08 -23.73
N HIS C 287 -7.19 22.07 -25.00
CA HIS C 287 -6.65 20.83 -25.65
C HIS C 287 -5.40 20.38 -24.88
N VAL C 288 -4.45 21.31 -24.69
CA VAL C 288 -3.10 20.99 -24.16
C VAL C 288 -3.31 20.31 -22.80
N VAL C 289 -3.86 21.07 -21.85
CA VAL C 289 -4.27 20.63 -20.47
C VAL C 289 -5.00 19.26 -20.50
N GLY C 290 -6.05 19.12 -21.31
CA GLY C 290 -6.75 17.84 -21.55
C GLY C 290 -5.79 16.72 -21.96
N GLU C 291 -4.97 16.99 -22.97
CA GLU C 291 -4.17 16.01 -23.74
C GLU C 291 -3.07 15.49 -22.82
N ILE C 292 -2.57 16.37 -21.94
CA ILE C 292 -1.52 15.98 -20.94
C ILE C 292 -2.10 14.95 -19.97
N ARG C 293 -3.26 15.24 -19.37
CA ARG C 293 -4.01 14.32 -18.46
C ARG C 293 -4.21 12.97 -19.20
N ARG C 294 -4.71 13.06 -20.45
CA ARG C 294 -4.97 11.85 -21.28
C ARG C 294 -3.69 11.03 -21.49
N THR C 295 -2.51 11.67 -21.62
CA THR C 295 -1.23 10.93 -21.86
C THR C 295 -0.76 10.19 -20.60
N ALA C 296 -0.93 10.80 -19.41
CA ALA C 296 -0.82 10.12 -18.07
C ALA C 296 -1.83 8.96 -17.96
N GLN C 297 -3.08 9.19 -18.40
CA GLN C 297 -4.14 8.14 -18.27
C GLN C 297 -3.76 7.00 -19.22
N ALA C 298 -3.35 7.34 -20.46
CA ALA C 298 -2.94 6.38 -21.52
C ALA C 298 -1.78 5.51 -21.06
N ALA C 299 -0.75 6.14 -20.47
CA ALA C 299 0.38 5.42 -19.83
C ALA C 299 -0.16 4.47 -18.74
N ALA C 300 -0.91 4.97 -17.76
CA ALA C 300 -1.50 4.14 -16.68
C ALA C 300 -2.28 2.99 -17.32
N ALA C 301 -3.07 3.29 -18.37
CA ALA C 301 -3.88 2.28 -19.09
C ALA C 301 -2.97 1.19 -19.68
N LEU C 302 -1.89 1.60 -20.38
CA LEU C 302 -0.92 0.68 -21.04
C LEU C 302 -0.28 -0.30 -20.02
N ARG C 303 0.09 0.19 -18.84
CA ARG C 303 0.83 -0.62 -17.83
C ARG C 303 -0.04 -1.77 -17.27
N ARG C 304 -1.35 -1.51 -17.06
CA ARG C 304 -2.33 -2.53 -16.59
C ARG C 304 -3.00 -3.22 -17.79
N GLY C 305 -2.61 -2.93 -19.03
CA GLY C 305 -2.99 -3.75 -20.21
C GLY C 305 -4.40 -3.49 -20.70
N ASP C 306 -5.01 -2.38 -20.24
CA ASP C 306 -6.33 -1.84 -20.66
C ASP C 306 -6.23 -1.13 -22.05
N TYR C 307 -6.12 -1.96 -23.09
CA TYR C 307 -6.22 -1.61 -24.53
C TYR C 307 -7.51 -0.82 -24.82
N ARG C 308 -8.64 -1.23 -24.23
CA ARG C 308 -9.98 -0.65 -24.58
C ARG C 308 -9.99 0.85 -24.13
N ALA C 309 -9.40 1.06 -22.91
CA ALA C 309 -9.34 2.42 -22.30
C ALA C 309 -8.42 3.29 -23.17
N PHE C 310 -7.25 2.75 -23.50
CA PHE C 310 -6.17 3.41 -24.27
C PHE C 310 -6.77 3.95 -25.59
N GLY C 311 -7.62 3.14 -26.23
CA GLY C 311 -8.26 3.45 -27.53
C GLY C 311 -9.16 4.66 -27.41
N ARG C 312 -10.10 4.58 -26.45
CA ARG C 312 -11.09 5.64 -26.06
C ARG C 312 -10.32 6.96 -25.88
N LEU C 313 -9.21 6.90 -25.14
CA LEU C 313 -8.34 8.07 -24.86
C LEU C 313 -7.75 8.60 -26.18
N MET C 314 -7.37 7.70 -27.11
CA MET C 314 -6.86 8.10 -28.45
C MET C 314 -7.97 8.84 -29.19
N VAL C 315 -9.24 8.37 -29.03
CA VAL C 315 -10.43 8.98 -29.68
C VAL C 315 -10.74 10.32 -28.99
N GLU C 316 -10.35 10.48 -27.72
CA GLU C 316 -10.57 11.78 -27.03
C GLU C 316 -9.57 12.79 -27.59
N SER C 317 -8.28 12.38 -27.72
CA SER C 317 -7.15 13.20 -28.24
C SER C 317 -7.52 13.72 -29.64
N HIS C 318 -8.03 12.86 -30.52
CA HIS C 318 -8.48 13.30 -31.85
C HIS C 318 -9.54 14.38 -31.73
N ARG C 319 -10.65 14.09 -31.05
CA ARG C 319 -11.83 15.01 -30.93
C ARG C 319 -11.32 16.42 -30.47
N SER C 320 -10.42 16.41 -29.48
CA SER C 320 -9.78 17.62 -28.89
C SER C 320 -8.97 18.36 -29.98
N LEU C 321 -8.16 17.62 -30.73
CA LEU C 321 -7.27 18.12 -31.82
C LEU C 321 -8.12 18.74 -32.93
N ARG C 322 -9.30 18.14 -33.15
CA ARG C 322 -10.22 18.48 -34.26
C ARG C 322 -11.06 19.69 -33.88
N ASP C 323 -11.37 19.88 -32.60
CA ASP C 323 -12.39 20.90 -32.19
C ASP C 323 -11.75 22.05 -31.42
N ASP C 324 -10.77 21.78 -30.55
CA ASP C 324 -10.16 22.84 -29.68
C ASP C 324 -8.86 23.33 -30.35
N TYR C 325 -8.02 22.41 -30.84
CA TYR C 325 -6.68 22.75 -31.37
C TYR C 325 -6.80 23.13 -32.86
N GLU C 326 -7.70 22.47 -33.59
CA GLU C 326 -8.06 22.81 -34.98
C GLU C 326 -6.80 22.66 -35.82
N VAL C 327 -6.22 21.46 -35.76
CA VAL C 327 -5.03 21.03 -36.55
C VAL C 327 -5.33 19.66 -37.16
N SER C 328 -6.58 19.32 -37.38
CA SER C 328 -6.96 18.19 -38.26
C SER C 328 -7.38 18.79 -39.61
N CYS C 329 -7.83 17.94 -40.51
CA CYS C 329 -8.45 18.35 -41.79
C CYS C 329 -9.56 17.36 -42.08
N PRO C 330 -10.41 17.59 -43.12
CA PRO C 330 -11.43 16.61 -43.49
C PRO C 330 -10.89 15.20 -43.78
N GLU C 331 -9.64 15.09 -44.21
CA GLU C 331 -9.09 13.83 -44.75
C GLU C 331 -8.79 12.95 -43.55
N LEU C 332 -8.10 13.52 -42.56
CA LEU C 332 -7.77 12.86 -41.27
C LEU C 332 -9.08 12.48 -40.57
N ASP C 333 -9.96 13.47 -40.39
CA ASP C 333 -11.31 13.22 -39.84
C ASP C 333 -11.92 12.00 -40.56
N GLN C 334 -11.92 11.93 -41.90
CA GLN C 334 -12.64 10.86 -42.64
C GLN C 334 -11.95 9.51 -42.34
N LEU C 335 -10.63 9.48 -42.26
CA LEU C 335 -9.85 8.24 -41.99
C LEU C 335 -10.10 7.72 -40.57
N VAL C 336 -10.37 8.63 -39.63
CA VAL C 336 -10.60 8.28 -38.19
C VAL C 336 -12.03 7.72 -38.03
N GLU C 337 -13.04 8.37 -38.63
CA GLU C 337 -14.46 7.88 -38.66
C GLU C 337 -14.49 6.49 -39.32
N ALA C 338 -13.74 6.28 -40.40
CA ALA C 338 -13.70 4.96 -41.07
C ALA C 338 -13.10 3.91 -40.13
N ALA C 339 -11.93 4.21 -39.56
CA ALA C 339 -11.21 3.33 -38.61
C ALA C 339 -12.12 2.92 -37.45
N LEU C 340 -12.87 3.85 -36.85
CA LEU C 340 -13.62 3.59 -35.58
C LEU C 340 -14.87 2.76 -35.85
N ALA C 341 -15.15 2.44 -37.11
CA ALA C 341 -16.38 1.74 -37.58
C ALA C 341 -16.06 0.28 -37.92
N VAL C 342 -14.84 -0.18 -37.62
CA VAL C 342 -14.42 -1.57 -38.00
C VAL C 342 -14.22 -2.40 -36.73
N PRO C 343 -14.87 -3.58 -36.65
CA PRO C 343 -14.79 -4.42 -35.46
C PRO C 343 -13.32 -4.71 -35.12
N GLY C 344 -12.96 -4.59 -33.85
CA GLY C 344 -11.62 -4.92 -33.34
C GLY C 344 -10.69 -3.72 -33.33
N VAL C 345 -11.18 -2.57 -33.78
CA VAL C 345 -10.43 -1.29 -33.64
C VAL C 345 -10.74 -0.77 -32.24
N TYR C 346 -9.72 -0.47 -31.43
CA TYR C 346 -9.89 0.10 -30.08
C TYR C 346 -9.84 1.61 -30.17
N GLY C 347 -9.16 2.16 -31.18
CA GLY C 347 -8.91 3.61 -31.24
C GLY C 347 -8.29 4.09 -32.54
N SER C 348 -8.44 5.37 -32.81
CA SER C 348 -7.83 6.06 -33.97
C SER C 348 -7.78 7.55 -33.68
N ARG C 349 -6.62 8.14 -33.97
CA ARG C 349 -6.42 9.60 -33.98
C ARG C 349 -5.44 9.98 -35.09
N MET C 350 -5.48 11.23 -35.52
CA MET C 350 -4.33 11.85 -36.23
C MET C 350 -3.12 11.71 -35.30
N THR C 351 -1.92 11.59 -35.87
CA THR C 351 -0.61 11.70 -35.17
C THR C 351 0.18 12.88 -35.74
N GLY C 352 1.31 13.20 -35.13
CA GLY C 352 2.16 14.32 -35.52
C GLY C 352 1.38 15.61 -35.60
N GLY C 353 1.84 16.54 -36.45
CA GLY C 353 1.54 17.98 -36.39
C GLY C 353 0.14 18.28 -36.84
N GLY C 354 -0.43 17.41 -37.68
CA GLY C 354 -1.78 17.61 -38.24
C GLY C 354 -1.77 18.32 -39.59
N PHE C 355 -2.97 18.53 -40.16
CA PHE C 355 -3.26 19.29 -41.40
C PHE C 355 -2.94 18.42 -42.61
N GLY C 356 -3.19 17.12 -42.44
CA GLY C 356 -2.62 16.03 -43.27
C GLY C 356 -1.76 15.14 -42.40
N GLY C 357 -1.03 14.22 -43.03
CA GLY C 357 -0.14 13.27 -42.36
C GLY C 357 -0.87 11.96 -42.11
N CYS C 358 -0.37 11.26 -41.06
CA CYS C 358 -0.88 9.91 -40.69
C CYS C 358 -1.95 9.98 -39.57
N THR C 359 -2.82 8.97 -39.54
CA THR C 359 -3.62 8.59 -38.35
C THR C 359 -3.05 7.29 -37.80
N VAL C 360 -2.94 7.18 -36.49
CA VAL C 360 -2.55 5.91 -35.81
C VAL C 360 -3.82 5.20 -35.32
N THR C 361 -3.79 3.86 -35.29
CA THR C 361 -4.96 3.00 -34.96
C THR C 361 -4.44 1.78 -34.21
N LEU C 362 -4.81 1.65 -32.94
CA LEU C 362 -4.53 0.46 -32.08
C LEU C 362 -5.70 -0.49 -32.29
N LEU C 363 -5.43 -1.75 -32.65
CA LEU C 363 -6.49 -2.72 -33.05
C LEU C 363 -6.01 -4.16 -32.88
N GLU C 364 -6.97 -5.06 -32.60
CA GLU C 364 -6.79 -6.52 -32.66
C GLU C 364 -6.02 -6.83 -33.96
N ALA C 365 -4.78 -7.31 -33.86
CA ALA C 365 -3.92 -7.73 -35.00
C ALA C 365 -4.77 -8.34 -36.13
N SER C 366 -5.64 -9.30 -35.80
CA SER C 366 -6.41 -10.10 -36.79
C SER C 366 -7.43 -9.22 -37.55
N ALA C 367 -7.70 -8.01 -37.05
CA ALA C 367 -8.61 -7.02 -37.67
C ALA C 367 -7.87 -6.10 -38.69
N ALA C 368 -6.55 -5.95 -38.60
CA ALA C 368 -5.78 -5.03 -39.48
C ALA C 368 -6.16 -5.23 -40.95
N PRO C 369 -6.16 -6.46 -41.50
CA PRO C 369 -6.71 -6.69 -42.83
C PRO C 369 -8.08 -6.03 -43.04
N HIS C 370 -9.06 -6.30 -42.17
CA HIS C 370 -10.46 -5.84 -42.32
C HIS C 370 -10.54 -4.30 -42.19
N ALA C 371 -9.64 -3.69 -41.41
CA ALA C 371 -9.57 -2.23 -41.23
C ALA C 371 -8.90 -1.57 -42.45
N MET C 372 -8.05 -2.30 -43.17
CA MET C 372 -7.37 -1.75 -44.36
C MET C 372 -8.37 -1.74 -45.53
N ARG C 373 -9.02 -2.87 -45.82
CA ARG C 373 -10.06 -2.93 -46.88
C ARG C 373 -11.05 -1.77 -46.63
N HIS C 374 -11.44 -1.51 -45.38
CA HIS C 374 -12.59 -0.62 -45.04
C HIS C 374 -12.18 0.85 -45.11
N ILE C 375 -11.00 1.19 -44.60
CA ILE C 375 -10.49 2.59 -44.55
C ILE C 375 -10.33 3.09 -46.00
N GLN C 376 -9.65 2.30 -46.84
CA GLN C 376 -9.45 2.58 -48.29
C GLN C 376 -10.80 2.95 -48.90
N GLU C 377 -11.76 2.02 -48.83
CA GLU C 377 -13.09 2.11 -49.48
C GLU C 377 -13.79 3.43 -49.10
N HIS C 378 -13.62 3.83 -47.83
CA HIS C 378 -14.30 4.97 -47.17
C HIS C 378 -13.44 6.23 -47.22
N TYR C 379 -12.22 6.17 -47.75
CA TYR C 379 -11.36 7.36 -47.91
C TYR C 379 -11.48 7.88 -49.34
N GLY C 380 -12.10 9.06 -49.46
CA GLY C 380 -12.11 9.89 -50.67
C GLY C 380 -10.71 10.44 -50.90
N GLY C 381 -9.93 9.73 -51.73
CA GLY C 381 -8.46 9.87 -51.80
C GLY C 381 -7.77 8.52 -51.69
N THR C 382 -6.44 8.48 -51.83
CA THR C 382 -5.66 7.22 -51.81
C THR C 382 -4.76 7.20 -50.58
N ALA C 383 -4.92 6.18 -49.72
CA ALA C 383 -4.23 6.06 -48.42
C ALA C 383 -3.17 4.95 -48.51
N THR C 384 -2.17 5.05 -47.64
CA THR C 384 -1.01 4.12 -47.49
C THR C 384 -1.02 3.56 -46.06
N PHE C 385 -0.67 2.28 -45.90
CA PHE C 385 -0.77 1.50 -44.64
C PHE C 385 0.60 0.95 -44.26
N TYR C 386 1.03 1.21 -43.03
CA TYR C 386 2.14 0.47 -42.37
C TYR C 386 1.60 -0.23 -41.12
N LEU C 387 1.78 -1.55 -41.04
CA LEU C 387 1.58 -2.38 -39.83
C LEU C 387 2.92 -2.47 -39.09
N SER C 388 3.09 -1.65 -38.06
CA SER C 388 4.39 -1.45 -37.37
C SER C 388 4.31 -1.89 -35.91
N GLN C 389 5.19 -2.80 -35.50
CA GLN C 389 5.65 -2.99 -34.10
C GLN C 389 6.49 -1.78 -33.67
N ALA C 390 6.71 -1.64 -32.36
CA ALA C 390 7.63 -0.66 -31.73
C ALA C 390 9.03 -1.06 -32.12
N ALA C 391 9.93 -0.10 -32.39
CA ALA C 391 11.27 -0.40 -32.90
C ALA C 391 12.36 0.25 -32.04
N ASP C 392 13.61 -0.11 -32.33
CA ASP C 392 14.83 0.47 -31.71
C ASP C 392 15.10 1.87 -32.28
N GLY C 393 15.77 2.72 -31.48
CA GLY C 393 16.32 4.01 -31.93
C GLY C 393 17.72 3.88 -32.56
N ALA C 394 18.43 5.01 -32.67
CA ALA C 394 19.71 5.15 -33.39
C ALA C 394 20.61 3.98 -33.02
N LYS C 395 21.26 3.35 -34.02
CA LYS C 395 22.17 2.20 -33.82
C LYS C 395 23.34 2.31 -34.81
N VAL C 396 24.55 1.94 -34.38
CA VAL C 396 25.80 2.00 -35.18
C VAL C 396 26.22 0.58 -35.56
N LEU C 397 26.49 0.35 -36.86
CA LEU C 397 27.16 -0.87 -37.37
C LEU C 397 28.56 -0.49 -37.83
N CYS C 398 29.51 -1.41 -37.76
CA CYS C 398 30.85 -1.14 -38.32
C CYS C 398 31.17 -2.09 -39.46
N LEU C 399 31.48 -1.47 -40.59
CA LEU C 399 31.77 -2.10 -41.90
C LEU C 399 33.29 -2.20 -42.03
N PRO D 14 41.45 7.45 -14.04
CA PRO D 14 41.72 6.96 -15.42
C PRO D 14 40.46 7.13 -16.29
N GLN D 15 40.58 7.84 -17.42
CA GLN D 15 39.44 8.28 -18.29
C GLN D 15 39.37 7.37 -19.51
N VAL D 16 38.19 7.30 -20.15
CA VAL D 16 37.96 6.58 -21.44
C VAL D 16 39.25 6.66 -22.27
N ALA D 17 39.89 7.83 -22.28
CA ALA D 17 41.10 8.20 -23.06
C ALA D 17 42.23 7.18 -22.84
N GLU D 18 42.84 7.16 -21.65
CA GLU D 18 43.99 6.26 -21.31
C GLU D 18 43.63 4.81 -21.67
N LEU D 19 42.41 4.35 -21.37
CA LEU D 19 42.06 2.91 -21.48
C LEU D 19 41.99 2.52 -22.96
N LEU D 20 41.26 3.31 -23.75
CA LEU D 20 41.17 3.14 -25.22
C LEU D 20 42.58 2.98 -25.82
N ALA D 21 43.51 3.90 -25.52
CA ALA D 21 44.94 3.84 -25.94
C ALA D 21 45.54 2.51 -25.48
N GLU D 22 45.73 2.31 -24.16
CA GLU D 22 46.29 1.05 -23.58
C GLU D 22 45.76 -0.14 -24.40
N ALA D 23 44.46 -0.19 -24.64
CA ALA D 23 43.81 -1.25 -25.46
C ALA D 23 44.36 -1.19 -26.88
N ARG D 24 44.36 -0.02 -27.52
CA ARG D 24 44.89 0.19 -28.91
C ARG D 24 46.36 -0.28 -28.99
N ARG D 25 47.26 0.27 -28.14
CA ARG D 25 48.73 -0.07 -28.08
C ARG D 25 48.94 -1.58 -27.85
N ALA D 26 48.35 -2.13 -26.79
CA ALA D 26 48.43 -3.57 -26.44
C ALA D 26 48.07 -4.41 -27.67
N PHE D 27 46.85 -4.26 -28.19
CA PHE D 27 46.37 -4.93 -29.42
C PHE D 27 47.41 -4.77 -30.55
N GLU D 29 52.19 -4.36 -29.46
CA GLU D 29 50.98 -4.55 -30.32
C GLU D 29 50.82 -6.03 -30.71
N GLU D 30 50.39 -6.84 -29.72
CA GLU D 30 50.20 -8.33 -29.77
C GLU D 30 49.93 -8.85 -31.19
N PHE D 31 48.87 -8.37 -31.85
CA PHE D 31 48.23 -9.01 -33.04
C PHE D 31 48.81 -8.49 -34.38
N GLY D 32 49.21 -7.22 -34.48
CA GLY D 32 49.94 -6.71 -35.66
C GLY D 32 50.06 -5.19 -35.73
N GLU D 34 46.77 -2.81 -35.76
CA GLU D 34 45.67 -1.88 -35.43
C GLU D 34 44.33 -2.62 -35.40
N PRO D 35 43.50 -2.39 -34.36
CA PRO D 35 42.13 -2.92 -34.31
C PRO D 35 41.12 -2.10 -35.19
N GLU D 36 39.94 -2.79 -35.44
CA GLU D 36 38.78 -2.26 -36.20
C GLU D 36 37.73 -1.61 -35.27
N LEU D 37 37.58 -2.11 -34.03
CA LEU D 37 36.37 -1.93 -33.17
C LEU D 37 36.74 -1.62 -31.70
N ALA D 38 36.26 -0.51 -31.17
CA ALA D 38 36.32 -0.26 -29.70
C ALA D 38 34.90 -0.28 -29.12
N VAL D 39 34.72 -1.00 -28.01
CA VAL D 39 33.43 -1.02 -27.25
C VAL D 39 33.73 -0.81 -25.76
N SER D 40 32.79 -0.22 -25.04
CA SER D 40 32.92 0.02 -23.58
C SER D 40 31.60 -0.33 -22.92
N ALA D 41 31.70 -0.89 -21.70
CA ALA D 41 30.59 -1.17 -20.78
C ALA D 41 31.00 -0.62 -19.42
N PRO D 42 30.10 0.09 -18.69
CA PRO D 42 30.48 0.70 -17.42
C PRO D 42 30.32 -0.38 -16.32
N GLY D 43 30.98 -0.09 -15.19
CA GLY D 43 30.63 -0.64 -13.86
C GLY D 43 29.48 0.19 -13.31
N ARG D 44 28.87 -0.25 -12.20
CA ARG D 44 27.64 0.39 -11.68
C ARG D 44 27.65 0.39 -10.15
N VAL D 45 26.93 1.33 -9.57
CA VAL D 45 26.73 1.46 -8.11
C VAL D 45 25.21 1.41 -7.82
N ASN D 46 24.74 0.48 -6.96
CA ASN D 46 23.34 0.45 -6.42
C ASN D 46 23.30 1.70 -5.52
N LEU D 47 22.46 2.68 -5.82
CA LEU D 47 22.29 3.87 -4.92
C LEU D 47 21.36 3.52 -3.74
N ILE D 48 20.34 2.68 -3.99
CA ILE D 48 19.31 2.25 -3.01
C ILE D 48 18.39 1.23 -3.68
N GLY D 49 17.90 0.24 -2.92
CA GLY D 49 16.90 -0.72 -3.44
C GLY D 49 17.47 -2.10 -3.58
N GLU D 50 18.77 -2.21 -3.35
CA GLU D 50 19.38 -3.30 -2.54
C GLU D 50 18.92 -4.69 -3.02
N HIS D 51 18.33 -5.37 -2.04
CA HIS D 51 18.00 -6.81 -2.05
C HIS D 51 16.48 -6.89 -2.17
N THR D 52 15.91 -5.96 -2.94
CA THR D 52 14.45 -5.87 -3.24
C THR D 52 14.18 -6.46 -4.62
N ASP D 53 15.23 -6.76 -5.39
CA ASP D 53 15.11 -7.17 -6.82
C ASP D 53 14.54 -8.58 -6.93
N TYR D 54 14.74 -9.44 -5.91
CA TYR D 54 14.14 -10.80 -5.87
C TYR D 54 12.74 -10.75 -5.25
N ASN D 55 12.26 -9.57 -4.84
CA ASN D 55 10.99 -9.38 -4.10
C ASN D 55 10.06 -8.48 -4.92
N GLN D 56 10.21 -8.49 -6.24
CA GLN D 56 9.47 -7.59 -7.18
C GLN D 56 9.65 -6.14 -6.68
N GLY D 57 10.89 -5.77 -6.33
CA GLY D 57 11.19 -4.49 -5.67
C GLY D 57 11.48 -3.38 -6.66
N LEU D 58 12.21 -2.36 -6.19
CA LEU D 58 12.61 -1.14 -6.89
C LEU D 58 14.11 -0.96 -6.65
N VAL D 59 14.92 -0.77 -7.67
CA VAL D 59 16.37 -0.48 -7.51
C VAL D 59 16.68 0.81 -8.27
N LEU D 60 17.64 1.56 -7.80
CA LEU D 60 18.01 2.89 -8.36
C LEU D 60 19.52 2.88 -8.57
N PRO D 61 20.04 2.13 -9.58
CA PRO D 61 21.47 2.12 -9.88
C PRO D 61 21.78 3.24 -10.88
N MET D 62 23.08 3.43 -11.12
CA MET D 62 23.61 4.44 -12.08
C MET D 62 24.99 3.96 -12.51
N ALA D 63 25.29 4.00 -13.83
CA ALA D 63 26.58 3.52 -14.37
C ALA D 63 27.69 4.43 -13.84
N LEU D 64 28.89 3.88 -13.63
CA LEU D 64 30.03 4.63 -13.05
C LEU D 64 31.01 5.04 -14.16
N GLU D 65 31.85 6.05 -13.90
CA GLU D 65 32.99 6.46 -14.76
C GLU D 65 34.13 5.46 -14.52
N LEU D 66 33.79 4.17 -14.50
CA LEU D 66 34.71 3.01 -14.38
C LEU D 66 34.15 2.01 -15.36
N MET D 67 34.96 1.44 -16.23
CA MET D 67 34.39 0.73 -17.40
C MET D 67 35.34 -0.40 -17.79
N THR D 68 34.79 -1.32 -18.61
CA THR D 68 35.57 -2.27 -19.42
C THR D 68 35.54 -1.79 -20.88
N VAL D 69 36.73 -1.69 -21.50
CA VAL D 69 36.94 -1.41 -22.96
C VAL D 69 37.44 -2.70 -23.65
N LEU D 70 36.72 -3.08 -24.74
CA LEU D 70 37.11 -4.20 -25.63
C LEU D 70 37.51 -3.61 -27.01
N VAL D 71 38.81 -3.50 -27.28
CA VAL D 71 39.33 -3.07 -28.61
C VAL D 71 39.79 -4.34 -29.34
N GLY D 72 39.19 -4.65 -30.50
CA GLY D 72 39.47 -5.88 -31.27
C GLY D 72 39.13 -5.75 -32.77
N SER D 73 39.16 -6.91 -33.47
CA SER D 73 38.98 -7.04 -34.94
C SER D 73 38.68 -8.50 -35.34
N PRO D 74 37.77 -8.74 -36.32
CA PRO D 74 37.38 -10.10 -36.70
C PRO D 74 38.48 -10.88 -37.44
N ARG D 75 38.22 -12.18 -37.65
CA ARG D 75 39.22 -13.20 -38.04
C ARG D 75 38.57 -14.15 -39.06
N ASP D 77 38.82 -17.48 -40.64
CA ASP D 77 39.83 -18.16 -39.78
C ASP D 77 39.12 -19.13 -38.80
N GLY D 78 38.10 -18.66 -38.06
CA GLY D 78 37.27 -19.50 -37.18
C GLY D 78 37.83 -19.63 -35.77
N LEU D 79 38.97 -18.99 -35.49
CA LEU D 79 39.63 -18.99 -34.14
C LEU D 79 39.14 -17.78 -33.34
N VAL D 80 38.88 -17.97 -32.04
CA VAL D 80 38.53 -16.90 -31.05
C VAL D 80 39.72 -16.75 -30.10
N SER D 81 40.34 -15.55 -30.03
CA SER D 81 41.64 -15.32 -29.36
C SER D 81 41.72 -13.92 -28.74
N LEU D 82 41.80 -13.83 -27.40
CA LEU D 82 41.86 -12.56 -26.61
C LEU D 82 43.11 -12.53 -25.71
N LEU D 83 43.65 -11.29 -25.49
CA LEU D 83 44.79 -10.99 -24.57
C LEU D 83 44.48 -9.73 -23.76
N THR D 84 44.70 -9.78 -22.43
CA THR D 84 44.20 -8.79 -21.43
C THR D 84 45.38 -8.21 -20.62
N THR D 85 45.22 -7.00 -20.06
CA THR D 85 46.27 -6.19 -19.38
C THR D 85 46.38 -6.61 -17.91
N PRO D 92 46.87 -16.42 -16.73
CA PRO D 92 47.65 -15.98 -17.91
C PRO D 92 46.85 -14.94 -18.73
N GLN D 93 47.55 -13.97 -19.33
CA GLN D 93 46.95 -12.81 -20.04
C GLN D 93 46.81 -13.09 -21.55
N ARG D 94 46.91 -14.36 -21.97
CA ARG D 94 46.74 -14.78 -23.40
C ARG D 94 45.77 -15.98 -23.44
N LEU D 95 45.28 -16.33 -24.64
CA LEU D 95 44.27 -17.40 -24.88
C LEU D 95 43.90 -17.47 -26.38
N GLN D 96 43.64 -18.68 -26.90
CA GLN D 96 43.01 -18.95 -28.22
C GLN D 96 42.02 -20.12 -28.06
N PHE D 97 41.01 -20.28 -28.94
CA PHE D 97 40.05 -21.42 -28.92
C PHE D 97 38.99 -21.30 -30.03
N PRO D 98 38.36 -22.43 -30.45
CA PRO D 98 37.37 -22.44 -31.54
C PRO D 98 35.93 -22.11 -31.09
N LEU D 99 35.01 -21.95 -32.05
CA LEU D 99 33.61 -21.52 -31.83
C LEU D 99 32.73 -22.72 -31.46
N PRO D 100 31.49 -22.50 -30.97
CA PRO D 100 30.53 -23.59 -30.77
C PRO D 100 29.83 -24.01 -32.08
N THR D 101 29.61 -25.33 -32.23
CA THR D 101 28.89 -25.99 -33.36
C THR D 101 27.66 -26.73 -32.81
N ALA D 102 26.89 -27.39 -33.68
CA ALA D 102 25.78 -28.31 -33.34
C ALA D 102 26.35 -29.55 -32.64
N GLN D 103 27.37 -30.19 -33.23
CA GLN D 103 28.03 -31.44 -32.74
C GLN D 103 28.74 -31.23 -31.40
N ARG D 104 29.17 -29.99 -31.07
CA ARG D 104 30.04 -29.65 -29.91
C ARG D 104 29.72 -28.25 -29.38
N SER D 105 29.37 -28.13 -28.10
CA SER D 105 29.09 -26.85 -27.38
C SER D 105 30.40 -26.29 -26.78
N LEU D 106 30.35 -25.05 -26.28
CA LEU D 106 31.47 -24.38 -25.55
C LEU D 106 31.59 -25.02 -24.15
N GLU D 107 32.51 -24.52 -23.30
CA GLU D 107 32.84 -25.11 -21.97
C GLU D 107 33.83 -24.25 -21.20
N PRO D 108 33.59 -24.01 -19.89
CA PRO D 108 34.47 -23.20 -19.04
C PRO D 108 35.84 -23.82 -18.72
N GLY D 109 36.70 -23.08 -18.00
CA GLY D 109 38.12 -23.42 -17.72
C GLY D 109 39.01 -22.19 -17.68
N THR D 110 40.20 -22.25 -18.31
CA THR D 110 41.09 -21.09 -18.66
C THR D 110 41.39 -20.26 -17.41
N PRO D 111 41.66 -18.92 -17.53
CA PRO D 111 41.90 -18.05 -16.37
C PRO D 111 40.66 -17.30 -15.84
N ARG D 112 39.47 -17.91 -15.94
CA ARG D 112 38.21 -17.47 -15.27
C ARG D 112 37.65 -16.21 -15.95
N TRP D 113 38.45 -15.12 -16.00
CA TRP D 113 38.20 -13.92 -16.84
C TRP D 113 37.46 -14.36 -18.11
N ALA D 114 38.19 -15.03 -19.00
CA ALA D 114 37.76 -15.51 -20.33
C ALA D 114 36.47 -16.36 -20.25
N ASN D 115 36.18 -16.95 -19.08
CA ASN D 115 35.00 -17.83 -18.88
C ASN D 115 33.73 -17.03 -19.18
N TYR D 116 33.70 -15.75 -18.81
CA TYR D 116 32.56 -14.83 -19.07
C TYR D 116 32.44 -14.66 -20.59
N VAL D 117 33.55 -14.27 -21.26
CA VAL D 117 33.65 -14.02 -22.72
C VAL D 117 33.15 -15.28 -23.46
N LYS D 118 33.79 -16.44 -23.16
CA LYS D 118 33.40 -17.76 -23.71
C LYS D 118 31.91 -18.00 -23.45
N GLY D 119 31.45 -17.71 -22.23
CA GLY D 119 30.04 -17.79 -21.82
C GLY D 119 29.14 -17.05 -22.79
N VAL D 120 29.30 -15.72 -22.87
CA VAL D 120 28.47 -14.85 -23.76
C VAL D 120 28.52 -15.42 -25.18
N ILE D 121 29.69 -15.85 -25.66
CA ILE D 121 29.78 -16.50 -27.01
C ILE D 121 28.73 -17.60 -27.05
N GLN D 122 28.86 -18.63 -26.19
CA GLN D 122 28.10 -19.89 -26.36
C GLN D 122 26.60 -19.57 -26.43
N TYR D 123 26.17 -18.45 -25.83
CA TYR D 123 24.74 -18.03 -25.78
C TYR D 123 24.50 -16.76 -26.60
N TYR D 124 25.25 -16.53 -27.68
CA TYR D 124 24.92 -15.45 -28.64
C TYR D 124 23.94 -16.00 -29.68
N PRO D 125 22.69 -15.48 -29.75
CA PRO D 125 21.67 -16.03 -30.65
C PRO D 125 21.78 -15.66 -32.14
N ALA D 126 22.95 -15.27 -32.64
CA ALA D 126 23.12 -14.60 -33.95
C ALA D 126 23.59 -15.56 -35.04
N ALA D 127 22.96 -15.47 -36.22
CA ALA D 127 22.93 -16.46 -37.32
C ALA D 127 24.20 -16.50 -38.18
N PRO D 128 25.04 -15.44 -38.26
CA PRO D 128 26.36 -15.57 -38.91
C PRO D 128 27.48 -16.21 -38.06
N LEU D 129 27.62 -15.84 -36.78
CA LEU D 129 28.48 -16.50 -35.75
C LEU D 129 29.98 -16.42 -36.08
N PRO D 130 30.52 -15.34 -36.69
CA PRO D 130 31.95 -15.28 -37.03
C PRO D 130 32.91 -15.35 -35.84
N GLY D 131 34.18 -15.72 -36.10
CA GLY D 131 35.29 -15.66 -35.13
C GLY D 131 35.89 -14.26 -35.07
N PHE D 132 36.93 -14.04 -34.23
CA PHE D 132 37.49 -12.69 -33.95
C PHE D 132 38.77 -12.76 -33.09
N SER D 133 39.54 -11.66 -33.08
CA SER D 133 40.72 -11.40 -32.20
C SER D 133 40.40 -10.13 -31.37
N ALA D 134 41.06 -9.95 -30.20
CA ALA D 134 40.52 -9.02 -29.16
C ALA D 134 41.45 -8.80 -27.95
N VAL D 135 41.42 -7.51 -27.46
CA VAL D 135 42.13 -7.09 -26.21
C VAL D 135 41.10 -6.54 -25.20
N VAL D 136 41.27 -6.86 -23.91
CA VAL D 136 40.37 -6.42 -22.80
C VAL D 136 41.17 -5.63 -21.75
N VAL D 137 40.70 -4.43 -21.40
CA VAL D 137 41.23 -3.60 -20.27
C VAL D 137 40.03 -3.12 -19.44
N SER D 138 40.26 -2.62 -18.22
CA SER D 138 39.19 -2.28 -17.25
C SER D 138 39.72 -1.51 -16.03
N SER D 139 39.11 -0.37 -15.73
CA SER D 139 39.29 0.43 -14.49
C SER D 139 38.38 -0.09 -13.36
N VAL D 140 37.54 -1.09 -13.64
CA VAL D 140 36.57 -1.60 -12.62
C VAL D 140 37.28 -2.58 -11.71
N PRO D 141 37.51 -2.25 -10.41
CA PRO D 141 38.12 -3.18 -9.46
C PRO D 141 37.31 -4.47 -9.43
N LEU D 142 37.98 -5.60 -9.21
CA LEU D 142 37.33 -6.94 -9.08
C LEU D 142 37.05 -7.13 -7.58
N GLY D 143 35.91 -7.74 -7.25
CA GLY D 143 35.54 -8.11 -5.86
C GLY D 143 34.97 -6.96 -5.02
N GLY D 144 34.90 -5.74 -5.56
CA GLY D 144 34.45 -4.54 -4.82
C GLY D 144 32.95 -4.19 -5.13
N GLY D 145 32.27 -5.23 -5.70
CA GLY D 145 30.82 -5.23 -6.01
C GLY D 145 30.41 -4.10 -6.93
N LEU D 146 31.31 -3.65 -7.81
CA LEU D 146 31.06 -2.51 -8.73
C LEU D 146 30.74 -3.02 -10.13
N SER D 147 30.32 -4.29 -10.24
CA SER D 147 29.98 -4.99 -11.51
C SER D 147 31.22 -5.06 -12.43
N SER D 148 32.23 -5.83 -12.02
CA SER D 148 33.36 -6.26 -12.88
C SER D 148 32.82 -7.19 -13.97
N SER D 149 32.25 -8.31 -13.53
CA SER D 149 31.69 -9.39 -14.38
C SER D 149 30.73 -8.80 -15.43
N ALA D 150 29.72 -8.05 -14.99
CA ALA D 150 28.65 -7.46 -15.85
C ALA D 150 29.25 -6.49 -16.88
N SER D 151 30.18 -5.61 -16.49
CA SER D 151 30.82 -4.62 -17.39
C SER D 151 31.53 -5.40 -18.49
N LEU D 152 32.44 -6.30 -18.09
CA LEU D 152 33.16 -7.20 -19.03
C LEU D 152 32.14 -7.89 -19.94
N GLU D 153 31.13 -8.55 -19.37
CA GLU D 153 30.34 -9.50 -20.19
C GLU D 153 29.43 -8.68 -21.12
N VAL D 154 29.03 -7.47 -20.74
CA VAL D 154 28.19 -6.59 -21.63
C VAL D 154 29.10 -6.03 -22.75
N ALA D 155 30.29 -5.52 -22.40
CA ALA D 155 31.32 -5.08 -23.37
C ALA D 155 31.48 -6.17 -24.44
N THR D 156 31.61 -7.43 -24.01
CA THR D 156 31.73 -8.62 -24.91
C THR D 156 30.52 -8.71 -25.84
N TYR D 157 29.31 -8.77 -25.28
CA TYR D 157 28.04 -8.88 -26.05
C TYR D 157 27.94 -7.74 -27.08
N THR D 158 28.47 -6.55 -26.73
CA THR D 158 28.45 -5.33 -27.57
C THR D 158 29.39 -5.52 -28.77
N PHE D 159 30.67 -5.82 -28.49
CA PHE D 159 31.73 -6.14 -29.49
C PHE D 159 31.15 -7.15 -30.47
N LEU D 160 30.51 -8.17 -29.90
CA LEU D 160 29.93 -9.32 -30.63
C LEU D 160 28.69 -8.89 -31.42
N GLN D 161 28.05 -7.76 -31.08
CA GLN D 161 26.89 -7.19 -31.84
C GLN D 161 27.37 -6.66 -33.20
N GLN D 162 28.62 -6.19 -33.23
CA GLN D 162 29.26 -5.55 -34.41
C GLN D 162 29.71 -6.65 -35.38
N LEU D 163 30.29 -7.73 -34.85
CA LEU D 163 30.71 -8.93 -35.60
C LEU D 163 29.49 -9.62 -36.20
N CYS D 164 28.31 -9.44 -35.63
CA CYS D 164 27.11 -10.17 -36.07
C CYS D 164 25.87 -9.65 -35.34
N PRO D 165 24.85 -9.07 -36.04
CA PRO D 165 23.79 -8.32 -35.39
C PRO D 165 22.50 -9.13 -35.12
N ASP D 166 22.01 -9.11 -33.88
CA ASP D 166 20.78 -9.81 -33.42
C ASP D 166 19.59 -8.86 -33.55
N SER D 167 18.38 -9.38 -33.80
CA SER D 167 17.12 -8.60 -33.90
C SER D 167 16.56 -8.32 -32.50
N GLY D 168 17.07 -9.04 -31.47
CA GLY D 168 16.50 -9.19 -30.12
C GLY D 168 16.27 -7.87 -29.37
N THR D 169 15.75 -7.98 -28.13
CA THR D 169 15.32 -6.87 -27.23
C THR D 169 16.35 -6.73 -26.10
N ILE D 170 16.30 -5.63 -25.32
CA ILE D 170 17.24 -5.37 -24.19
C ILE D 170 17.11 -6.52 -23.16
N ALA D 171 15.89 -7.01 -22.92
CA ALA D 171 15.53 -8.11 -21.98
C ALA D 171 16.30 -9.40 -22.31
N ALA D 172 16.05 -9.95 -23.50
CA ALA D 172 16.72 -11.17 -24.04
C ALA D 172 18.25 -11.02 -24.04
N ARG D 173 18.78 -9.81 -24.29
CA ARG D 173 20.25 -9.52 -24.31
C ARG D 173 20.79 -9.69 -22.89
N ALA D 174 20.00 -9.29 -21.89
CA ALA D 174 20.26 -9.54 -20.46
C ALA D 174 20.05 -11.04 -20.17
N GLN D 175 19.02 -11.65 -20.76
CA GLN D 175 18.69 -13.09 -20.61
C GLN D 175 19.79 -13.99 -21.20
N VAL D 176 20.81 -13.40 -21.84
CA VAL D 176 22.01 -14.10 -22.42
C VAL D 176 23.17 -14.00 -21.42
N CYS D 177 23.42 -12.79 -20.91
CA CYS D 177 24.64 -12.40 -20.12
C CYS D 177 24.54 -12.90 -18.67
N GLN D 178 23.33 -13.21 -18.18
CA GLN D 178 23.07 -13.82 -16.84
C GLN D 178 22.90 -15.34 -16.98
N GLN D 179 22.22 -15.79 -18.06
CA GLN D 179 22.07 -17.23 -18.41
C GLN D 179 23.43 -17.81 -18.83
N ALA D 180 24.37 -16.95 -19.25
CA ALA D 180 25.79 -17.25 -19.51
C ALA D 180 26.57 -17.28 -18.19
N GLU D 181 26.41 -16.24 -17.37
CA GLU D 181 27.15 -16.04 -16.09
C GLU D 181 26.83 -17.19 -15.12
N HIS D 182 25.55 -17.46 -14.87
CA HIS D 182 25.08 -18.64 -14.10
C HIS D 182 25.85 -19.88 -14.57
N SER D 183 25.59 -20.37 -15.80
CA SER D 183 26.14 -21.62 -16.38
C SER D 183 27.64 -21.51 -16.73
N PHE D 184 28.27 -20.37 -16.40
CA PHE D 184 29.75 -20.16 -16.35
C PHE D 184 30.07 -19.34 -15.08
N ILE D 191 21.31 -10.21 -12.33
CA ILE D 191 19.88 -10.03 -12.71
C ILE D 191 19.72 -8.67 -13.43
N MET D 192 19.61 -7.60 -12.63
CA MET D 192 19.47 -6.17 -13.05
C MET D 192 20.84 -5.53 -13.30
N ASP D 193 21.91 -6.35 -13.40
CA ASP D 193 23.32 -5.90 -13.40
C ASP D 193 23.80 -5.72 -14.85
N GLN D 194 23.12 -6.40 -15.79
CA GLN D 194 23.35 -6.31 -17.25
C GLN D 194 22.56 -5.08 -17.73
N PHE D 195 21.23 -5.11 -17.60
CA PHE D 195 20.30 -3.99 -17.93
C PHE D 195 21.00 -2.66 -17.65
N ILE D 196 21.57 -2.45 -16.47
CA ILE D 196 22.18 -1.13 -16.12
C ILE D 196 23.41 -0.85 -17.00
N SER D 197 24.29 -1.84 -17.20
CA SER D 197 25.48 -1.70 -18.07
C SER D 197 25.02 -1.34 -19.48
N LEU D 198 24.00 -2.05 -19.99
CA LEU D 198 23.29 -1.74 -21.25
C LEU D 198 22.70 -0.32 -21.25
N MET D 199 21.90 0.07 -20.24
CA MET D 199 20.89 1.19 -20.38
C MET D 199 21.31 2.48 -19.61
N GLY D 200 22.51 2.42 -18.95
CA GLY D 200 23.08 3.63 -18.34
C GLY D 200 23.07 4.79 -19.31
N GLN D 201 22.85 6.02 -18.85
CA GLN D 201 23.00 7.24 -19.68
C GLN D 201 23.63 8.30 -18.78
N LYS D 202 24.56 9.09 -19.33
CA LYS D 202 25.31 10.15 -18.58
C LYS D 202 24.32 11.12 -17.90
N GLY D 203 24.63 11.52 -16.67
CA GLY D 203 23.78 12.32 -15.75
C GLY D 203 22.36 11.78 -15.54
N HIS D 204 22.19 10.46 -15.48
CA HIS D 204 20.91 9.77 -15.22
C HIS D 204 21.10 8.60 -14.27
N ALA D 205 20.17 8.41 -13.36
CA ALA D 205 19.97 7.16 -12.61
C ALA D 205 18.82 6.41 -13.32
N LEU D 206 18.87 5.06 -13.20
CA LEU D 206 17.84 4.18 -13.79
C LEU D 206 16.95 3.63 -12.66
N LEU D 207 15.67 3.97 -12.65
CA LEU D 207 14.68 3.34 -11.75
C LEU D 207 14.19 2.07 -12.43
N ILE D 208 14.45 0.90 -11.83
CA ILE D 208 13.90 -0.40 -12.31
C ILE D 208 12.89 -0.89 -11.27
N ASP D 209 11.65 -1.02 -11.73
CA ASP D 209 10.53 -1.71 -11.04
C ASP D 209 10.57 -3.19 -11.46
N CYS D 210 10.92 -4.10 -10.56
CA CYS D 210 11.14 -5.52 -10.88
C CYS D 210 9.84 -6.32 -10.80
N ARG D 211 8.68 -5.68 -10.59
CA ARG D 211 7.33 -6.32 -10.69
C ARG D 211 6.85 -6.18 -12.14
N SER D 212 6.19 -5.07 -12.47
CA SER D 212 6.18 -4.51 -13.85
C SER D 212 7.64 -4.31 -14.15
N LEU D 213 8.11 -4.54 -15.38
CA LEU D 213 9.55 -4.43 -15.70
C LEU D 213 9.83 -3.03 -16.27
N GLU D 214 8.99 -2.04 -15.90
CA GLU D 214 9.14 -0.62 -16.32
C GLU D 214 10.48 -0.10 -15.82
N THR D 215 11.19 0.66 -16.65
CA THR D 215 12.41 1.40 -16.28
C THR D 215 12.23 2.86 -16.65
N SER D 216 12.90 3.76 -15.94
CA SER D 216 12.92 5.19 -16.27
C SER D 216 14.33 5.71 -16.16
N LEU D 217 14.66 6.67 -17.00
CA LEU D 217 15.91 7.43 -16.84
C LEU D 217 15.54 8.75 -16.17
N VAL D 218 16.06 8.94 -14.97
CA VAL D 218 15.83 10.13 -14.10
C VAL D 218 17.06 11.02 -14.21
N PRO D 219 16.91 12.22 -14.83
CA PRO D 219 18.02 13.17 -14.85
C PRO D 219 18.47 13.49 -13.41
N LEU D 220 19.79 13.47 -13.21
CA LEU D 220 20.48 14.04 -12.02
C LEU D 220 20.81 15.49 -12.33
N SER D 221 19.91 16.42 -12.04
CA SER D 221 20.00 17.85 -12.45
C SER D 221 21.41 18.41 -12.18
N ASP D 222 21.79 18.48 -10.90
CA ASP D 222 22.84 19.36 -10.31
C ASP D 222 24.22 18.81 -10.68
N PRO D 223 25.09 19.59 -11.34
CA PRO D 223 26.45 19.13 -11.67
C PRO D 223 27.51 19.26 -10.55
N LYS D 224 27.33 20.19 -9.60
CA LYS D 224 28.20 20.35 -8.39
C LYS D 224 28.20 19.07 -7.52
N LEU D 225 27.15 18.23 -7.60
CA LEU D 225 27.00 16.98 -6.82
C LEU D 225 27.77 15.82 -7.46
N ALA D 226 28.19 14.84 -6.64
CA ALA D 226 28.86 13.61 -7.11
C ALA D 226 28.75 12.47 -6.09
N VAL D 227 29.24 11.30 -6.51
CA VAL D 227 29.30 10.04 -5.72
C VAL D 227 30.76 9.64 -5.51
N LEU D 228 31.18 9.68 -4.25
CA LEU D 228 32.41 9.05 -3.69
C LEU D 228 32.12 7.57 -3.47
N ILE D 229 32.85 6.69 -4.15
CA ILE D 229 32.83 5.24 -3.89
C ILE D 229 34.05 4.92 -3.04
N THR D 230 33.88 4.24 -1.91
CA THR D 230 34.95 3.88 -0.95
C THR D 230 34.95 2.37 -0.80
N ASN D 231 36.04 1.71 -1.20
CA ASN D 231 36.23 0.25 -1.05
C ASN D 231 37.00 -0.02 0.24
N SER D 232 36.37 -0.75 1.19
CA SER D 232 36.92 -1.28 2.45
C SER D 232 38.08 -2.25 2.20
N ASN D 233 38.07 -2.94 1.07
CA ASN D 233 39.12 -3.92 0.68
C ASN D 233 39.20 -5.02 1.72
N VAL D 234 38.06 -5.29 2.38
CA VAL D 234 37.82 -6.53 3.15
C VAL D 234 36.62 -7.23 2.50
N ARG D 235 36.59 -8.56 2.53
CA ARG D 235 35.38 -9.37 2.28
C ARG D 235 35.34 -10.53 3.27
N HIS D 236 34.33 -10.57 4.14
CA HIS D 236 34.32 -11.39 5.40
C HIS D 236 33.50 -12.67 5.26
N SER D 237 32.68 -12.81 4.18
CA SER D 237 31.71 -13.93 4.03
C SER D 237 31.40 -14.20 2.56
N LEU D 238 31.31 -15.49 2.20
CA LEU D 238 30.61 -16.04 1.01
C LEU D 238 29.19 -15.46 0.90
N ALA D 239 28.80 -14.96 -0.29
CA ALA D 239 27.39 -14.71 -0.67
C ALA D 239 26.56 -16.01 -0.59
N SER D 240 27.21 -17.18 -0.70
CA SER D 240 26.62 -18.54 -0.59
C SER D 240 26.14 -18.77 0.85
N SER D 241 26.87 -18.23 1.82
CA SER D 241 26.58 -18.36 3.27
C SER D 241 25.41 -17.45 3.68
N GLU D 242 25.10 -16.40 2.91
CA GLU D 242 24.31 -15.22 3.41
C GLU D 242 22.97 -15.04 2.69
N TYR D 243 22.96 -14.88 1.37
CA TYR D 243 21.77 -14.40 0.61
C TYR D 243 20.73 -15.49 0.34
N PRO D 244 21.10 -16.76 0.04
CA PRO D 244 20.13 -17.84 -0.05
C PRO D 244 19.18 -18.01 1.14
N VAL D 245 19.70 -17.84 2.35
CA VAL D 245 18.89 -18.00 3.59
C VAL D 245 17.91 -16.82 3.67
N ARG D 246 18.41 -15.60 3.54
CA ARG D 246 17.58 -14.37 3.56
C ARG D 246 16.49 -14.40 2.47
N ARG D 247 16.75 -15.03 1.32
CA ARG D 247 15.73 -15.11 0.23
C ARG D 247 14.59 -16.01 0.74
N ARG D 248 14.92 -17.14 1.37
CA ARG D 248 13.93 -18.09 1.94
C ARG D 248 13.10 -17.34 3.00
N GLN D 249 13.75 -16.85 4.07
CA GLN D 249 13.08 -16.11 5.17
C GLN D 249 12.09 -15.08 4.58
N CYS D 250 12.45 -14.41 3.49
CA CYS D 250 11.64 -13.33 2.87
C CYS D 250 10.41 -13.89 2.16
N GLU D 251 10.59 -14.91 1.32
CA GLU D 251 9.48 -15.58 0.57
C GLU D 251 8.52 -16.28 1.55
N GLU D 252 9.00 -16.61 2.75
CA GLU D 252 8.21 -17.33 3.78
C GLU D 252 7.49 -16.29 4.64
N VAL D 253 8.02 -15.06 4.75
CA VAL D 253 7.30 -14.00 5.51
C VAL D 253 6.12 -13.56 4.63
N ALA D 254 6.34 -13.35 3.34
CA ALA D 254 5.24 -13.27 2.34
C ALA D 254 4.18 -14.33 2.67
N ARG D 255 4.58 -15.62 2.76
CA ARG D 255 3.70 -16.80 3.00
C ARG D 255 2.72 -16.51 4.14
N ALA D 256 3.26 -16.11 5.29
CA ALA D 256 2.58 -15.78 6.55
C ALA D 256 1.51 -14.67 6.39
N LEU D 257 1.62 -13.82 5.35
CA LEU D 257 0.87 -12.53 5.16
C LEU D 257 -0.03 -12.59 3.89
N GLY D 258 -0.14 -13.77 3.25
CA GLY D 258 -0.90 -13.96 2.00
C GLY D 258 -0.19 -13.45 0.74
N ALA D 259 0.78 -12.54 0.86
CA ALA D 259 1.33 -11.83 -0.31
C ALA D 259 2.10 -12.81 -1.20
N ALA D 260 1.99 -12.63 -2.52
CA ALA D 260 2.90 -13.26 -3.51
C ALA D 260 4.35 -12.97 -3.06
N SER D 261 4.77 -11.71 -3.22
CA SER D 261 6.12 -11.22 -2.82
C SER D 261 5.99 -10.02 -1.89
N LEU D 262 7.12 -9.54 -1.38
CA LEU D 262 7.19 -8.44 -0.38
C LEU D 262 6.77 -7.10 -0.99
N ARG D 263 6.62 -7.05 -2.32
CA ARG D 263 6.16 -5.81 -3.00
C ARG D 263 4.65 -5.64 -2.71
N GLU D 264 3.97 -6.74 -2.42
CA GLU D 264 2.51 -6.78 -2.15
C GLU D 264 2.25 -6.67 -0.63
N VAL D 265 3.26 -6.33 0.18
CA VAL D 265 3.17 -6.19 1.68
C VAL D 265 3.44 -4.74 2.09
N GLN D 266 2.46 -4.09 2.75
CA GLN D 266 2.55 -2.71 3.31
C GLN D 266 3.38 -2.82 4.62
N LEU D 267 4.10 -1.71 5.01
CA LEU D 267 5.09 -1.76 6.13
C LEU D 267 4.33 -1.90 7.48
N GLU D 268 3.18 -1.23 7.61
CA GLU D 268 2.42 -1.16 8.89
C GLU D 268 1.82 -2.55 9.13
N GLU D 269 1.15 -3.11 8.08
CA GLU D 269 0.66 -4.53 8.09
C GLU D 269 1.78 -5.44 8.60
N LEU D 270 3.01 -5.31 8.08
CA LEU D 270 4.12 -6.20 8.51
C LEU D 270 4.44 -5.97 10.00
N GLU D 271 4.47 -4.73 10.47
CA GLU D 271 4.89 -4.42 11.86
C GLU D 271 3.83 -4.95 12.84
N ALA D 272 2.59 -5.14 12.36
CA ALA D 272 1.42 -5.64 13.10
C ALA D 272 1.23 -7.15 12.87
N ALA D 273 2.27 -7.90 12.45
CA ALA D 273 2.15 -9.36 12.13
C ALA D 273 3.32 -10.19 12.72
N ARG D 274 4.01 -9.60 13.76
CA ARG D 274 5.22 -10.18 14.43
C ARG D 274 4.95 -11.66 14.76
N ASP D 275 3.89 -12.00 15.48
CA ASP D 275 3.35 -13.37 15.51
C ASP D 275 2.84 -13.68 14.10
N LEU D 276 3.09 -14.88 13.59
CA LEU D 276 2.81 -15.25 12.18
C LEU D 276 4.14 -15.62 11.49
N VAL D 277 5.24 -14.94 11.85
CA VAL D 277 6.57 -15.02 11.16
C VAL D 277 7.74 -15.06 12.19
N SER D 278 8.90 -15.51 11.62
CA SER D 278 10.15 -15.97 12.29
C SER D 278 10.60 -15.10 13.47
N LYS D 279 10.76 -13.78 13.28
CA LYS D 279 11.56 -12.88 14.16
C LYS D 279 12.75 -12.35 13.36
N GLU D 280 13.69 -13.26 13.00
CA GLU D 280 14.80 -12.96 12.08
C GLU D 280 14.18 -12.72 10.69
N GLY D 281 13.17 -13.54 10.36
CA GLY D 281 12.40 -13.38 9.11
C GLY D 281 11.87 -11.98 9.02
N PHE D 282 11.25 -11.54 10.12
CA PHE D 282 10.61 -10.21 10.34
C PHE D 282 11.63 -9.11 10.00
N ARG D 283 12.81 -9.19 10.63
CA ARG D 283 13.97 -8.32 10.35
C ARG D 283 14.22 -8.29 8.83
N ARG D 284 14.50 -9.45 8.20
CA ARG D 284 14.93 -9.48 6.77
C ARG D 284 13.83 -8.80 5.97
N ALA D 285 12.59 -9.25 6.22
CA ALA D 285 11.36 -8.80 5.52
C ALA D 285 11.19 -7.30 5.73
N ARG D 286 11.58 -6.79 6.90
CA ARG D 286 11.35 -5.36 7.25
C ARG D 286 12.31 -4.51 6.42
N HIS D 287 13.55 -4.96 6.25
CA HIS D 287 14.51 -4.26 5.37
C HIS D 287 13.83 -4.08 3.97
N VAL D 288 13.44 -5.23 3.38
CA VAL D 288 12.96 -5.33 1.97
C VAL D 288 11.78 -4.38 1.75
N VAL D 289 10.69 -4.55 2.51
CA VAL D 289 9.54 -3.60 2.61
C VAL D 289 10.16 -2.34 3.16
N GLY D 290 9.91 -1.17 2.65
CA GLY D 290 10.50 -0.05 3.40
C GLY D 290 11.82 0.38 2.80
N GLU D 291 12.68 -0.57 2.41
CA GLU D 291 13.60 -0.35 1.24
C GLU D 291 12.74 -0.08 0.01
N ILE D 292 11.75 -0.94 -0.33
CA ILE D 292 10.80 -0.69 -1.46
C ILE D 292 10.25 0.73 -1.32
N ARG D 293 9.94 1.19 -0.12
CA ARG D 293 9.28 2.51 0.08
C ARG D 293 10.36 3.60 0.01
N ARG D 294 11.50 3.35 0.65
CA ARG D 294 12.62 4.32 0.68
C ARG D 294 13.12 4.60 -0.75
N THR D 295 13.10 3.57 -1.61
CA THR D 295 13.56 3.65 -3.03
C THR D 295 12.60 4.54 -3.82
N ALA D 296 11.28 4.31 -3.68
CA ALA D 296 10.24 5.13 -4.34
C ALA D 296 10.38 6.59 -3.87
N GLN D 297 10.64 6.75 -2.54
CA GLN D 297 10.82 8.10 -1.94
C GLN D 297 12.08 8.77 -2.52
N ALA D 298 13.15 7.99 -2.75
CA ALA D 298 14.45 8.39 -3.36
C ALA D 298 14.21 8.92 -4.79
N ALA D 299 13.46 8.15 -5.58
CA ALA D 299 13.02 8.54 -6.94
C ALA D 299 12.28 9.89 -6.90
N ALA D 300 11.45 10.11 -5.88
CA ALA D 300 10.64 11.35 -5.75
C ALA D 300 11.57 12.52 -5.46
N ALA D 301 12.45 12.34 -4.48
CA ALA D 301 13.51 13.31 -4.10
C ALA D 301 14.33 13.66 -5.35
N LEU D 302 14.81 12.66 -6.08
CA LEU D 302 15.49 12.90 -7.38
C LEU D 302 14.66 13.92 -8.18
N ARG D 303 13.36 13.63 -8.43
CA ARG D 303 12.46 14.45 -9.29
C ARG D 303 12.33 15.90 -8.79
N ARG D 304 12.50 16.16 -7.49
CA ARG D 304 12.29 17.50 -6.86
C ARG D 304 13.63 18.22 -6.76
N GLY D 305 14.70 17.49 -7.09
CA GLY D 305 16.12 17.91 -6.95
C GLY D 305 16.52 18.02 -5.48
N ASP D 306 15.94 17.18 -4.62
CA ASP D 306 16.09 17.29 -3.15
C ASP D 306 17.17 16.32 -2.66
N TYR D 307 18.44 16.70 -2.86
CA TYR D 307 19.66 15.92 -2.52
C TYR D 307 19.69 15.56 -1.03
N ARG D 308 19.38 16.53 -0.17
CA ARG D 308 19.33 16.33 1.30
C ARG D 308 18.40 15.16 1.60
N ALA D 309 17.15 15.19 1.09
CA ALA D 309 16.18 14.09 1.25
C ALA D 309 16.77 12.78 0.70
N PHE D 310 17.32 12.76 -0.53
CA PHE D 310 17.89 11.52 -1.14
C PHE D 310 18.97 10.96 -0.21
N GLY D 311 19.80 11.85 0.34
CA GLY D 311 20.90 11.46 1.23
C GLY D 311 20.40 10.85 2.54
N ARG D 312 19.39 11.49 3.15
CA ARG D 312 18.76 11.00 4.42
C ARG D 312 18.18 9.60 4.15
N LEU D 313 17.66 9.37 2.93
CA LEU D 313 17.08 8.05 2.58
C LEU D 313 18.18 6.99 2.49
N MET D 314 19.37 7.41 1.98
CA MET D 314 20.55 6.54 1.82
C MET D 314 20.98 6.03 3.19
N VAL D 315 21.09 6.96 4.16
CA VAL D 315 21.49 6.66 5.56
C VAL D 315 20.46 5.69 6.16
N GLU D 316 19.16 5.99 6.06
CA GLU D 316 18.08 5.11 6.57
C GLU D 316 18.30 3.71 5.98
N SER D 317 18.69 3.60 4.72
CA SER D 317 18.92 2.30 4.02
C SER D 317 20.10 1.58 4.65
N HIS D 318 21.13 2.30 5.08
CA HIS D 318 22.32 1.68 5.70
C HIS D 318 21.98 1.09 7.08
N ARG D 319 21.26 1.86 7.91
CA ARG D 319 20.85 1.40 9.26
C ARG D 319 19.96 0.17 9.05
N SER D 320 19.17 0.19 7.96
CA SER D 320 18.23 -0.92 7.67
C SER D 320 19.03 -2.16 7.31
N LEU D 321 20.12 -2.01 6.54
CA LEU D 321 20.98 -3.15 6.15
C LEU D 321 21.86 -3.53 7.33
N ARG D 322 22.18 -2.59 8.23
CA ARG D 322 23.01 -2.87 9.44
C ARG D 322 22.21 -3.74 10.44
N ASP D 323 20.95 -3.39 10.72
CA ASP D 323 20.17 -3.94 11.87
C ASP D 323 19.17 -5.03 11.41
N ASP D 324 18.32 -4.71 10.43
CA ASP D 324 17.27 -5.66 9.95
C ASP D 324 17.91 -6.76 9.09
N TYR D 325 18.63 -6.42 8.01
CA TYR D 325 19.11 -7.46 7.05
C TYR D 325 20.41 -8.06 7.63
N GLU D 326 21.15 -7.22 8.36
CA GLU D 326 22.43 -7.56 9.04
C GLU D 326 23.42 -8.06 7.99
N VAL D 327 23.60 -7.31 6.91
CA VAL D 327 24.55 -7.68 5.83
C VAL D 327 25.72 -6.71 5.84
N SER D 328 25.70 -5.72 6.75
CA SER D 328 26.82 -4.76 6.96
C SER D 328 27.88 -5.43 7.82
N CYS D 329 28.98 -4.72 8.09
CA CYS D 329 30.09 -5.19 8.97
C CYS D 329 30.78 -3.96 9.57
N PRO D 330 31.65 -4.15 10.60
CA PRO D 330 32.24 -3.01 11.31
C PRO D 330 32.94 -2.01 10.35
N GLU D 331 33.72 -2.52 9.39
CA GLU D 331 34.48 -1.67 8.42
C GLU D 331 33.51 -0.72 7.70
N LEU D 332 32.46 -1.23 7.06
CA LEU D 332 31.47 -0.37 6.35
C LEU D 332 30.87 0.60 7.35
N ASP D 333 30.53 0.13 8.55
CA ASP D 333 29.86 0.96 9.58
C ASP D 333 30.81 2.11 9.95
N GLN D 334 32.12 1.87 10.01
CA GLN D 334 33.14 2.93 10.28
C GLN D 334 33.21 3.93 9.11
N LEU D 335 33.07 3.47 7.86
CA LEU D 335 33.21 4.32 6.64
C LEU D 335 31.97 5.22 6.47
N VAL D 336 30.77 4.66 6.62
CA VAL D 336 29.51 5.48 6.61
C VAL D 336 29.63 6.58 7.67
N GLU D 337 30.06 6.22 8.88
CA GLU D 337 30.16 7.14 10.05
C GLU D 337 31.14 8.27 9.75
N ALA D 338 32.27 7.95 9.10
CA ALA D 338 33.35 8.90 8.76
C ALA D 338 32.89 9.75 7.57
N ALA D 339 32.23 9.14 6.59
CA ALA D 339 31.61 9.83 5.44
C ALA D 339 30.65 10.93 5.95
N LEU D 340 29.76 10.59 6.90
CA LEU D 340 28.65 11.46 7.36
C LEU D 340 29.17 12.57 8.28
N ALA D 341 30.47 12.56 8.61
CA ALA D 341 31.10 13.56 9.50
C ALA D 341 31.56 14.77 8.69
N VAL D 342 31.71 14.59 7.37
CA VAL D 342 32.34 15.58 6.44
C VAL D 342 31.27 16.55 5.93
N PRO D 343 31.26 17.82 6.41
CA PRO D 343 30.23 18.76 5.98
C PRO D 343 30.33 18.93 4.45
N GLY D 344 29.20 18.75 3.75
CA GLY D 344 29.14 18.63 2.29
C GLY D 344 28.81 17.22 1.86
N VAL D 345 28.89 16.26 2.78
CA VAL D 345 28.36 14.88 2.56
C VAL D 345 26.90 14.88 2.99
N TYR D 346 26.05 14.28 2.16
CA TYR D 346 24.57 14.35 2.19
C TYR D 346 23.99 13.05 2.72
N GLY D 347 24.69 11.94 2.45
CA GLY D 347 24.26 10.56 2.71
C GLY D 347 25.41 9.61 2.42
N SER D 348 25.36 8.42 3.02
CA SER D 348 26.33 7.33 2.75
C SER D 348 25.67 6.01 3.15
N ARG D 349 26.06 4.91 2.50
CA ARG D 349 25.59 3.54 2.85
C ARG D 349 26.50 2.53 2.15
N MET D 350 26.66 1.36 2.77
CA MET D 350 27.21 0.18 2.07
C MET D 350 26.41 0.00 0.77
N THR D 351 26.91 -0.79 -0.17
CA THR D 351 26.25 -1.06 -1.47
C THR D 351 26.74 -2.41 -1.98
N GLY D 352 25.86 -3.17 -2.63
CA GLY D 352 26.12 -4.57 -3.00
C GLY D 352 25.93 -5.48 -1.79
N GLY D 353 26.89 -6.39 -1.60
CA GLY D 353 26.72 -7.64 -0.84
C GLY D 353 26.83 -7.41 0.66
N GLY D 354 27.65 -6.45 1.10
CA GLY D 354 28.00 -6.28 2.52
C GLY D 354 28.99 -7.35 2.94
N PHE D 355 29.20 -7.52 4.26
CA PHE D 355 30.35 -8.28 4.80
C PHE D 355 31.63 -7.73 4.17
N GLY D 356 31.52 -6.52 3.61
CA GLY D 356 32.64 -5.72 3.05
C GLY D 356 32.26 -5.05 1.74
N GLY D 357 33.24 -4.94 0.82
CA GLY D 357 33.10 -4.17 -0.43
C GLY D 357 33.09 -2.67 -0.14
N CYS D 358 32.18 -1.96 -0.79
CA CYS D 358 32.24 -0.47 -0.85
C CYS D 358 31.03 0.18 -0.18
N THR D 359 31.23 1.44 0.20
CA THR D 359 30.16 2.39 0.56
C THR D 359 30.02 3.42 -0.57
N VAL D 360 28.77 3.79 -0.86
CA VAL D 360 28.41 4.86 -1.83
C VAL D 360 28.03 6.10 -1.02
N THR D 361 28.69 7.23 -1.29
CA THR D 361 28.51 8.51 -0.54
C THR D 361 28.11 9.61 -1.52
N LEU D 362 26.89 10.14 -1.40
CA LEU D 362 26.43 11.33 -2.14
C LEU D 362 26.97 12.59 -1.46
N LEU D 363 27.79 13.38 -2.15
CA LEU D 363 28.41 14.64 -1.62
C LEU D 363 28.58 15.73 -2.70
N GLU D 364 28.64 16.98 -2.26
CA GLU D 364 29.26 18.12 -2.97
C GLU D 364 30.62 17.65 -3.47
N ALA D 365 30.83 17.59 -4.79
CA ALA D 365 32.12 17.30 -5.45
C ALA D 365 33.20 18.19 -4.82
N SER D 366 32.76 19.36 -4.35
CA SER D 366 33.56 20.38 -3.61
C SER D 366 34.17 19.80 -2.32
N ALA D 367 33.46 18.94 -1.60
CA ALA D 367 33.90 18.48 -0.25
C ALA D 367 34.60 17.11 -0.33
N ALA D 368 34.87 16.61 -1.55
CA ALA D 368 35.37 15.23 -1.78
C ALA D 368 36.80 15.07 -1.26
N PRO D 369 37.73 16.02 -1.52
CA PRO D 369 39.06 15.94 -0.90
C PRO D 369 38.97 15.81 0.62
N HIS D 370 38.18 16.65 1.29
CA HIS D 370 37.94 16.58 2.75
C HIS D 370 37.45 15.17 3.11
N ALA D 371 36.42 14.69 2.40
CA ALA D 371 35.80 13.36 2.61
C ALA D 371 36.88 12.28 2.60
N MET D 372 37.61 12.17 1.49
CA MET D 372 38.64 11.13 1.23
C MET D 372 39.67 11.14 2.36
N ARG D 373 40.25 12.30 2.68
CA ARG D 373 41.29 12.40 3.73
C ARG D 373 40.69 11.96 5.07
N HIS D 374 39.49 12.43 5.41
CA HIS D 374 38.87 12.28 6.75
C HIS D 374 38.39 10.85 6.98
N ILE D 375 37.76 10.23 5.98
CA ILE D 375 37.34 8.79 6.03
C ILE D 375 38.60 7.96 6.26
N GLN D 376 39.64 8.17 5.44
CA GLN D 376 40.93 7.41 5.46
C GLN D 376 41.60 7.55 6.84
N GLU D 377 41.56 8.76 7.40
CA GLU D 377 42.22 9.13 8.68
C GLU D 377 41.49 8.45 9.86
N HIS D 378 40.22 8.09 9.66
CA HIS D 378 39.34 7.49 10.71
C HIS D 378 38.95 6.06 10.33
N TYR D 379 39.57 5.49 9.31
CA TYR D 379 39.39 4.08 8.90
C TYR D 379 40.55 3.24 9.44
N GLY D 380 40.27 2.40 10.44
CA GLY D 380 41.15 1.31 10.89
C GLY D 380 41.34 0.31 9.77
N GLY D 381 42.17 0.67 8.77
CA GLY D 381 42.37 -0.11 7.53
C GLY D 381 42.78 0.80 6.39
N THR D 382 42.75 0.27 5.16
CA THR D 382 43.26 0.91 3.92
C THR D 382 42.11 1.09 2.94
N ALA D 383 41.53 2.29 2.88
CA ALA D 383 40.41 2.59 1.95
C ALA D 383 40.98 2.91 0.57
N THR D 384 40.29 2.43 -0.46
CA THR D 384 40.45 2.80 -1.89
C THR D 384 39.29 3.74 -2.23
N PHE D 385 39.50 4.75 -3.08
CA PHE D 385 38.47 5.75 -3.43
C PHE D 385 38.28 5.86 -4.94
N TYR D 386 37.05 6.20 -5.34
CA TYR D 386 36.65 6.60 -6.72
C TYR D 386 35.65 7.73 -6.59
N LEU D 387 35.80 8.77 -7.42
CA LEU D 387 34.80 9.86 -7.57
C LEU D 387 34.21 9.75 -8.96
N SER D 388 32.88 9.78 -9.05
CA SER D 388 32.11 9.51 -10.31
C SER D 388 30.77 10.22 -10.26
N GLN D 389 30.35 10.73 -11.42
CA GLN D 389 28.96 11.10 -11.73
C GLN D 389 28.41 9.90 -12.56
N ALA D 390 27.16 10.12 -13.11
CA ALA D 390 26.46 9.07 -13.88
C ALA D 390 27.15 8.89 -15.24
N ALA D 391 27.40 7.65 -15.64
CA ALA D 391 28.14 7.31 -16.86
C ALA D 391 27.17 6.71 -17.87
N ASP D 392 27.55 6.69 -19.16
CA ASP D 392 26.83 6.03 -20.27
C ASP D 392 26.93 4.47 -20.11
N GLY D 393 26.00 3.79 -20.80
CA GLY D 393 25.99 2.32 -20.94
C GLY D 393 26.93 1.85 -22.04
N ALA D 394 26.71 0.63 -22.51
CA ALA D 394 27.43 0.00 -23.64
C ALA D 394 27.44 0.96 -24.83
N LYS D 395 28.61 1.30 -25.36
CA LYS D 395 28.69 2.14 -26.57
C LYS D 395 29.85 1.67 -27.44
N VAL D 396 29.84 2.12 -28.69
CA VAL D 396 30.73 1.66 -29.80
C VAL D 396 31.46 2.86 -30.43
N LEU D 397 32.80 2.79 -30.43
CA LEU D 397 33.67 3.70 -31.22
C LEU D 397 34.26 2.90 -32.36
N CYS D 398 33.93 3.28 -33.59
CA CYS D 398 34.57 2.58 -34.73
C CYS D 398 35.88 3.26 -35.13
N LEU D 399 36.87 2.38 -35.17
CA LEU D 399 38.31 2.67 -35.27
C LEU D 399 38.73 2.55 -36.74
C1 GAL E . -10.51 -23.73 29.15
C2 GAL E . -10.00 -22.83 30.27
C3 GAL E . -9.31 -21.65 29.52
C4 GAL E . -8.21 -22.18 28.61
C5 GAL E . -8.68 -23.35 27.77
C6 GAL E . -7.58 -24.04 27.00
O1 GAL E . -11.44 -24.72 29.50
O2 GAL E . -11.08 -22.40 31.09
O3 GAL E . -8.76 -20.72 30.47
O4 GAL E . -7.13 -22.63 29.45
O5 GAL E . -9.30 -24.30 28.65
O6 GAL E . -7.48 -23.48 25.68
C10 HFK F . -22.60 -29.66 38.32
C13 HFK F . -20.18 -28.12 39.18
C15 HFK F . -20.44 -26.73 36.35
C20 HFK F . -23.99 -24.39 36.59
C21 HFK F . -23.89 -23.39 35.70
C24 HFK F . -26.22 -22.82 36.32
C26 HFK F . -25.16 -24.69 37.38
C02 HFK F . -17.92 -30.09 37.55
C03 HFK F . -16.60 -30.28 36.80
C04 HFK F . -16.13 -28.94 36.21
C05 HFK F . -17.11 -28.30 35.23
C06 HFK F . -18.52 -28.14 35.85
C07 HFK F . -18.86 -29.02 37.04
C08 HFK F . -20.16 -28.87 37.81
C09 HFK F . -21.21 -30.01 37.78
C11 HFK F . -22.54 -29.02 39.70
C12 HFK F . -21.57 -27.85 39.78
C18 HFK F . -21.74 -24.52 35.67
C23 HFK F . -25.05 -22.55 35.54
C25 HFK F . -26.28 -23.88 37.24
N14 HFK F . -20.82 -27.62 37.43
N16 HFK F . -19.29 -26.96 35.55
N17 HFK F . -21.40 -25.68 36.40
N19 HFK F . -22.76 -24.95 36.49
O01 HFK F . -18.23 -30.75 38.54
O22 HFK F . -22.58 -23.51 35.17
C10 WNP G . -13.47 -17.69 6.35
C02 WNP G . -17.42 -19.04 10.86
C05 WNP G . -16.02 -19.16 10.22
C08 WNP G . -14.73 -18.51 8.23
C09 WNP G . -14.68 -17.82 7.03
C11 WNP G . -12.31 -18.22 6.87
C12 WNP G . -12.38 -18.90 8.07
C14 WNP G . -13.56 -19.05 8.76
F01 WNP G . -17.34 -18.77 12.16
F03 WNP G . -18.13 -18.07 10.29
F04 WNP G . -18.13 -20.15 10.76
N07 WNP G . -15.92 -18.69 8.97
O06 WNP G . -15.13 -19.65 10.90
CL1 WNP G . -10.93 -19.60 8.75
C1 GAL H . -17.25 13.68 11.88
C2 GAL H . -18.04 12.60 11.13
C3 GAL H . -17.15 11.34 11.12
C4 GAL H . -15.85 11.71 10.35
C5 GAL H . -15.25 12.98 10.96
C6 GAL H . -13.90 13.36 10.35
O1 GAL H . -18.09 14.77 12.23
O2 GAL H . -19.35 12.46 11.66
O3 GAL H . -17.81 10.20 10.54
O4 GAL H . -16.12 11.89 8.96
O5 GAL H . -16.22 14.06 10.95
O6 GAL H . -13.02 12.29 10.83
C10 HFK I . -29.30 22.32 18.81
C13 HFK I . -29.75 19.95 17.19
C15 HFK I . -27.05 18.59 18.14
C20 HFK I . -28.65 16.58 22.16
C21 HFK I . -29.29 17.77 21.86
C24 HFK I . -30.71 17.51 23.86
C26 HFK I . -29.04 15.83 23.33
C02 HFK I . -27.68 21.26 14.71
C03 HFK I . -26.46 21.69 13.87
C04 HFK I . -25.26 20.73 13.92
C05 HFK I . -24.94 20.14 15.30
C06 HFK I . -26.19 19.62 16.06
C07 HFK I . -27.49 20.33 15.91
C08 HFK I . -28.33 20.58 17.18
C09 HFK I . -28.13 21.91 17.93
C11 HFK I . -30.60 22.23 18.02
C12 HFK I . -30.90 20.76 17.77
C18 HFK I . -27.74 17.40 20.27
C23 HFK I . -30.33 18.24 22.73
C25 HFK I . -30.05 16.31 24.15
N14 HFK I . -28.17 19.53 18.19
N16 HFK I . -26.09 18.65 17.09
N17 HFK I . -26.89 17.56 19.14
N19 HFK I . -27.68 16.38 21.17
O01 HFK I . -28.80 21.67 14.44
O22 HFK I . -28.69 18.28 20.68
C10 WNP J . -4.19 9.01 23.46
C02 WNP J . 0.89 6.11 24.86
C05 WNP J . -0.49 6.54 25.36
C08 WNP J . -2.44 7.75 24.49
C09 WNP J . -3.02 8.30 23.35
C11 WNP J . -4.80 9.18 24.68
C12 WNP J . -4.20 8.64 25.80
C14 WNP J . -3.03 7.92 25.74
F01 WNP J . 0.95 4.82 24.59
F03 WNP J . 1.14 6.75 23.73
F04 WNP J . 1.86 6.43 25.71
N07 WNP J . -1.23 7.04 24.37
O06 WNP J . -0.76 6.41 26.52
CL1 WNP J . -4.95 8.87 27.35
C1 GAL K . 5.35 17.26 -34.52
C2 GAL K . 6.56 18.08 -34.10
C3 GAL K . 6.76 17.71 -32.60
C4 GAL K . 5.42 17.98 -31.85
C5 GAL K . 4.23 17.40 -32.59
C6 GAL K . 2.89 17.66 -31.97
O1 GAL K . 5.06 16.98 -35.86
O2 GAL K . 7.70 17.76 -34.86
O3 GAL K . 7.95 18.42 -32.07
O4 GAL K . 5.12 19.41 -31.83
O5 GAL K . 4.24 17.97 -33.94
O6 GAL K . 2.41 16.39 -31.44
C10 HFK L . 11.66 16.22 -49.77
C13 HFK L . 12.50 17.74 -47.38
C15 HFK L . 11.53 16.07 -45.14
C20 HFK L . 14.72 12.60 -45.32
C21 HFK L . 14.81 13.41 -46.44
C24 HFK L . 16.47 11.87 -47.43
C26 HFK L . 15.50 11.40 -45.23
C02 HFK L . 9.48 19.22 -47.43
C03 HFK L . 8.47 20.07 -46.66
C04 HFK L . 7.72 19.34 -45.53
C05 HFK L . 8.55 18.50 -44.55
C06 HFK L . 9.74 17.79 -45.23
C07 HFK L . 10.00 17.99 -46.71
C08 HFK L . 11.05 17.13 -47.41
C09 HFK L . 10.63 16.33 -48.65
C11 HFK L . 12.56 17.46 -49.90
C12 HFK L . 13.36 17.71 -48.64
C18 HFK L . 13.34 14.32 -45.02
C23 HFK L . 15.70 13.04 -47.50
C25 HFK L . 16.37 11.08 -46.29
N14 HFK L . 11.78 16.20 -46.55
N16 HFK L . 10.53 16.86 -44.50
N17 HFK L . 12.34 15.14 -44.39
N19 HFK L . 13.82 13.18 -44.49
O01 HFK L . -47.75 -1.65 50.71
O22 HFK L . 13.93 14.50 -46.23
C10 WNP M . -0.39 1.00 -28.33
C02 WNP M . -2.37 -2.20 -23.66
C05 WNP M . -1.56 -2.20 -24.95
C08 WNP M . -1.14 -0.77 -26.90
C09 WNP M . -1.16 0.57 -27.26
C11 WNP M . 0.40 0.12 -29.03
C12 WNP M . 0.40 -1.20 -28.66
C14 WNP M . -0.35 -1.67 -27.61
F01 WNP M . -1.58 -2.30 -22.60
F03 WNP M . -3.09 -1.11 -23.52
F04 WNP M . -3.21 -3.24 -23.62
N07 WNP M . -1.91 -1.24 -25.82
O06 WNP M . -0.68 -3.02 -25.08
CL1 WNP M . 1.39 -2.33 -29.55
C10 WNP N . 22.42 10.30 -6.86
C02 WNP N . 19.52 15.47 -6.34
C05 WNP N . 20.48 14.61 -7.13
C08 WNP N . 21.96 12.65 -6.79
C09 WNP N . 21.61 11.35 -6.47
C11 WNP N . 23.59 10.53 -7.54
C12 WNP N . 23.93 11.84 -7.84
C14 WNP N . 23.14 12.91 -7.47
F01 WNP N . 19.50 15.09 -5.08
F03 WNP N . 19.83 16.75 -6.35
F04 WNP N . 18.28 15.36 -6.80
N07 WNP N . 21.13 13.71 -6.37
O06 WNP N . 20.56 14.78 -8.33
CL1 WNP N . 25.41 12.15 -8.69
#